data_1BVU
#
_entry.id   1BVU
#
_cell.length_a   141.900
_cell.length_b   197.500
_cell.length_c   125.700
_cell.angle_alpha   90.00
_cell.angle_beta   113.60
_cell.angle_gamma   90.00
#
_symmetry.space_group_name_H-M   'C 1 2 1'
#
_entity_poly.entity_id   1
_entity_poly.type   'polypeptide(L)'
_entity_poly.pdbx_seq_one_letter_code
;VEQDPFEIAVKQLERAAQYMDISEEALEFLKRPQRIVEVSIPVEMDDGSVKVFTGFRVQYNWARGPTKGGIRWHPEETLS
TVKALAAWMTWKTAVMDLPYGGGKGGVICNPKEMSDREKERLARGYVRAIYDVISPYTDIPAPDVYTNPQIMAWMMDEYE
TISRRKDPSFGVITGKPPSVGGIVARMDATARGASYTVREAAKALGMDLKGKTIAIQGYGNAGYYMAKIMSEEYGMKVVA
VSDTKGGIYNPDGLNADEVLAWKKKTGSVKDFPGATNITNEELLELEVDVLAPSAIEEVITKKNADNIKAKIVAELANGP
TTPEADEILYEKGILIIPDFLCNAGGVTVSYFEWVQNITGDYWTVEETRAKLDKKMTKAFWDVYNTHKEKNINMRDAAYV
VAVSRVYQAMKDRGWIKK
;
_entity_poly.pdbx_strand_id   A,B,C,D,E,F
#
# COMPACT_ATOMS: atom_id res chain seq x y z
N GLN A 3 -24.87 -20.62 18.68
CA GLN A 3 -25.22 -21.58 19.71
C GLN A 3 -26.38 -21.03 20.50
N ASP A 4 -26.87 -21.82 21.45
CA ASP A 4 -27.96 -21.33 22.26
C ASP A 4 -28.02 -19.79 22.11
N PRO A 5 -27.17 -19.06 22.84
CA PRO A 5 -27.17 -17.60 22.80
C PRO A 5 -27.37 -17.01 21.40
N PHE A 6 -26.61 -17.53 20.44
CA PHE A 6 -26.73 -17.05 19.09
C PHE A 6 -28.14 -17.39 18.73
N GLU A 7 -28.42 -18.70 18.78
CA GLU A 7 -29.73 -19.26 18.53
C GLU A 7 -30.81 -18.35 19.11
N ILE A 8 -30.63 -17.99 20.38
CA ILE A 8 -31.59 -17.11 20.99
C ILE A 8 -31.70 -15.83 20.17
N ALA A 9 -30.54 -15.28 19.88
CA ALA A 9 -30.51 -13.99 19.24
C ALA A 9 -31.28 -14.10 17.95
N VAL A 10 -30.88 -15.05 17.13
CA VAL A 10 -31.52 -15.24 15.85
C VAL A 10 -33.04 -15.28 15.88
N LYS A 11 -33.60 -16.04 16.82
CA LYS A 11 -35.04 -16.18 16.86
C LYS A 11 -35.76 -14.95 17.38
N GLN A 12 -34.98 -13.98 17.83
CA GLN A 12 -35.51 -12.68 18.19
C GLN A 12 -35.64 -11.83 16.91
N LEU A 13 -34.76 -12.09 15.95
CA LEU A 13 -34.78 -11.42 14.65
C LEU A 13 -35.99 -11.94 13.85
N GLU A 14 -36.11 -13.25 13.79
CA GLU A 14 -37.23 -13.90 13.11
C GLU A 14 -38.61 -13.44 13.59
N ARG A 15 -38.74 -13.13 14.86
CA ARG A 15 -40.02 -12.71 15.41
C ARG A 15 -40.41 -11.29 15.03
N ALA A 16 -39.42 -10.41 14.98
CA ALA A 16 -39.66 -9.02 14.63
C ALA A 16 -39.92 -8.94 13.13
N ALA A 17 -39.26 -9.83 12.38
CA ALA A 17 -39.46 -9.90 10.93
C ALA A 17 -40.95 -9.86 10.62
N GLN A 18 -41.69 -10.70 11.33
CA GLN A 18 -43.15 -10.73 11.23
C GLN A 18 -43.77 -9.35 11.09
N TYR A 19 -43.20 -8.38 11.79
CA TYR A 19 -43.72 -7.01 11.83
C TYR A 19 -43.36 -6.07 10.72
N MET A 20 -42.57 -6.57 9.79
CA MET A 20 -42.16 -5.73 8.69
C MET A 20 -42.08 -6.51 7.40
N ASP A 21 -42.05 -5.75 6.31
CA ASP A 21 -41.93 -6.27 4.96
C ASP A 21 -40.46 -6.46 4.57
N ILE A 22 -39.96 -7.70 4.62
CA ILE A 22 -38.55 -7.98 4.36
C ILE A 22 -38.33 -9.31 3.67
N SER A 23 -37.54 -9.30 2.60
CA SER A 23 -37.26 -10.51 1.85
C SER A 23 -36.71 -11.65 2.71
N GLU A 24 -36.69 -12.83 2.12
CA GLU A 24 -36.16 -13.96 2.81
C GLU A 24 -34.70 -14.01 2.43
N GLU A 25 -34.36 -13.28 1.36
CA GLU A 25 -32.98 -13.11 0.91
C GLU A 25 -32.33 -12.30 2.04
N ALA A 26 -33.00 -11.24 2.45
CA ALA A 26 -32.50 -10.35 3.51
C ALA A 26 -32.28 -11.08 4.82
N LEU A 27 -33.34 -11.73 5.25
CA LEU A 27 -33.41 -12.50 6.49
C LEU A 27 -32.34 -13.58 6.64
N GLU A 28 -32.10 -14.31 5.57
CA GLU A 28 -31.13 -15.38 5.63
C GLU A 28 -29.80 -14.72 5.80
N PHE A 29 -29.66 -13.62 5.08
CA PHE A 29 -28.42 -12.88 5.07
C PHE A 29 -28.14 -12.38 6.46
N LEU A 30 -29.12 -11.68 7.04
CA LEU A 30 -28.98 -11.15 8.38
C LEU A 30 -28.92 -12.19 9.52
N LYS A 31 -28.94 -13.48 9.14
CA LYS A 31 -28.93 -14.62 10.07
C LYS A 31 -27.50 -15.18 10.27
N ARG A 32 -26.54 -14.60 9.56
CA ARG A 32 -25.14 -14.97 9.71
C ARG A 32 -24.22 -13.76 9.69
N PRO A 33 -23.16 -13.85 10.47
CA PRO A 33 -22.13 -12.80 10.51
C PRO A 33 -21.39 -12.82 9.17
N GLN A 34 -20.98 -11.66 8.66
CA GLN A 34 -20.22 -11.64 7.37
C GLN A 34 -18.83 -12.24 7.52
N ARG A 35 -18.22 -12.07 8.69
CA ARG A 35 -16.86 -12.54 8.85
C ARG A 35 -16.50 -12.77 10.28
N ILE A 36 -15.83 -13.89 10.48
CA ILE A 36 -15.36 -14.31 11.77
C ILE A 36 -13.90 -14.73 11.65
N VAL A 37 -13.07 -14.20 12.55
CA VAL A 37 -11.65 -14.53 12.61
C VAL A 37 -11.45 -15.12 13.99
N GLU A 38 -10.76 -16.25 14.03
CA GLU A 38 -10.45 -16.90 15.27
C GLU A 38 -8.99 -17.21 15.18
N VAL A 39 -8.32 -16.91 16.28
CA VAL A 39 -6.88 -17.04 16.29
C VAL A 39 -6.34 -17.54 17.62
N SER A 40 -5.12 -18.09 17.57
CA SER A 40 -4.40 -18.50 18.76
C SER A 40 -3.24 -17.50 18.98
N ILE A 41 -3.23 -16.84 20.13
CA ILE A 41 -2.23 -15.83 20.43
C ILE A 41 -1.28 -16.34 21.48
N PRO A 42 -0.03 -16.56 21.10
CA PRO A 42 1.00 -17.03 22.02
C PRO A 42 1.48 -15.90 22.87
N VAL A 43 1.46 -16.10 24.17
CA VAL A 43 1.91 -15.11 25.14
C VAL A 43 3.08 -15.61 26.02
N GLU A 44 4.04 -14.73 26.33
CA GLU A 44 5.18 -15.10 27.16
C GLU A 44 4.83 -14.88 28.61
N MET A 45 4.72 -15.97 29.35
CA MET A 45 4.36 -15.86 30.72
C MET A 45 5.45 -15.23 31.55
N ASP A 46 5.02 -14.59 32.63
CA ASP A 46 5.96 -13.96 33.52
C ASP A 46 6.91 -14.98 34.07
N ASP A 47 6.71 -16.24 33.70
CA ASP A 47 7.57 -17.30 34.15
C ASP A 47 8.38 -17.93 33.02
N GLY A 48 8.54 -17.19 31.93
CA GLY A 48 9.35 -17.64 30.79
C GLY A 48 8.70 -18.78 30.03
N SER A 49 7.48 -19.07 30.39
CA SER A 49 6.76 -20.06 29.64
C SER A 49 5.91 -19.29 28.61
N VAL A 50 5.70 -19.90 27.47
CA VAL A 50 4.86 -19.33 26.40
C VAL A 50 3.50 -20.05 26.46
N LYS A 51 2.42 -19.28 26.51
CA LYS A 51 1.08 -19.81 26.66
C LYS A 51 0.16 -19.38 25.49
N VAL A 52 -0.42 -20.34 24.78
CA VAL A 52 -1.29 -19.97 23.69
C VAL A 52 -2.72 -19.71 24.12
N PHE A 53 -3.23 -18.55 23.74
CA PHE A 53 -4.59 -18.16 24.12
C PHE A 53 -5.47 -18.20 22.91
N THR A 54 -6.77 -18.10 23.13
CA THR A 54 -7.72 -18.14 22.01
C THR A 54 -8.62 -16.94 21.96
N GLY A 55 -8.70 -16.33 20.77
CA GLY A 55 -9.58 -15.18 20.58
C GLY A 55 -10.26 -15.16 19.22
N PHE A 56 -11.30 -14.33 19.20
CA PHE A 56 -12.16 -14.10 18.05
C PHE A 56 -12.52 -12.63 17.90
N ARG A 57 -12.75 -12.29 16.64
CA ARG A 57 -13.33 -11.00 16.26
C ARG A 57 -14.29 -11.45 15.18
N VAL A 58 -15.49 -10.95 15.29
CA VAL A 58 -16.58 -11.37 14.44
C VAL A 58 -17.14 -10.08 13.89
N GLN A 59 -17.15 -9.96 12.57
CA GLN A 59 -17.68 -8.77 11.93
C GLN A 59 -18.94 -9.32 11.32
N TYR A 60 -20.07 -8.88 11.89
CA TYR A 60 -21.42 -9.37 11.59
C TYR A 60 -21.94 -8.84 10.28
N ASN A 61 -22.07 -7.52 10.23
CA ASN A 61 -22.62 -6.81 9.09
C ASN A 61 -22.03 -5.39 8.99
N TRP A 62 -21.53 -5.00 7.82
CA TRP A 62 -20.95 -3.67 7.67
C TRP A 62 -21.54 -2.87 6.53
N ALA A 63 -22.77 -3.21 6.21
CA ALA A 63 -23.54 -2.54 5.18
C ALA A 63 -23.65 -1.02 5.43
N ARG A 64 -23.95 -0.64 6.67
CA ARG A 64 -24.10 0.77 7.01
C ARG A 64 -22.85 1.57 7.40
N GLY A 65 -21.69 0.93 7.39
CA GLY A 65 -20.49 1.62 7.79
C GLY A 65 -19.64 0.61 8.52
N PRO A 66 -18.45 1.04 8.98
CA PRO A 66 -17.55 0.12 9.65
C PRO A 66 -18.16 -0.49 10.89
N THR A 67 -17.72 -1.69 11.22
CA THR A 67 -18.29 -2.34 12.36
C THR A 67 -17.65 -1.74 13.60
N LYS A 68 -18.47 -1.54 14.63
CA LYS A 68 -18.02 -1.06 15.91
C LYS A 68 -18.44 -2.01 17.05
N GLY A 69 -17.49 -2.42 17.89
CA GLY A 69 -17.84 -3.21 19.05
C GLY A 69 -16.66 -3.60 19.92
N GLY A 70 -17.00 -3.86 21.19
CA GLY A 70 -16.07 -4.14 22.29
C GLY A 70 -15.41 -5.50 22.37
N ILE A 71 -14.37 -5.53 23.20
CA ILE A 71 -13.58 -6.72 23.44
C ILE A 71 -13.76 -7.21 24.86
N ARG A 72 -14.12 -8.47 24.96
CA ARG A 72 -14.40 -9.09 26.24
C ARG A 72 -13.36 -10.10 26.61
N TRP A 73 -12.85 -10.00 27.84
CA TRP A 73 -11.84 -10.92 28.37
C TRP A 73 -12.50 -11.73 29.49
N HIS A 74 -12.71 -13.02 29.24
CA HIS A 74 -13.45 -13.89 30.16
C HIS A 74 -13.06 -15.35 30.03
N PRO A 75 -13.07 -16.05 31.15
CA PRO A 75 -12.70 -17.47 31.15
C PRO A 75 -13.81 -18.38 30.58
N GLU A 76 -15.05 -17.90 30.66
CA GLU A 76 -16.18 -18.64 30.13
C GLU A 76 -16.69 -18.09 28.80
N GLU A 77 -15.80 -17.49 28.02
CA GLU A 77 -16.25 -16.86 26.79
C GLU A 77 -16.40 -17.91 25.71
N THR A 78 -17.30 -17.62 24.77
CA THR A 78 -17.52 -18.49 23.62
C THR A 78 -17.92 -17.69 22.37
N LEU A 79 -17.50 -18.20 21.21
CA LEU A 79 -17.82 -17.59 19.92
C LEU A 79 -19.29 -17.30 19.73
N SER A 80 -20.10 -18.18 20.28
CA SER A 80 -21.52 -18.12 20.20
C SER A 80 -21.97 -16.88 20.89
N THR A 81 -21.33 -16.60 22.01
CA THR A 81 -21.69 -15.41 22.76
C THR A 81 -21.26 -14.20 21.97
N VAL A 82 -20.03 -14.27 21.49
CA VAL A 82 -19.49 -13.21 20.66
C VAL A 82 -20.34 -13.01 19.40
N LYS A 83 -20.74 -14.10 18.74
CA LYS A 83 -21.58 -14.00 17.54
C LYS A 83 -22.87 -13.32 17.90
N ALA A 84 -23.31 -13.60 19.10
CA ALA A 84 -24.59 -13.07 19.56
C ALA A 84 -24.52 -11.60 19.94
N LEU A 85 -23.44 -11.21 20.60
CA LEU A 85 -23.38 -9.82 21.01
C LEU A 85 -23.10 -8.92 19.80
N ALA A 86 -22.39 -9.49 18.82
CA ALA A 86 -22.04 -8.79 17.59
C ALA A 86 -23.31 -8.48 16.79
N ALA A 87 -24.29 -9.37 16.84
CA ALA A 87 -25.57 -9.12 16.19
C ALA A 87 -26.27 -7.97 16.92
N TRP A 88 -26.18 -8.04 18.24
CA TRP A 88 -26.76 -7.04 19.08
C TRP A 88 -26.17 -5.67 18.71
N MET A 89 -24.84 -5.58 18.67
CA MET A 89 -24.15 -4.33 18.34
C MET A 89 -24.71 -3.83 17.03
N THR A 90 -24.85 -4.72 16.07
CA THR A 90 -25.49 -4.36 14.81
C THR A 90 -26.89 -3.73 14.86
N TRP A 91 -27.76 -4.09 15.80
CA TRP A 91 -29.11 -3.46 15.82
C TRP A 91 -29.06 -2.17 16.67
N LYS A 92 -28.07 -2.09 17.53
CA LYS A 92 -27.88 -0.92 18.40
C LYS A 92 -27.48 0.34 17.65
N THR A 93 -26.46 0.20 16.80
CA THR A 93 -25.91 1.32 16.07
C THR A 93 -26.95 1.84 15.10
N ALA A 94 -27.68 0.92 14.46
CA ALA A 94 -28.69 1.28 13.45
C ALA A 94 -29.87 2.07 13.97
N VAL A 95 -30.35 1.65 15.12
CA VAL A 95 -31.45 2.35 15.75
C VAL A 95 -30.90 3.70 16.09
N MET A 96 -29.65 3.68 16.54
CA MET A 96 -28.97 4.90 16.97
C MET A 96 -28.67 5.72 15.73
N ASP A 97 -28.58 5.05 14.60
CA ASP A 97 -28.35 5.75 13.34
C ASP A 97 -26.90 6.20 13.23
N LEU A 98 -25.99 5.32 13.57
CA LEU A 98 -24.58 5.65 13.50
C LEU A 98 -24.15 5.09 12.16
N PRO A 99 -23.11 5.69 11.56
CA PRO A 99 -22.58 5.20 10.30
C PRO A 99 -21.74 4.00 10.57
N TYR A 100 -22.26 3.06 11.37
CA TYR A 100 -21.48 1.89 11.72
C TYR A 100 -22.19 0.58 11.47
N GLY A 101 -21.40 -0.49 11.52
CA GLY A 101 -21.91 -1.85 11.45
C GLY A 101 -21.74 -2.43 12.85
N GLY A 102 -21.93 -3.74 13.03
CA GLY A 102 -21.84 -4.33 14.36
C GLY A 102 -20.72 -5.32 14.45
N GLY A 103 -19.99 -5.29 15.55
CA GLY A 103 -18.88 -6.26 15.66
C GLY A 103 -18.67 -6.52 17.14
N LYS A 104 -17.85 -7.52 17.42
CA LYS A 104 -17.52 -7.81 18.81
C LYS A 104 -16.32 -8.71 18.82
N GLY A 105 -15.67 -8.77 19.98
CA GLY A 105 -14.49 -9.62 20.08
C GLY A 105 -14.40 -10.18 21.49
N GLY A 106 -13.55 -11.17 21.63
CA GLY A 106 -13.38 -11.80 22.91
C GLY A 106 -12.12 -12.64 22.96
N VAL A 107 -11.63 -12.82 24.18
CA VAL A 107 -10.48 -13.69 24.36
C VAL A 107 -10.86 -14.58 25.51
N ILE A 108 -10.44 -15.85 25.43
CA ILE A 108 -10.72 -16.81 26.49
C ILE A 108 -9.51 -16.82 27.46
N CYS A 109 -9.65 -16.18 28.60
CA CYS A 109 -8.50 -16.07 29.50
C CYS A 109 -9.00 -15.58 30.84
N ASN A 110 -8.22 -15.82 31.90
CA ASN A 110 -8.60 -15.32 33.22
C ASN A 110 -7.78 -14.12 33.58
N PRO A 111 -8.36 -12.94 33.38
CA PRO A 111 -7.71 -11.64 33.61
C PRO A 111 -7.20 -11.54 35.03
N LYS A 112 -8.06 -11.97 35.93
CA LYS A 112 -7.79 -11.93 37.33
C LYS A 112 -6.43 -12.52 37.79
N GLU A 113 -5.91 -13.55 37.11
CA GLU A 113 -4.61 -14.14 37.52
C GLU A 113 -3.49 -13.76 36.59
N MET A 114 -3.65 -12.60 35.97
CA MET A 114 -2.68 -12.12 35.03
C MET A 114 -2.07 -10.88 35.57
N SER A 115 -0.76 -10.80 35.39
CA SER A 115 -0.07 -9.57 35.71
C SER A 115 -0.27 -8.52 34.60
N ASP A 116 -0.13 -7.27 35.03
CA ASP A 116 -0.22 -6.12 34.14
C ASP A 116 0.62 -6.35 32.89
N ARG A 117 1.81 -6.92 33.07
CA ARG A 117 2.71 -7.19 31.96
C ARG A 117 2.21 -8.29 31.07
N GLU A 118 1.61 -9.30 31.70
CA GLU A 118 1.10 -10.43 30.95
C GLU A 118 -0.04 -9.94 30.09
N LYS A 119 -0.92 -9.15 30.68
CA LYS A 119 -2.02 -8.59 29.94
C LYS A 119 -1.60 -7.70 28.77
N GLU A 120 -0.52 -6.93 28.94
CA GLU A 120 -0.06 -6.00 27.88
C GLU A 120 0.41 -6.87 26.78
N ARG A 121 1.06 -7.96 27.15
CA ARG A 121 1.48 -8.88 26.11
C ARG A 121 0.30 -9.52 25.36
N LEU A 122 -0.84 -9.67 26.05
CA LEU A 122 -2.06 -10.24 25.47
C LEU A 122 -2.71 -9.21 24.57
N ALA A 123 -2.91 -8.02 25.10
CA ALA A 123 -3.49 -6.94 24.31
C ALA A 123 -2.72 -6.78 22.99
N ARG A 124 -1.39 -6.77 23.09
CA ARG A 124 -0.53 -6.61 21.91
C ARG A 124 -0.61 -7.75 20.92
N GLY A 125 -0.64 -8.98 21.45
CA GLY A 125 -0.71 -10.17 20.59
C GLY A 125 -2.03 -10.27 19.80
N TYR A 126 -3.13 -9.83 20.43
CA TYR A 126 -4.47 -9.79 19.85
C TYR A 126 -4.35 -9.03 18.54
N VAL A 127 -4.04 -7.76 18.68
CA VAL A 127 -3.76 -6.89 17.56
C VAL A 127 -2.77 -7.51 16.55
N ARG A 128 -1.63 -8.00 17.03
CA ARG A 128 -0.69 -8.59 16.09
C ARG A 128 -1.32 -9.73 15.31
N ALA A 129 -2.43 -10.23 15.84
CA ALA A 129 -3.13 -11.35 15.24
C ALA A 129 -4.31 -11.02 14.33
N ILE A 130 -5.17 -10.10 14.76
CA ILE A 130 -6.31 -9.73 13.94
C ILE A 130 -6.10 -8.42 13.16
N TYR A 131 -4.84 -7.99 13.10
CA TYR A 131 -4.46 -6.72 12.51
C TYR A 131 -5.06 -6.43 11.16
N ASP A 132 -4.89 -7.38 10.27
CA ASP A 132 -5.38 -7.26 8.91
C ASP A 132 -6.87 -6.88 8.76
N VAL A 133 -7.70 -7.11 9.78
CA VAL A 133 -9.12 -6.80 9.60
C VAL A 133 -9.59 -5.60 10.39
N ILE A 134 -8.66 -4.92 11.04
CA ILE A 134 -8.97 -3.69 11.78
C ILE A 134 -8.25 -2.43 11.20
N SER A 135 -8.95 -1.29 11.23
CA SER A 135 -8.47 0.03 10.74
C SER A 135 -9.49 1.07 11.24
N PRO A 136 -9.18 2.35 11.13
CA PRO A 136 -10.14 3.33 11.62
C PRO A 136 -11.34 3.37 10.68
N TYR A 137 -11.24 2.59 9.61
CA TYR A 137 -12.27 2.57 8.57
C TYR A 137 -12.93 1.26 8.31
N THR A 138 -12.39 0.20 8.91
CA THR A 138 -12.88 -1.16 8.78
C THR A 138 -13.67 -1.61 10.04
N ASP A 139 -12.95 -1.77 11.14
CA ASP A 139 -13.53 -2.26 12.37
C ASP A 139 -12.86 -1.54 13.56
N ILE A 140 -13.68 -0.94 14.43
CA ILE A 140 -13.21 -0.16 15.58
C ILE A 140 -13.60 -0.70 16.97
N PRO A 141 -12.70 -1.47 17.61
CA PRO A 141 -13.00 -2.04 18.92
C PRO A 141 -13.24 -1.06 20.05
N ALA A 142 -13.50 -1.64 21.23
CA ALA A 142 -13.76 -0.88 22.46
C ALA A 142 -13.59 -1.81 23.67
N PRO A 143 -13.52 -1.24 24.86
CA PRO A 143 -13.35 -2.09 26.02
C PRO A 143 -14.64 -2.82 26.39
N ASP A 144 -14.52 -4.05 26.85
CA ASP A 144 -15.70 -4.74 27.33
C ASP A 144 -15.41 -5.41 28.66
N VAL A 145 -16.01 -6.55 28.88
CA VAL A 145 -15.82 -7.26 30.12
C VAL A 145 -14.38 -7.63 30.35
N TYR A 146 -13.81 -7.07 31.43
CA TYR A 146 -12.40 -7.23 31.85
C TYR A 146 -11.36 -6.48 31.02
N THR A 147 -11.83 -5.50 30.26
CA THR A 147 -11.01 -4.63 29.45
C THR A 147 -11.34 -3.18 29.86
N ASN A 148 -10.40 -2.25 29.67
CA ASN A 148 -10.59 -0.86 30.06
C ASN A 148 -9.69 0.04 29.23
N PRO A 149 -9.66 1.33 29.55
CA PRO A 149 -8.86 2.32 28.81
C PRO A 149 -7.32 2.06 28.73
N GLN A 150 -6.77 1.29 29.65
CA GLN A 150 -5.35 1.03 29.56
C GLN A 150 -5.03 -0.03 28.53
N ILE A 151 -5.86 -1.04 28.54
CA ILE A 151 -5.67 -2.13 27.63
C ILE A 151 -5.82 -1.56 26.22
N MET A 152 -6.81 -0.67 26.04
CA MET A 152 -7.09 -0.03 24.74
C MET A 152 -5.83 0.70 24.25
N ALA A 153 -5.25 1.51 25.15
CA ALA A 153 -4.00 2.22 24.89
C ALA A 153 -2.94 1.29 24.35
N TRP A 154 -2.81 0.13 24.97
CA TRP A 154 -1.82 -0.83 24.53
C TRP A 154 -2.18 -1.40 23.16
N MET A 155 -3.46 -1.56 22.91
CA MET A 155 -3.84 -2.09 21.63
C MET A 155 -3.55 -1.05 20.54
N MET A 156 -3.93 0.21 20.80
CA MET A 156 -3.73 1.27 19.84
C MET A 156 -2.27 1.43 19.54
N ASP A 157 -1.44 1.35 20.57
CA ASP A 157 -0.02 1.49 20.38
C ASP A 157 0.61 0.47 19.42
N GLU A 158 0.27 -0.82 19.54
CA GLU A 158 0.84 -1.85 18.66
C GLU A 158 0.30 -1.76 17.20
N TYR A 159 -0.87 -1.14 17.08
CA TYR A 159 -1.49 -0.92 15.80
C TYR A 159 -0.63 0.11 15.09
N GLU A 160 -0.46 1.28 15.74
CA GLU A 160 0.43 2.37 15.23
C GLU A 160 1.78 1.88 14.71
N THR A 161 2.33 0.93 15.45
CA THR A 161 3.63 0.31 15.19
C THR A 161 3.60 -0.59 13.97
N ILE A 162 2.44 -1.10 13.62
CA ILE A 162 2.35 -1.93 12.42
C ILE A 162 1.82 -1.06 11.27
N SER A 163 0.85 -0.22 11.58
CA SER A 163 0.27 0.65 10.59
C SER A 163 1.33 1.65 10.18
N ARG A 164 2.42 1.73 10.91
CA ARG A 164 3.41 2.73 10.57
C ARG A 164 2.86 4.16 10.50
N ARG A 165 1.70 4.39 11.11
CA ARG A 165 1.20 5.75 11.30
C ARG A 165 0.70 6.43 10.01
N LYS A 166 0.42 5.61 9.00
CA LYS A 166 -0.03 6.11 7.71
C LYS A 166 -1.53 6.42 7.59
N ASP A 167 -2.20 6.38 8.74
CA ASP A 167 -3.65 6.61 8.87
C ASP A 167 -3.93 7.24 10.23
N PRO A 168 -5.18 7.58 10.50
CA PRO A 168 -5.47 8.24 11.76
C PRO A 168 -5.60 7.21 12.89
N SER A 169 -4.45 6.70 13.29
CA SER A 169 -4.28 5.72 14.35
C SER A 169 -5.00 5.85 15.69
N PHE A 170 -5.33 7.06 16.09
CA PHE A 170 -5.98 7.19 17.37
C PHE A 170 -7.38 6.60 17.18
N GLY A 171 -7.92 6.74 15.98
CA GLY A 171 -9.27 6.28 15.68
C GLY A 171 -9.50 4.78 15.45
N VAL A 172 -8.44 3.96 15.58
CA VAL A 172 -8.59 2.51 15.38
C VAL A 172 -9.25 1.75 16.52
N ILE A 173 -9.53 2.41 17.65
CA ILE A 173 -10.16 1.77 18.79
C ILE A 173 -10.67 2.83 19.72
N THR A 174 -11.68 2.48 20.52
CA THR A 174 -12.23 3.44 21.44
C THR A 174 -12.07 3.19 22.94
N GLY A 175 -12.68 4.05 23.77
CA GLY A 175 -12.53 4.00 25.23
C GLY A 175 -11.08 4.23 25.64
N LYS A 176 -10.44 5.20 24.97
CA LYS A 176 -9.02 5.51 25.16
C LYS A 176 -8.83 6.54 26.27
N PRO A 177 -7.66 6.48 26.91
CA PRO A 177 -7.28 7.42 27.97
C PRO A 177 -7.01 8.75 27.26
N PRO A 178 -7.49 9.81 27.88
CA PRO A 178 -7.41 11.14 27.32
C PRO A 178 -6.01 11.56 26.89
N SER A 179 -4.99 10.97 27.49
CA SER A 179 -3.63 11.31 27.12
C SER A 179 -3.39 10.85 25.68
N VAL A 180 -4.32 10.08 25.12
CA VAL A 180 -4.09 9.57 23.79
C VAL A 180 -5.27 9.51 22.81
N GLY A 181 -6.03 10.59 22.73
CA GLY A 181 -7.14 10.68 21.78
C GLY A 181 -8.39 10.36 22.52
N GLY A 182 -8.22 10.08 23.81
CA GLY A 182 -9.34 9.73 24.68
C GLY A 182 -10.21 10.93 25.01
N ILE A 183 -11.38 10.66 25.56
CA ILE A 183 -12.35 11.71 25.94
C ILE A 183 -13.06 11.49 27.29
N VAL A 184 -13.45 12.59 27.93
CA VAL A 184 -14.03 12.56 29.26
C VAL A 184 -15.55 12.49 29.39
N ALA A 185 -16.31 12.86 28.36
CA ALA A 185 -17.78 12.86 28.46
C ALA A 185 -18.29 11.46 28.64
N ARG A 186 -17.33 10.55 28.64
CA ARG A 186 -17.51 9.12 28.69
C ARG A 186 -17.84 8.46 30.02
N MET A 187 -17.78 9.19 31.12
CA MET A 187 -18.07 8.60 32.44
C MET A 187 -19.54 8.27 32.69
N ASP A 188 -20.40 9.21 32.36
CA ASP A 188 -21.82 9.07 32.60
C ASP A 188 -22.68 8.91 31.34
N ALA A 189 -22.06 8.47 30.27
CA ALA A 189 -22.74 8.32 28.99
C ALA A 189 -23.99 7.42 29.02
N THR A 190 -23.84 6.20 29.51
CA THR A 190 -24.96 5.26 29.59
C THR A 190 -26.18 5.78 30.35
N ALA A 191 -25.91 6.36 31.52
CA ALA A 191 -26.96 6.87 32.38
C ALA A 191 -27.42 8.20 31.91
N ARG A 192 -26.46 8.94 31.38
CA ARG A 192 -26.70 10.29 30.88
C ARG A 192 -27.58 10.22 29.64
N GLY A 193 -27.35 9.19 28.81
CA GLY A 193 -28.11 8.97 27.59
C GLY A 193 -29.53 8.50 27.90
N ALA A 194 -29.63 7.62 28.91
CA ALA A 194 -30.89 7.08 29.36
C ALA A 194 -31.82 8.19 29.90
N SER A 195 -31.25 9.11 30.66
CA SER A 195 -32.05 10.16 31.25
C SER A 195 -32.89 10.91 30.20
N TYR A 196 -32.26 11.15 29.04
CA TYR A 196 -32.89 11.90 27.95
C TYR A 196 -34.14 11.22 27.44
N THR A 197 -34.07 9.89 27.37
CA THR A 197 -35.20 9.08 26.92
C THR A 197 -36.29 9.12 27.97
N VAL A 198 -35.90 9.05 29.25
CA VAL A 198 -36.88 9.09 30.33
C VAL A 198 -37.59 10.41 30.19
N ARG A 199 -36.77 11.41 29.98
CA ARG A 199 -37.25 12.75 29.81
C ARG A 199 -38.20 12.83 28.61
N GLU A 200 -37.86 12.20 27.50
CA GLU A 200 -38.74 12.26 26.32
C GLU A 200 -39.91 11.32 26.53
N ALA A 201 -39.70 10.34 27.41
CA ALA A 201 -40.71 9.36 27.72
C ALA A 201 -41.77 10.09 28.53
N ALA A 202 -41.31 10.76 29.58
CA ALA A 202 -42.23 11.51 30.36
C ALA A 202 -43.12 12.36 29.41
N LYS A 203 -42.50 13.14 28.51
CA LYS A 203 -43.24 14.00 27.57
C LYS A 203 -44.46 13.32 26.93
N ALA A 204 -44.22 12.25 26.17
CA ALA A 204 -45.30 11.53 25.50
C ALA A 204 -46.39 11.21 26.52
N LEU A 205 -45.97 10.86 27.72
CA LEU A 205 -46.89 10.56 28.84
C LEU A 205 -47.45 11.80 29.54
N GLY A 206 -47.63 12.86 28.77
CA GLY A 206 -48.15 14.10 29.33
C GLY A 206 -47.85 14.16 30.81
N MET A 207 -46.57 14.08 31.15
CA MET A 207 -46.12 14.13 32.56
C MET A 207 -44.85 14.98 32.79
N ASP A 208 -44.59 15.31 34.06
CA ASP A 208 -43.40 16.06 34.40
C ASP A 208 -42.68 15.32 35.53
N LEU A 209 -41.41 14.96 35.32
CA LEU A 209 -40.69 14.17 36.33
C LEU A 209 -40.31 14.91 37.60
N LYS A 210 -40.44 16.23 37.58
CA LYS A 210 -40.07 17.00 38.78
C LYS A 210 -40.94 16.54 39.92
N GLY A 211 -40.29 16.03 40.95
CA GLY A 211 -41.02 15.57 42.11
C GLY A 211 -41.37 14.10 41.94
N LYS A 212 -41.29 13.63 40.70
CA LYS A 212 -41.63 12.25 40.39
C LYS A 212 -40.63 11.31 41.00
N THR A 213 -41.06 10.05 41.20
CA THR A 213 -40.21 9.07 41.85
C THR A 213 -39.56 8.07 40.92
N ILE A 214 -38.52 7.42 41.43
CA ILE A 214 -37.73 6.43 40.69
C ILE A 214 -37.02 5.43 41.63
N ALA A 215 -37.14 4.14 41.31
CA ALA A 215 -36.45 3.09 42.05
C ALA A 215 -35.45 2.49 41.06
N ILE A 216 -34.23 2.25 41.51
CA ILE A 216 -33.20 1.79 40.60
C ILE A 216 -32.56 0.49 41.04
N GLN A 217 -32.60 -0.53 40.18
CA GLN A 217 -32.00 -1.81 40.54
C GLN A 217 -30.54 -1.86 40.13
N GLY A 218 -29.68 -1.96 41.14
CA GLY A 218 -28.22 -1.99 40.96
C GLY A 218 -27.58 -0.63 41.29
N TYR A 219 -26.46 -0.63 42.02
CA TYR A 219 -25.80 0.63 42.32
C TYR A 219 -24.37 0.60 41.87
N GLY A 220 -24.20 0.26 40.60
CA GLY A 220 -22.91 0.27 39.97
C GLY A 220 -22.79 1.63 39.30
N ASN A 221 -21.95 1.72 38.27
CA ASN A 221 -21.76 2.98 37.57
C ASN A 221 -23.09 3.52 37.11
N ALA A 222 -23.74 2.77 36.23
CA ALA A 222 -25.02 3.17 35.65
C ALA A 222 -26.12 3.61 36.62
N GLY A 223 -26.28 2.84 37.69
CA GLY A 223 -27.30 3.11 38.70
C GLY A 223 -26.89 4.31 39.52
N TYR A 224 -25.65 4.30 39.98
CA TYR A 224 -25.19 5.42 40.75
C TYR A 224 -25.52 6.69 39.99
N TYR A 225 -24.96 6.80 38.79
CA TYR A 225 -25.14 7.99 37.96
C TYR A 225 -26.56 8.22 37.51
N MET A 226 -27.33 7.15 37.34
CA MET A 226 -28.74 7.26 36.93
C MET A 226 -29.44 8.00 38.08
N ALA A 227 -29.24 7.47 39.28
CA ALA A 227 -29.70 8.11 40.51
C ALA A 227 -29.34 9.60 40.46
N LYS A 228 -28.04 9.88 40.61
CA LYS A 228 -27.45 11.23 40.57
C LYS A 228 -28.09 12.26 39.61
N ILE A 229 -28.12 11.95 38.33
CA ILE A 229 -28.64 12.85 37.32
C ILE A 229 -30.13 13.09 37.41
N MET A 230 -30.85 12.00 37.58
CA MET A 230 -32.31 12.05 37.53
C MET A 230 -32.78 13.03 38.56
N SER A 231 -32.31 12.80 39.78
CA SER A 231 -32.59 13.65 40.91
C SER A 231 -31.98 15.03 40.72
N GLU A 232 -30.74 15.05 40.22
CA GLU A 232 -29.97 16.28 40.07
C GLU A 232 -30.24 17.20 38.89
N GLU A 233 -30.60 16.66 37.73
CA GLU A 233 -30.79 17.55 36.62
C GLU A 233 -32.24 17.56 36.31
N TYR A 234 -32.93 16.63 36.95
CA TYR A 234 -34.33 16.48 36.64
C TYR A 234 -35.25 16.80 37.77
N GLY A 235 -34.79 16.61 38.99
CA GLY A 235 -35.62 16.96 40.13
C GLY A 235 -36.56 15.83 40.49
N MET A 236 -36.06 14.60 40.38
CA MET A 236 -36.84 13.44 40.73
C MET A 236 -36.52 13.00 42.14
N LYS A 237 -37.24 11.99 42.61
CA LYS A 237 -37.08 11.54 43.96
C LYS A 237 -36.61 10.11 43.95
N VAL A 238 -35.33 9.89 44.17
CA VAL A 238 -34.87 8.51 44.23
C VAL A 238 -35.39 7.98 45.57
N VAL A 239 -36.38 7.08 45.50
CA VAL A 239 -37.00 6.51 46.71
C VAL A 239 -36.36 5.20 47.19
N ALA A 240 -35.50 4.63 46.38
CA ALA A 240 -34.88 3.39 46.75
C ALA A 240 -33.83 3.09 45.71
N VAL A 241 -32.77 2.47 46.19
CA VAL A 241 -31.64 2.12 45.36
C VAL A 241 -31.57 0.65 45.71
N SER A 242 -30.60 -0.09 45.21
CA SER A 242 -30.55 -1.52 45.53
C SER A 242 -29.31 -2.20 44.95
N ASP A 243 -28.86 -3.26 45.58
CA ASP A 243 -27.67 -3.88 45.10
C ASP A 243 -27.52 -5.35 45.31
N THR A 244 -26.38 -5.79 44.82
CA THR A 244 -25.92 -7.14 44.95
C THR A 244 -26.65 -7.87 46.08
N LYS A 245 -26.61 -7.29 47.27
CA LYS A 245 -27.17 -7.92 48.46
C LYS A 245 -28.60 -7.55 48.79
N GLY A 246 -28.93 -6.27 48.72
CA GLY A 246 -30.29 -5.88 49.03
C GLY A 246 -30.48 -4.45 48.64
N GLY A 247 -31.68 -3.93 48.89
CA GLY A 247 -32.01 -2.55 48.54
C GLY A 247 -32.41 -1.65 49.72
N ILE A 248 -32.54 -0.35 49.44
CA ILE A 248 -32.91 0.63 50.44
C ILE A 248 -34.08 1.49 50.00
N TYR A 249 -35.01 1.70 50.93
CA TYR A 249 -36.18 2.50 50.65
C TYR A 249 -36.24 3.79 51.43
N ASN A 250 -36.87 4.79 50.85
CA ASN A 250 -37.04 6.05 51.52
C ASN A 250 -37.86 7.01 50.73
N PRO A 251 -39.14 7.01 51.03
CA PRO A 251 -40.13 7.86 50.37
C PRO A 251 -39.82 9.35 50.35
N ASP A 252 -38.75 9.75 51.03
CA ASP A 252 -38.40 11.16 51.07
C ASP A 252 -37.24 11.63 50.19
N GLY A 253 -36.50 10.68 49.62
CA GLY A 253 -35.42 11.02 48.71
C GLY A 253 -34.01 10.77 49.26
N LEU A 254 -33.39 9.71 48.75
CA LEU A 254 -32.02 9.37 49.12
C LEU A 254 -31.07 10.28 48.36
N ASN A 255 -29.85 10.37 48.89
CA ASN A 255 -28.81 11.13 48.24
C ASN A 255 -27.63 10.29 47.74
N ALA A 256 -27.76 9.79 46.51
CA ALA A 256 -26.77 8.95 45.81
C ALA A 256 -25.35 8.98 46.32
N ASP A 257 -24.79 10.17 46.39
CA ASP A 257 -23.41 10.35 46.82
C ASP A 257 -23.27 9.77 48.22
N GLU A 258 -24.18 10.17 49.10
CA GLU A 258 -24.20 9.64 50.44
C GLU A 258 -24.16 8.12 50.34
N VAL A 259 -25.16 7.60 49.65
CA VAL A 259 -25.30 6.16 49.47
C VAL A 259 -23.98 5.54 49.02
N LEU A 260 -23.52 5.97 47.85
CA LEU A 260 -22.31 5.41 47.30
C LEU A 260 -21.21 5.31 48.37
N ALA A 261 -21.03 6.36 49.15
CA ALA A 261 -20.01 6.34 50.19
C ALA A 261 -20.27 5.13 51.06
N TRP A 262 -21.40 5.18 51.74
CA TRP A 262 -21.79 4.10 52.59
C TRP A 262 -21.25 2.81 51.97
N LYS A 263 -21.88 2.36 50.87
CA LYS A 263 -21.48 1.13 50.16
C LYS A 263 -19.99 1.04 49.90
N LYS A 264 -19.38 2.13 49.47
CA LYS A 264 -17.94 2.12 49.24
C LYS A 264 -17.26 1.75 50.58
N LYS A 265 -17.71 2.41 51.64
CA LYS A 265 -17.18 2.25 52.99
C LYS A 265 -17.74 0.99 53.63
N THR A 266 -19.00 0.75 53.33
CA THR A 266 -19.76 -0.35 53.89
C THR A 266 -19.57 -1.67 53.16
N GLY A 267 -19.58 -1.63 51.82
CA GLY A 267 -19.47 -2.85 50.99
C GLY A 267 -20.86 -3.14 50.37
N SER A 268 -21.84 -2.44 50.90
CA SER A 268 -23.16 -2.59 50.36
C SER A 268 -24.04 -1.43 50.74
N VAL A 269 -25.08 -1.25 49.95
CA VAL A 269 -26.03 -0.17 50.12
C VAL A 269 -27.01 -0.62 51.19
N LYS A 270 -26.57 -1.59 52.00
CA LYS A 270 -27.40 -2.21 53.02
C LYS A 270 -27.27 -1.70 54.48
N ASP A 271 -28.39 -1.28 55.06
CA ASP A 271 -28.48 -0.82 56.46
C ASP A 271 -28.27 0.68 56.65
N PHE A 272 -28.26 1.40 55.52
CA PHE A 272 -28.06 2.85 55.50
C PHE A 272 -28.82 3.58 56.63
N PRO A 273 -28.22 4.66 57.15
CA PRO A 273 -28.85 5.45 58.17
C PRO A 273 -30.17 6.03 57.68
N GLY A 274 -31.19 5.93 58.54
CA GLY A 274 -32.51 6.51 58.27
C GLY A 274 -33.30 5.90 57.11
N ALA A 275 -32.69 4.92 56.45
CA ALA A 275 -33.32 4.22 55.35
C ALA A 275 -33.62 2.79 55.79
N THR A 276 -34.87 2.36 55.55
CA THR A 276 -35.31 1.02 55.89
C THR A 276 -34.83 0.00 54.88
N ASN A 277 -34.52 -1.19 55.36
CA ASN A 277 -34.08 -2.26 54.49
C ASN A 277 -35.24 -2.89 53.74
N ILE A 278 -34.97 -3.35 52.52
CA ILE A 278 -35.95 -4.04 51.68
C ILE A 278 -35.30 -5.00 50.70
N THR A 279 -36.11 -5.60 49.84
CA THR A 279 -35.55 -6.59 48.91
C THR A 279 -35.57 -6.06 47.49
N ASN A 280 -34.83 -6.74 46.61
CA ASN A 280 -34.73 -6.37 45.19
C ASN A 280 -36.10 -6.49 44.54
N GLU A 281 -36.72 -7.65 44.72
CA GLU A 281 -38.04 -7.98 44.17
C GLU A 281 -39.08 -7.02 44.71
N GLU A 282 -38.93 -6.68 45.97
CA GLU A 282 -39.80 -5.69 46.59
C GLU A 282 -39.75 -4.44 45.72
N LEU A 283 -38.53 -3.94 45.52
CA LEU A 283 -38.28 -2.76 44.72
C LEU A 283 -39.07 -2.75 43.41
N LEU A 284 -38.93 -3.79 42.59
CA LEU A 284 -39.65 -3.87 41.30
C LEU A 284 -41.17 -3.63 41.37
N GLU A 285 -41.77 -4.12 42.45
CA GLU A 285 -43.20 -4.00 42.61
C GLU A 285 -43.47 -2.77 43.45
N LEU A 286 -42.40 -2.07 43.78
CA LEU A 286 -42.50 -0.81 44.50
C LEU A 286 -43.47 0.02 43.67
N GLU A 287 -44.05 1.06 44.26
CA GLU A 287 -45.00 1.89 43.52
C GLU A 287 -44.41 3.23 43.14
N VAL A 288 -43.54 3.21 42.12
CA VAL A 288 -42.88 4.42 41.64
C VAL A 288 -43.15 4.78 40.15
N ASP A 289 -43.01 6.06 39.82
CA ASP A 289 -43.26 6.48 38.45
C ASP A 289 -42.28 5.94 37.45
N VAL A 290 -41.06 5.69 37.88
CA VAL A 290 -40.04 5.13 36.99
C VAL A 290 -39.33 3.93 37.58
N LEU A 291 -39.07 2.94 36.73
CA LEU A 291 -38.39 1.73 37.14
C LEU A 291 -37.12 1.51 36.31
N ALA A 292 -35.96 1.54 36.98
CA ALA A 292 -34.68 1.39 36.28
C ALA A 292 -33.84 0.19 36.69
N PRO A 293 -34.19 -0.94 36.12
CA PRO A 293 -33.50 -2.19 36.39
C PRO A 293 -32.18 -2.02 35.70
N SER A 294 -31.11 -2.06 36.47
CA SER A 294 -29.83 -1.80 35.85
C SER A 294 -28.75 -2.69 36.35
N ALA A 295 -29.06 -3.97 36.47
CA ALA A 295 -28.08 -4.90 37.01
C ALA A 295 -27.91 -6.12 36.17
N ILE A 296 -28.95 -6.95 36.25
CA ILE A 296 -28.93 -8.25 35.63
C ILE A 296 -29.99 -8.52 34.60
N GLU A 297 -29.86 -9.72 34.08
CA GLU A 297 -30.79 -10.30 33.13
C GLU A 297 -32.13 -10.57 33.83
N GLU A 298 -33.11 -10.91 33.02
CA GLU A 298 -34.43 -11.37 33.43
C GLU A 298 -34.77 -11.17 34.89
N VAL A 299 -35.29 -10.02 35.23
CA VAL A 299 -35.66 -9.80 36.59
C VAL A 299 -37.10 -9.38 36.57
N ILE A 300 -37.68 -9.39 35.37
CA ILE A 300 -39.10 -9.05 35.23
C ILE A 300 -39.64 -10.09 34.31
N THR A 301 -40.37 -11.03 34.88
CA THR A 301 -40.86 -12.17 34.16
C THR A 301 -42.37 -12.29 34.20
N LYS A 302 -42.85 -13.49 33.86
CA LYS A 302 -44.29 -13.82 33.84
C LYS A 302 -44.80 -13.83 35.27
N LYS A 303 -43.98 -14.36 36.18
CA LYS A 303 -44.27 -14.41 37.60
C LYS A 303 -44.75 -13.07 38.18
N ASN A 304 -43.90 -12.04 38.10
CA ASN A 304 -44.18 -10.72 38.69
C ASN A 304 -44.69 -9.68 37.72
N ALA A 305 -44.52 -9.94 36.43
CA ALA A 305 -44.99 -8.99 35.45
C ALA A 305 -46.18 -8.16 35.96
N ASP A 306 -47.18 -8.83 36.53
CA ASP A 306 -48.41 -8.15 36.96
C ASP A 306 -48.29 -7.22 38.14
N ASN A 307 -47.20 -7.36 38.88
CA ASN A 307 -46.97 -6.60 40.08
C ASN A 307 -46.24 -5.29 39.88
N ILE A 308 -45.60 -5.14 38.71
CA ILE A 308 -44.90 -3.94 38.30
C ILE A 308 -45.93 -2.81 38.17
N LYS A 309 -45.89 -1.83 39.07
CA LYS A 309 -46.85 -0.70 39.01
C LYS A 309 -46.22 0.61 38.53
N ALA A 310 -45.15 0.47 37.75
CA ALA A 310 -44.40 1.59 37.18
C ALA A 310 -45.05 2.29 35.97
N LYS A 311 -44.91 3.61 35.91
CA LYS A 311 -45.46 4.39 34.82
C LYS A 311 -44.52 4.19 33.65
N ILE A 312 -43.22 4.06 33.96
CA ILE A 312 -42.12 3.88 32.98
C ILE A 312 -40.98 2.91 33.42
N VAL A 313 -40.61 1.98 32.55
CA VAL A 313 -39.56 1.03 32.88
C VAL A 313 -38.34 1.24 31.99
N ALA A 314 -37.34 1.94 32.50
CA ALA A 314 -36.13 2.24 31.73
C ALA A 314 -35.07 1.13 31.74
N GLU A 315 -35.03 0.32 30.69
CA GLU A 315 -34.06 -0.76 30.64
C GLU A 315 -32.62 -0.21 30.50
N LEU A 316 -31.87 -0.23 31.60
CA LEU A 316 -30.48 0.23 31.58
C LEU A 316 -29.59 -1.00 31.36
N ALA A 317 -30.03 -2.13 31.90
CA ALA A 317 -29.29 -3.40 31.78
C ALA A 317 -29.66 -4.27 30.56
N ASN A 318 -28.81 -5.25 30.24
CA ASN A 318 -29.02 -6.16 29.09
C ASN A 318 -30.07 -7.23 29.37
N GLY A 319 -31.25 -7.12 28.75
CA GLY A 319 -32.28 -8.15 28.84
C GLY A 319 -32.87 -8.40 30.23
N PRO A 320 -33.35 -7.33 30.83
CA PRO A 320 -33.95 -7.37 32.17
C PRO A 320 -35.36 -7.94 32.21
N THR A 321 -36.17 -7.57 31.21
CA THR A 321 -37.56 -8.02 31.10
C THR A 321 -37.60 -9.17 30.11
N THR A 322 -38.82 -9.65 29.81
CA THR A 322 -39.00 -10.79 28.92
C THR A 322 -40.19 -10.63 28.01
N PRO A 323 -40.22 -11.51 27.04
CA PRO A 323 -41.22 -11.58 25.99
C PRO A 323 -42.68 -11.51 26.41
N GLU A 324 -43.09 -12.44 27.26
CA GLU A 324 -44.47 -12.45 27.73
C GLU A 324 -44.58 -11.44 28.83
N ALA A 325 -43.46 -11.20 29.50
CA ALA A 325 -43.40 -10.16 30.50
C ALA A 325 -43.63 -8.91 29.64
N ASP A 326 -42.99 -8.93 28.48
CA ASP A 326 -43.08 -7.86 27.48
C ASP A 326 -44.53 -7.55 27.09
N GLU A 327 -45.31 -8.58 26.84
CA GLU A 327 -46.67 -8.35 26.39
C GLU A 327 -47.65 -7.93 27.48
N ILE A 328 -47.46 -8.39 28.70
CA ILE A 328 -48.36 -7.99 29.78
C ILE A 328 -48.27 -6.49 30.10
N LEU A 329 -47.04 -6.04 30.34
CA LEU A 329 -46.79 -4.65 30.68
C LEU A 329 -47.39 -3.82 29.58
N TYR A 330 -47.27 -4.32 28.35
CA TYR A 330 -47.82 -3.62 27.20
C TYR A 330 -49.33 -3.31 27.29
N GLU A 331 -50.18 -4.32 27.54
CA GLU A 331 -51.63 -4.08 27.63
C GLU A 331 -51.92 -3.28 28.89
N LYS A 332 -51.18 -3.62 29.93
CA LYS A 332 -51.27 -2.93 31.18
C LYS A 332 -51.10 -1.42 30.94
N GLY A 333 -50.47 -1.06 29.82
CA GLY A 333 -50.27 0.34 29.43
C GLY A 333 -48.91 0.93 29.80
N ILE A 334 -47.96 0.08 30.16
CA ILE A 334 -46.62 0.48 30.62
C ILE A 334 -45.62 0.77 29.48
N LEU A 335 -45.01 1.95 29.51
CA LEU A 335 -44.01 2.29 28.51
C LEU A 335 -42.65 1.67 28.87
N ILE A 336 -42.12 0.83 27.98
CA ILE A 336 -40.81 0.21 28.20
C ILE A 336 -39.80 0.82 27.24
N ILE A 337 -38.63 1.16 27.76
CA ILE A 337 -37.60 1.69 26.89
C ILE A 337 -36.61 0.56 26.66
N PRO A 338 -36.74 -0.12 25.53
CA PRO A 338 -35.90 -1.27 25.25
C PRO A 338 -34.44 -0.94 25.29
N ASP A 339 -33.75 -1.81 26.01
CA ASP A 339 -32.33 -1.71 26.24
C ASP A 339 -31.49 -1.06 25.14
N PHE A 340 -31.21 -1.83 24.10
CA PHE A 340 -30.38 -1.36 23.02
C PHE A 340 -30.65 0.07 22.61
N LEU A 341 -31.83 0.57 22.98
CA LEU A 341 -32.10 1.97 22.73
C LEU A 341 -31.81 2.71 24.02
N CYS A 342 -32.30 2.16 25.12
CA CYS A 342 -32.10 2.82 26.39
C CYS A 342 -30.65 3.03 26.80
N ASN A 343 -29.89 1.96 26.88
CA ASN A 343 -28.50 2.08 27.31
C ASN A 343 -27.49 2.36 26.15
N ALA A 344 -27.95 2.90 25.03
CA ALA A 344 -27.05 3.13 23.87
C ALA A 344 -26.11 4.36 23.92
N GLY A 345 -26.28 5.22 24.91
CA GLY A 345 -25.45 6.41 25.01
C GLY A 345 -23.98 6.11 24.95
N GLY A 346 -23.58 5.00 25.56
CA GLY A 346 -22.17 4.64 25.62
C GLY A 346 -21.50 4.45 24.26
N VAL A 347 -22.23 3.90 23.30
CA VAL A 347 -21.67 3.68 21.97
C VAL A 347 -21.86 4.94 21.13
N THR A 348 -22.89 5.71 21.48
CA THR A 348 -23.14 6.95 20.78
C THR A 348 -22.00 7.93 21.07
N VAL A 349 -21.48 7.85 22.28
CA VAL A 349 -20.38 8.70 22.75
C VAL A 349 -19.05 8.23 22.18
N SER A 350 -18.94 6.93 22.01
CA SER A 350 -17.73 6.35 21.44
C SER A 350 -17.61 6.68 19.95
N TYR A 351 -18.72 7.06 19.35
CA TYR A 351 -18.76 7.42 17.94
C TYR A 351 -18.19 8.85 18.00
N PHE A 352 -18.75 9.67 18.86
CA PHE A 352 -18.26 11.02 19.07
C PHE A 352 -16.76 11.00 19.27
N GLU A 353 -16.27 10.00 19.98
CA GLU A 353 -14.82 9.93 20.18
C GLU A 353 -14.08 9.70 18.87
N TRP A 354 -14.56 8.74 18.08
CA TRP A 354 -13.96 8.36 16.78
C TRP A 354 -13.98 9.56 15.83
N VAL A 355 -15.06 10.30 15.81
CA VAL A 355 -15.10 11.44 14.93
C VAL A 355 -13.90 12.34 15.24
N GLN A 356 -13.83 12.80 16.49
CA GLN A 356 -12.75 13.67 16.97
C GLN A 356 -11.39 13.12 16.63
N ASN A 357 -11.23 11.81 16.78
CA ASN A 357 -9.96 11.13 16.46
C ASN A 357 -9.68 11.31 14.96
N ILE A 358 -10.70 11.14 14.11
CA ILE A 358 -10.48 11.22 12.66
C ILE A 358 -10.27 12.62 12.10
N THR A 359 -10.82 13.59 12.80
CA THR A 359 -10.74 14.97 12.41
C THR A 359 -9.66 15.82 13.12
N GLY A 360 -9.02 15.26 14.15
CA GLY A 360 -7.96 15.95 14.90
C GLY A 360 -8.54 17.05 15.76
N ASP A 361 -9.84 17.29 15.59
CA ASP A 361 -10.57 18.33 16.29
C ASP A 361 -11.32 17.85 17.54
N TYR A 362 -10.83 18.26 18.71
CA TYR A 362 -11.45 17.89 19.97
C TYR A 362 -12.50 18.82 20.56
N TRP A 363 -13.58 18.22 21.03
CA TRP A 363 -14.72 18.99 21.53
C TRP A 363 -14.74 19.15 23.06
N THR A 364 -15.69 19.97 23.53
CA THR A 364 -15.93 20.24 24.95
C THR A 364 -17.09 19.38 25.47
N VAL A 365 -16.99 19.00 26.73
CA VAL A 365 -18.06 18.24 27.34
C VAL A 365 -19.42 18.84 26.95
N GLU A 366 -19.67 20.08 27.33
CA GLU A 366 -20.94 20.69 26.94
C GLU A 366 -21.27 20.33 25.49
N GLU A 367 -20.34 20.59 24.57
CA GLU A 367 -20.53 20.32 23.13
C GLU A 367 -21.00 18.91 22.99
N THR A 368 -20.12 18.00 23.37
CA THR A 368 -20.39 16.58 23.33
C THR A 368 -21.78 16.21 23.85
N ARG A 369 -22.10 16.67 25.05
CA ARG A 369 -23.39 16.40 25.66
C ARG A 369 -24.55 16.80 24.75
N ALA A 370 -24.52 18.03 24.24
CA ALA A 370 -25.59 18.51 23.40
C ALA A 370 -25.82 17.62 22.17
N LYS A 371 -24.77 16.92 21.76
CA LYS A 371 -24.79 16.02 20.60
C LYS A 371 -25.39 14.69 21.00
N LEU A 372 -25.14 14.30 22.24
CA LEU A 372 -25.66 13.08 22.81
C LEU A 372 -27.17 13.27 22.89
N ASP A 373 -27.59 14.18 23.74
CA ASP A 373 -28.99 14.52 23.89
C ASP A 373 -29.64 14.42 22.51
N LYS A 374 -29.27 15.36 21.64
CA LYS A 374 -29.84 15.39 20.31
C LYS A 374 -30.04 13.97 19.78
N LYS A 375 -29.02 13.14 19.93
CA LYS A 375 -29.07 11.78 19.41
C LYS A 375 -30.07 10.90 20.10
N MET A 376 -29.87 10.72 21.41
CA MET A 376 -30.78 9.94 22.23
C MET A 376 -32.26 10.28 21.92
N THR A 377 -32.54 11.56 21.72
CA THR A 377 -33.90 12.02 21.48
C THR A 377 -34.64 11.50 20.26
N LYS A 378 -34.01 11.66 19.10
CA LYS A 378 -34.62 11.24 17.86
C LYS A 378 -34.81 9.73 17.85
N ALA A 379 -33.77 9.04 18.30
CA ALA A 379 -33.85 7.59 18.37
C ALA A 379 -35.08 7.26 19.17
N PHE A 380 -35.24 7.91 20.30
CA PHE A 380 -36.40 7.59 21.10
C PHE A 380 -37.62 7.75 20.24
N TRP A 381 -37.89 8.98 19.84
CA TRP A 381 -39.05 9.26 19.04
C TRP A 381 -39.24 8.28 17.87
N ASP A 382 -38.25 8.22 16.99
CA ASP A 382 -38.21 7.26 15.89
C ASP A 382 -38.85 5.91 16.26
N VAL A 383 -38.61 5.48 17.49
CA VAL A 383 -39.07 4.18 17.93
C VAL A 383 -40.50 4.32 18.40
N TYR A 384 -40.74 5.39 19.15
CA TYR A 384 -42.02 5.65 19.74
C TYR A 384 -43.09 5.74 18.72
N ASN A 385 -42.80 6.42 17.63
CA ASN A 385 -43.79 6.54 16.58
C ASN A 385 -44.02 5.29 15.78
N THR A 386 -42.96 4.53 15.59
CA THR A 386 -43.10 3.27 14.90
C THR A 386 -44.11 2.40 15.67
N HIS A 387 -43.84 2.16 16.93
CA HIS A 387 -44.74 1.34 17.73
C HIS A 387 -46.19 1.87 17.73
N LYS A 388 -46.34 3.18 17.92
CA LYS A 388 -47.68 3.81 17.93
C LYS A 388 -48.39 3.41 16.66
N GLU A 389 -47.85 3.90 15.56
CA GLU A 389 -48.39 3.64 14.24
C GLU A 389 -48.64 2.15 13.93
N LYS A 390 -47.68 1.29 14.21
CA LYS A 390 -47.81 -0.12 13.88
C LYS A 390 -48.49 -0.97 14.96
N ASN A 391 -48.83 -0.33 16.06
CA ASN A 391 -49.52 -0.99 17.14
C ASN A 391 -48.81 -2.22 17.64
N ILE A 392 -47.55 -2.04 18.02
CA ILE A 392 -46.72 -3.11 18.58
C ILE A 392 -45.91 -2.54 19.73
N ASN A 393 -45.26 -3.42 20.47
CA ASN A 393 -44.43 -3.02 21.60
C ASN A 393 -43.08 -2.37 21.22
N MET A 394 -42.57 -1.48 22.09
CA MET A 394 -41.34 -0.71 21.81
C MET A 394 -40.23 -1.61 21.33
N ARG A 395 -39.92 -2.62 22.12
CA ARG A 395 -38.85 -3.52 21.72
C ARG A 395 -39.09 -4.00 20.30
N ASP A 396 -40.35 -4.32 20.01
CA ASP A 396 -40.65 -4.86 18.72
C ASP A 396 -40.43 -3.77 17.74
N ALA A 397 -40.91 -2.58 18.09
CA ALA A 397 -40.73 -1.40 17.21
C ALA A 397 -39.26 -1.08 16.99
N ALA A 398 -38.44 -1.28 18.02
CA ALA A 398 -37.02 -0.99 17.91
C ALA A 398 -36.37 -1.87 16.84
N TYR A 399 -36.46 -3.18 17.01
CA TYR A 399 -35.90 -4.08 16.05
C TYR A 399 -36.32 -3.66 14.64
N VAL A 400 -37.59 -3.26 14.52
CA VAL A 400 -38.18 -2.86 13.23
C VAL A 400 -37.41 -1.73 12.59
N VAL A 401 -37.27 -0.65 13.35
CA VAL A 401 -36.51 0.49 12.91
C VAL A 401 -35.07 0.04 12.68
N ALA A 402 -34.58 -0.84 13.54
CA ALA A 402 -33.21 -1.34 13.39
C ALA A 402 -33.03 -2.13 12.10
N VAL A 403 -33.62 -3.33 12.10
CA VAL A 403 -33.51 -4.24 10.98
C VAL A 403 -33.91 -3.56 9.67
N SER A 404 -34.87 -2.65 9.75
CA SER A 404 -35.30 -1.88 8.57
C SER A 404 -34.12 -1.11 7.84
N ARG A 405 -33.37 -0.29 8.58
CA ARG A 405 -32.24 0.50 8.02
C ARG A 405 -31.10 -0.37 7.47
N VAL A 406 -30.88 -1.51 8.11
CA VAL A 406 -29.88 -2.48 7.67
C VAL A 406 -30.32 -3.17 6.39
N TYR A 407 -31.63 -3.30 6.20
CA TYR A 407 -32.16 -3.98 5.00
C TYR A 407 -32.06 -3.00 3.85
N GLN A 408 -32.40 -1.75 4.10
CA GLN A 408 -32.27 -0.73 3.07
C GLN A 408 -30.84 -0.73 2.51
N ALA A 409 -29.89 -0.51 3.40
CA ALA A 409 -28.47 -0.49 3.01
C ALA A 409 -27.94 -1.66 2.17
N MET A 410 -28.13 -2.90 2.59
CA MET A 410 -27.65 -4.00 1.76
C MET A 410 -28.37 -4.00 0.41
N LYS A 411 -29.57 -3.45 0.40
CA LYS A 411 -30.37 -3.47 -0.81
C LYS A 411 -29.76 -2.49 -1.78
N ASP A 412 -29.48 -1.30 -1.27
CA ASP A 412 -28.88 -0.24 -2.06
C ASP A 412 -27.46 -0.59 -2.54
N ARG A 413 -26.77 -1.45 -1.78
CA ARG A 413 -25.44 -1.92 -2.18
C ARG A 413 -25.60 -3.01 -3.20
N GLY A 414 -26.74 -3.70 -3.17
CA GLY A 414 -26.99 -4.80 -4.11
C GLY A 414 -26.53 -6.12 -3.52
N TRP A 415 -26.40 -6.18 -2.21
CA TRP A 415 -25.95 -7.42 -1.56
C TRP A 415 -27.00 -8.49 -1.78
N ILE A 416 -28.26 -8.07 -1.62
CA ILE A 416 -29.46 -8.86 -1.88
C ILE A 416 -30.31 -8.03 -2.83
N LYS A 417 -30.90 -8.71 -3.80
CA LYS A 417 -31.69 -8.07 -4.85
C LYS A 417 -33.09 -7.57 -4.47
N LYS A 418 -33.73 -8.09 -3.43
CA LYS A 418 -35.04 -7.58 -3.04
C LYS A 418 -35.35 -7.63 -1.53
N GLN B 3 24.57 18.29 21.62
CA GLN B 3 25.69 19.17 21.97
C GLN B 3 25.19 20.51 22.51
N ASP B 4 26.07 21.52 22.59
CA ASP B 4 25.70 22.78 23.22
C ASP B 4 24.24 23.10 23.40
N PRO B 5 23.62 23.61 22.34
CA PRO B 5 22.21 23.94 22.37
C PRO B 5 21.38 22.71 22.71
N PHE B 6 21.85 21.54 22.28
CA PHE B 6 21.15 20.36 22.70
C PHE B 6 21.41 20.23 24.21
N GLU B 7 22.68 20.11 24.59
CA GLU B 7 23.10 20.01 26.00
C GLU B 7 22.34 20.96 26.83
N ILE B 8 22.24 22.16 26.32
CA ILE B 8 21.54 23.18 27.06
C ILE B 8 20.10 22.70 27.20
N ALA B 9 19.56 22.26 26.08
CA ALA B 9 18.19 21.80 26.00
C ALA B 9 17.90 20.79 27.10
N VAL B 10 18.65 19.70 27.06
CA VAL B 10 18.55 18.64 28.04
C VAL B 10 18.55 19.22 29.47
N LYS B 11 19.52 20.06 29.79
CA LYS B 11 19.60 20.67 31.10
C LYS B 11 18.26 21.33 31.45
N GLN B 12 17.76 22.14 30.52
CA GLN B 12 16.45 22.75 30.71
C GLN B 12 15.53 21.67 31.27
N LEU B 13 15.46 20.55 30.57
CA LEU B 13 14.65 19.44 30.99
C LEU B 13 14.96 18.98 32.43
N GLU B 14 16.12 18.39 32.66
CA GLU B 14 16.48 17.89 33.99
C GLU B 14 15.99 18.81 35.06
N ARG B 15 16.28 20.10 34.91
CA ARG B 15 15.86 21.07 35.92
C ARG B 15 14.40 21.03 36.30
N ALA B 16 13.50 21.27 35.36
CA ALA B 16 12.09 21.32 35.70
C ALA B 16 11.69 20.01 36.33
N ALA B 17 12.34 18.93 35.92
CA ALA B 17 12.02 17.63 36.47
C ALA B 17 11.95 17.78 37.97
N GLN B 18 13.07 18.18 38.56
CA GLN B 18 13.19 18.35 39.99
C GLN B 18 11.97 18.97 40.63
N TYR B 19 11.14 19.64 39.84
CA TYR B 19 9.90 20.29 40.36
C TYR B 19 8.71 19.37 40.20
N MET B 20 8.99 18.14 39.79
CA MET B 20 7.95 17.17 39.55
C MET B 20 8.40 15.74 39.82
N ASP B 21 7.39 14.87 39.94
CA ASP B 21 7.57 13.46 40.18
C ASP B 21 7.61 12.69 38.86
N ILE B 22 8.73 12.04 38.58
CA ILE B 22 8.81 11.31 37.33
C ILE B 22 9.96 10.35 37.35
N SER B 23 9.75 9.24 36.66
CA SER B 23 10.70 8.15 36.60
C SER B 23 11.95 8.55 35.84
N GLU B 24 12.97 7.74 35.98
CA GLU B 24 14.22 7.98 35.30
C GLU B 24 14.16 7.30 33.98
N GLU B 25 13.26 6.32 33.90
CA GLU B 25 12.98 5.59 32.67
C GLU B 25 12.57 6.70 31.73
N ALA B 26 11.56 7.44 32.19
CA ALA B 26 10.97 8.55 31.46
C ALA B 26 12.03 9.58 31.18
N LEU B 27 12.58 10.11 32.25
CA LEU B 27 13.61 11.08 32.06
C LEU B 27 14.53 10.62 30.94
N GLU B 28 15.06 9.43 31.10
CA GLU B 28 16.05 8.94 30.15
C GLU B 28 15.45 8.90 28.75
N PHE B 29 14.16 8.65 28.67
CA PHE B 29 13.54 8.54 27.38
C PHE B 29 13.46 9.90 26.72
N LEU B 30 13.01 10.92 27.46
CA LEU B 30 12.88 12.30 26.96
C LEU B 30 14.20 13.08 26.74
N LYS B 31 15.33 12.41 26.90
CA LYS B 31 16.62 13.05 26.76
C LYS B 31 17.21 12.68 25.45
N ARG B 32 16.37 12.14 24.58
CA ARG B 32 16.80 11.75 23.24
C ARG B 32 15.65 11.58 22.23
N PRO B 33 15.89 12.01 21.01
CA PRO B 33 14.83 11.93 20.04
C PRO B 33 14.71 10.49 19.64
N GLN B 34 13.46 10.10 19.46
CA GLN B 34 13.19 8.75 18.97
C GLN B 34 13.84 8.49 17.61
N ARG B 35 13.66 9.44 16.68
CA ARG B 35 14.20 9.28 15.34
C ARG B 35 14.81 10.53 14.75
N ILE B 36 15.97 10.31 14.15
CA ILE B 36 16.72 11.32 13.43
C ILE B 36 17.02 10.76 12.06
N VAL B 37 16.82 11.59 11.04
CA VAL B 37 17.16 11.15 9.71
C VAL B 37 18.06 12.22 9.13
N GLU B 38 19.14 11.77 8.51
CA GLU B 38 20.11 12.68 7.91
C GLU B 38 20.36 12.28 6.48
N VAL B 39 20.15 13.25 5.58
CA VAL B 39 20.26 13.04 4.13
C VAL B 39 21.21 13.92 3.29
N SER B 40 21.68 13.31 2.21
CA SER B 40 22.47 13.97 1.18
C SER B 40 21.57 14.24 -0.04
N ILE B 41 21.33 15.53 -0.34
CA ILE B 41 20.43 15.96 -1.43
C ILE B 41 21.05 16.56 -2.70
N PRO B 42 21.25 15.77 -3.74
CA PRO B 42 21.79 16.33 -4.94
C PRO B 42 20.85 17.38 -5.53
N VAL B 43 21.41 18.54 -5.84
CA VAL B 43 20.66 19.60 -6.46
C VAL B 43 21.32 20.03 -7.76
N GLU B 44 20.52 20.30 -8.79
CA GLU B 44 21.03 20.76 -10.10
C GLU B 44 21.11 22.26 -10.02
N MET B 45 22.32 22.78 -10.11
CA MET B 45 22.48 24.23 -10.01
C MET B 45 22.21 24.83 -11.35
N ASP B 46 22.11 26.15 -11.34
CA ASP B 46 21.89 26.87 -12.57
C ASP B 46 23.07 26.82 -13.54
N ASP B 47 24.26 26.51 -13.02
CA ASP B 47 25.49 26.42 -13.84
C ASP B 47 25.76 25.04 -14.41
N GLY B 48 24.73 24.21 -14.40
CA GLY B 48 24.76 22.87 -14.98
C GLY B 48 25.42 21.84 -14.09
N SER B 49 25.97 22.32 -12.98
CA SER B 49 26.63 21.42 -12.06
C SER B 49 25.68 20.93 -10.94
N VAL B 50 25.90 19.70 -10.50
CA VAL B 50 25.09 19.11 -9.43
C VAL B 50 25.73 19.38 -8.08
N LYS B 51 24.95 19.80 -7.11
CA LYS B 51 25.56 19.98 -5.83
C LYS B 51 24.82 19.22 -4.73
N VAL B 52 25.57 18.47 -3.92
CA VAL B 52 25.00 17.75 -2.77
C VAL B 52 24.81 18.60 -1.55
N PHE B 53 23.60 18.64 -1.05
CA PHE B 53 23.37 19.38 0.17
C PHE B 53 23.18 18.34 1.25
N THR B 54 22.95 18.80 2.46
CA THR B 54 22.79 17.90 3.58
C THR B 54 21.67 18.39 4.45
N GLY B 55 20.64 17.56 4.62
CA GLY B 55 19.49 18.00 5.40
C GLY B 55 19.19 16.96 6.45
N PHE B 56 18.29 17.33 7.34
CA PHE B 56 17.84 16.48 8.41
C PHE B 56 16.39 16.71 8.70
N ARG B 57 15.84 15.68 9.30
CA ARG B 57 14.54 15.73 9.92
C ARG B 57 14.73 14.94 11.21
N VAL B 58 14.16 15.49 12.26
CA VAL B 58 14.34 14.93 13.58
C VAL B 58 12.93 14.89 14.08
N GLN B 59 12.50 13.71 14.52
CA GLN B 59 11.16 13.55 15.05
C GLN B 59 11.47 13.12 16.46
N TYR B 60 11.23 14.04 17.40
CA TYR B 60 11.71 13.91 18.75
C TYR B 60 10.95 12.94 19.60
N ASN B 61 9.64 13.12 19.60
CA ASN B 61 8.78 12.30 20.42
C ASN B 61 7.36 12.38 19.86
N TRP B 62 6.80 11.24 19.46
CA TRP B 62 5.41 11.25 18.93
C TRP B 62 4.33 10.60 19.78
N ALA B 63 4.57 10.49 21.09
CA ALA B 63 3.61 9.88 21.99
C ALA B 63 2.21 10.55 22.04
N ARG B 64 2.14 11.88 21.95
CA ARG B 64 0.84 12.57 21.99
C ARG B 64 0.16 12.75 20.62
N GLY B 65 0.86 12.38 19.55
CA GLY B 65 0.34 12.57 18.21
C GLY B 65 1.50 12.62 17.23
N PRO B 66 1.23 13.05 15.99
CA PRO B 66 2.28 13.17 14.98
C PRO B 66 3.08 14.40 15.33
N THR B 67 4.34 14.36 14.97
CA THR B 67 5.25 15.44 15.32
C THR B 67 5.05 16.61 14.38
N LYS B 68 5.15 17.82 14.94
CA LYS B 68 4.95 19.09 14.24
C LYS B 68 6.18 20.00 14.40
N GLY B 69 6.72 20.52 13.30
CA GLY B 69 7.83 21.43 13.38
C GLY B 69 8.35 21.92 12.05
N GLY B 70 8.77 23.19 12.04
CA GLY B 70 9.29 23.89 10.88
C GLY B 70 10.56 23.31 10.32
N ILE B 71 11.00 23.86 9.18
CA ILE B 71 12.23 23.50 8.49
C ILE B 71 13.00 24.80 8.26
N ARG B 72 14.26 24.79 8.66
CA ARG B 72 15.14 25.94 8.61
C ARG B 72 16.13 25.83 7.47
N TRP B 73 16.37 26.93 6.78
CA TRP B 73 17.34 26.92 5.69
C TRP B 73 18.46 27.85 6.12
N HIS B 74 19.59 27.28 6.49
CA HIS B 74 20.67 28.08 7.03
C HIS B 74 22.05 27.51 6.75
N PRO B 75 22.99 28.41 6.56
CA PRO B 75 24.34 28.05 6.21
C PRO B 75 25.16 27.62 7.41
N GLU B 76 24.69 28.01 8.60
CA GLU B 76 25.34 27.68 9.87
C GLU B 76 24.46 26.71 10.66
N GLU B 77 23.77 25.83 9.96
CA GLU B 77 22.89 24.91 10.67
C GLU B 77 23.63 23.64 11.13
N THR B 78 23.17 23.06 12.23
CA THR B 78 23.76 21.82 12.73
C THR B 78 22.66 20.94 13.27
N LEU B 79 22.93 19.65 13.32
CA LEU B 79 21.95 18.72 13.89
C LEU B 79 21.51 19.10 15.30
N SER B 80 22.47 19.48 16.13
CA SER B 80 22.22 19.83 17.52
C SER B 80 21.15 20.84 17.65
N THR B 81 21.33 21.89 16.86
CA THR B 81 20.45 23.02 16.84
C THR B 81 19.08 22.48 16.52
N VAL B 82 19.09 21.57 15.57
CA VAL B 82 17.86 20.95 15.14
C VAL B 82 17.38 20.09 16.27
N LYS B 83 18.22 19.15 16.74
CA LYS B 83 17.80 18.29 17.89
C LYS B 83 17.16 19.16 18.95
N ALA B 84 17.92 20.15 19.36
CA ALA B 84 17.46 21.07 20.39
C ALA B 84 16.10 21.74 20.14
N LEU B 85 15.82 22.19 18.93
CA LEU B 85 14.51 22.84 18.72
C LEU B 85 13.38 21.82 18.60
N ALA B 86 13.72 20.62 18.17
CA ALA B 86 12.70 19.59 18.06
C ALA B 86 12.18 19.31 19.46
N ALA B 87 13.10 19.17 20.41
CA ALA B 87 12.73 18.98 21.81
C ALA B 87 11.84 20.13 22.28
N TRP B 88 12.13 21.33 21.80
CA TRP B 88 11.35 22.49 22.19
C TRP B 88 9.94 22.44 21.61
N MET B 89 9.87 21.97 20.36
CA MET B 89 8.61 21.84 19.66
C MET B 89 7.75 20.89 20.48
N THR B 90 8.41 19.94 21.15
CA THR B 90 7.72 18.95 21.98
C THR B 90 7.05 19.64 23.19
N TRP B 91 7.77 20.48 23.91
CA TRP B 91 7.13 21.09 25.05
C TRP B 91 6.07 22.09 24.64
N LYS B 92 6.23 22.70 23.47
CA LYS B 92 5.26 23.68 22.96
C LYS B 92 3.84 23.15 22.63
N THR B 93 3.78 22.01 21.96
CA THR B 93 2.50 21.39 21.60
C THR B 93 1.78 20.91 22.87
N ALA B 94 2.53 20.30 23.78
CA ALA B 94 1.96 19.77 25.02
C ALA B 94 1.26 20.85 25.81
N VAL B 95 1.98 21.95 25.99
CA VAL B 95 1.40 23.06 26.76
C VAL B 95 0.25 23.65 26.00
N MET B 96 0.31 23.57 24.68
CA MET B 96 -0.76 24.12 23.87
C MET B 96 -1.83 23.05 23.81
N ASP B 97 -1.45 21.89 24.35
CA ASP B 97 -2.33 20.74 24.48
C ASP B 97 -2.80 20.30 23.11
N LEU B 98 -1.86 20.12 22.22
CA LEU B 98 -2.24 19.69 20.90
C LEU B 98 -1.96 18.19 20.79
N PRO B 99 -2.65 17.56 19.81
CA PRO B 99 -2.46 16.16 19.44
C PRO B 99 -1.19 15.92 18.67
N TYR B 100 -0.14 16.64 19.00
CA TYR B 100 1.07 16.54 18.20
C TYR B 100 2.21 16.19 19.08
N GLY B 101 3.18 15.55 18.45
CA GLY B 101 4.46 15.25 19.03
C GLY B 101 5.27 16.48 18.58
N GLY B 102 6.59 16.39 18.56
CA GLY B 102 7.42 17.52 18.17
C GLY B 102 8.59 17.12 17.22
N GLY B 103 8.78 17.92 16.18
CA GLY B 103 9.86 17.67 15.22
C GLY B 103 10.35 19.02 14.70
N LYS B 104 11.51 18.99 14.06
CA LYS B 104 12.16 20.14 13.46
C LYS B 104 12.98 19.56 12.33
N GLY B 105 13.30 20.37 11.32
CA GLY B 105 14.10 19.86 10.21
C GLY B 105 15.03 20.99 9.82
N GLY B 106 16.02 20.67 9.00
CA GLY B 106 16.98 21.66 8.57
C GLY B 106 17.87 21.15 7.46
N VAL B 107 18.30 22.11 6.64
CA VAL B 107 19.19 21.83 5.53
C VAL B 107 20.34 22.85 5.57
N ILE B 108 21.58 22.42 5.41
CA ILE B 108 22.67 23.42 5.42
C ILE B 108 22.91 24.02 4.04
N CYS B 109 22.60 25.30 3.87
CA CYS B 109 22.77 25.90 2.56
C CYS B 109 22.74 27.44 2.70
N ASN B 110 22.89 28.16 1.59
CA ASN B 110 22.71 29.61 1.62
C ASN B 110 21.58 30.01 0.69
N PRO B 111 20.35 30.09 1.22
CA PRO B 111 19.19 30.41 0.43
C PRO B 111 19.40 31.73 -0.30
N LYS B 112 20.30 32.53 0.26
CA LYS B 112 20.60 33.85 -0.28
C LYS B 112 21.37 33.87 -1.60
N GLU B 113 22.20 32.87 -1.83
CA GLU B 113 22.92 32.78 -3.09
C GLU B 113 22.20 31.85 -4.05
N MET B 114 20.95 31.56 -3.72
CA MET B 114 20.17 30.62 -4.51
C MET B 114 19.13 31.24 -5.43
N SER B 115 19.09 30.80 -6.67
CA SER B 115 18.00 31.29 -7.50
C SER B 115 16.67 30.67 -7.04
N ASP B 116 15.58 31.29 -7.46
CA ASP B 116 14.25 30.79 -7.17
C ASP B 116 14.12 29.34 -7.68
N ARG B 117 14.73 29.05 -8.83
CA ARG B 117 14.66 27.71 -9.37
C ARG B 117 15.54 26.72 -8.61
N GLU B 118 16.68 27.19 -8.13
CA GLU B 118 17.53 26.30 -7.37
C GLU B 118 16.83 25.92 -6.04
N LYS B 119 16.28 26.88 -5.33
CA LYS B 119 15.54 26.58 -4.14
C LYS B 119 14.38 25.57 -4.37
N GLU B 120 13.72 25.65 -5.51
CA GLU B 120 12.59 24.77 -5.81
C GLU B 120 13.09 23.37 -5.94
N ARG B 121 14.17 23.23 -6.67
CA ARG B 121 14.83 21.95 -6.82
C ARG B 121 15.37 21.39 -5.51
N LEU B 122 15.58 22.27 -4.53
CA LEU B 122 16.14 21.85 -3.26
C LEU B 122 14.94 21.40 -2.46
N ALA B 123 13.89 22.22 -2.49
CA ALA B 123 12.64 21.88 -1.80
C ALA B 123 12.10 20.49 -2.19
N ARG B 124 12.03 20.24 -3.48
CA ARG B 124 11.56 18.96 -3.99
C ARG B 124 12.47 17.79 -3.62
N GLY B 125 13.78 18.03 -3.53
CA GLY B 125 14.77 16.98 -3.20
C GLY B 125 14.70 16.52 -1.71
N TYR B 126 14.45 17.47 -0.84
CA TYR B 126 14.35 17.25 0.60
C TYR B 126 13.26 16.23 0.67
N VAL B 127 12.12 16.62 0.12
CA VAL B 127 10.98 15.77 0.10
C VAL B 127 11.27 14.45 -0.53
N ARG B 128 11.88 14.45 -1.69
CA ARG B 128 12.12 13.16 -2.29
C ARG B 128 13.02 12.35 -1.41
N ALA B 129 13.59 12.99 -0.40
CA ALA B 129 14.56 12.29 0.42
C ALA B 129 14.02 11.68 1.74
N ILE B 130 13.18 12.43 2.44
CA ILE B 130 12.66 12.04 3.71
C ILE B 130 11.18 11.68 3.52
N TYR B 131 10.83 11.23 2.32
CA TYR B 131 9.42 10.99 2.00
C TYR B 131 8.84 9.84 2.81
N ASP B 132 9.63 8.79 2.92
CA ASP B 132 9.25 7.64 3.73
C ASP B 132 8.93 7.91 5.17
N VAL B 133 9.23 9.09 5.71
CA VAL B 133 8.86 9.32 7.09
C VAL B 133 7.99 10.54 7.32
N ILE B 134 7.32 11.02 6.27
CA ILE B 134 6.42 12.16 6.48
C ILE B 134 5.10 11.80 5.90
N SER B 135 4.04 12.40 6.44
CA SER B 135 2.69 12.16 5.98
C SER B 135 1.84 13.04 6.88
N PRO B 136 0.56 13.18 6.54
CA PRO B 136 -0.31 14.04 7.33
C PRO B 136 -0.71 13.37 8.63
N TYR B 137 -0.28 12.14 8.80
CA TYR B 137 -0.62 11.39 10.00
C TYR B 137 0.63 11.03 10.73
N THR B 138 1.75 11.22 10.07
CA THR B 138 3.04 10.94 10.66
C THR B 138 3.81 12.20 11.13
N ASP B 139 4.23 13.02 10.17
CA ASP B 139 5.09 14.18 10.42
C ASP B 139 4.63 15.28 9.49
N ILE B 140 4.28 16.42 10.08
CA ILE B 140 3.81 17.60 9.36
C ILE B 140 4.70 18.87 9.47
N PRO B 141 5.60 19.09 8.50
CA PRO B 141 6.42 20.29 8.55
C PRO B 141 5.66 21.62 8.45
N ALA B 142 6.43 22.68 8.38
CA ALA B 142 5.94 24.04 8.21
C ALA B 142 7.13 24.86 7.76
N PRO B 143 6.94 26.16 7.61
CA PRO B 143 8.07 27.02 7.28
C PRO B 143 8.84 27.52 8.52
N ASP B 144 10.15 27.70 8.39
CA ASP B 144 10.90 28.29 9.48
C ASP B 144 11.84 29.36 8.95
N VAL B 145 13.06 29.36 9.47
CA VAL B 145 14.03 30.31 9.02
C VAL B 145 14.40 30.02 7.58
N TYR B 146 14.19 31.03 6.74
CA TYR B 146 14.52 30.99 5.32
C TYR B 146 13.71 30.07 4.41
N THR B 147 12.53 29.66 4.86
CA THR B 147 11.64 28.89 4.01
C THR B 147 10.35 29.66 4.20
N ASN B 148 9.40 29.45 3.29
CA ASN B 148 8.11 30.16 3.37
C ASN B 148 7.03 29.37 2.63
N PRO B 149 5.88 29.99 2.52
CA PRO B 149 4.78 29.42 1.75
C PRO B 149 5.19 28.92 0.37
N GLN B 150 5.85 29.74 -0.42
CA GLN B 150 6.24 29.27 -1.75
C GLN B 150 6.89 27.91 -1.63
N ILE B 151 7.79 27.86 -0.67
CA ILE B 151 8.60 26.71 -0.43
C ILE B 151 7.72 25.54 0.03
N MET B 152 6.77 25.80 0.91
CA MET B 152 5.89 24.72 1.38
C MET B 152 5.07 24.10 0.24
N ALA B 153 4.59 24.95 -0.65
CA ALA B 153 3.81 24.49 -1.79
C ALA B 153 4.66 23.60 -2.64
N TRP B 154 5.90 24.00 -2.90
CA TRP B 154 6.76 23.16 -3.74
C TRP B 154 6.94 21.83 -3.07
N MET B 155 6.97 21.85 -1.76
CA MET B 155 7.16 20.63 -0.99
C MET B 155 5.90 19.78 -1.06
N MET B 156 4.78 20.39 -0.72
CA MET B 156 3.48 19.75 -0.82
C MET B 156 3.27 19.09 -2.22
N ASP B 157 3.72 19.76 -3.26
CA ASP B 157 3.54 19.24 -4.60
C ASP B 157 4.35 17.97 -4.87
N GLU B 158 5.64 18.01 -4.58
CA GLU B 158 6.44 16.82 -4.82
C GLU B 158 5.77 15.65 -4.11
N TYR B 159 5.34 15.89 -2.87
CA TYR B 159 4.66 14.88 -2.05
C TYR B 159 3.53 14.17 -2.75
N GLU B 160 2.56 14.97 -3.20
CA GLU B 160 1.38 14.49 -3.91
C GLU B 160 1.87 13.63 -5.04
N THR B 161 2.97 14.05 -5.59
CA THR B 161 3.50 13.39 -6.74
C THR B 161 3.96 11.99 -6.34
N ILE B 162 4.42 11.82 -5.10
CA ILE B 162 4.88 10.51 -4.64
C ILE B 162 3.72 9.70 -4.00
N SER B 163 2.96 10.37 -3.13
CA SER B 163 1.83 9.77 -2.45
C SER B 163 0.76 9.36 -3.43
N ARG B 164 0.77 9.99 -4.60
CA ARG B 164 -0.26 9.76 -5.62
C ARG B 164 -1.64 10.19 -5.18
N ARG B 165 -1.71 11.11 -4.22
CA ARG B 165 -3.02 11.63 -3.86
C ARG B 165 -3.91 10.59 -3.20
N LYS B 166 -3.30 9.54 -2.67
CA LYS B 166 -4.05 8.53 -1.96
C LYS B 166 -4.33 8.92 -0.48
N ASP B 167 -4.16 10.21 -0.15
CA ASP B 167 -4.42 10.70 1.23
C ASP B 167 -4.53 12.19 1.25
N PRO B 168 -5.09 12.78 2.32
CA PRO B 168 -5.24 14.24 2.43
C PRO B 168 -3.93 15.00 2.31
N SER B 169 -3.39 14.96 1.10
CA SER B 169 -2.12 15.54 0.66
C SER B 169 -1.79 16.97 1.09
N PHE B 170 -2.79 17.85 1.04
CA PHE B 170 -2.60 19.25 1.41
C PHE B 170 -2.21 19.30 2.86
N GLY B 171 -2.47 18.21 3.56
CA GLY B 171 -2.31 18.19 5.00
C GLY B 171 -0.94 17.74 5.45
N VAL B 172 -0.12 17.27 4.51
CA VAL B 172 1.19 16.83 4.92
C VAL B 172 2.11 17.95 5.40
N ILE B 173 1.80 19.19 5.03
CA ILE B 173 2.61 20.38 5.37
C ILE B 173 1.80 21.64 5.66
N THR B 174 2.22 22.43 6.66
CA THR B 174 1.54 23.70 6.95
C THR B 174 2.27 24.93 6.43
N GLY B 175 1.69 26.09 6.74
CA GLY B 175 2.15 27.39 6.23
C GLY B 175 2.03 27.60 4.70
N LYS B 176 1.01 27.02 4.06
CA LYS B 176 0.80 27.06 2.59
C LYS B 176 0.12 28.33 2.10
N PRO B 177 0.21 28.59 0.79
CA PRO B 177 -0.50 29.76 0.26
C PRO B 177 -1.97 29.35 0.23
N PRO B 178 -2.85 30.34 0.26
CA PRO B 178 -4.30 30.10 0.32
C PRO B 178 -4.80 29.37 -0.92
N SER B 179 -4.04 29.49 -2.01
CA SER B 179 -4.38 28.83 -3.26
C SER B 179 -4.41 27.31 -3.12
N VAL B 180 -3.86 26.77 -2.04
CA VAL B 180 -3.80 25.33 -1.84
C VAL B 180 -3.89 24.82 -0.40
N GLY B 181 -4.93 25.20 0.33
CA GLY B 181 -5.01 24.70 1.70
C GLY B 181 -4.49 25.70 2.73
N GLY B 182 -3.82 26.74 2.28
CA GLY B 182 -3.31 27.76 3.19
C GLY B 182 -4.53 28.48 3.76
N ILE B 183 -4.39 29.06 4.95
CA ILE B 183 -5.52 29.75 5.57
C ILE B 183 -5.04 31.14 5.82
N VAL B 184 -5.94 32.03 6.20
CA VAL B 184 -5.51 33.42 6.28
C VAL B 184 -5.25 34.05 7.63
N ALA B 185 -5.92 33.55 8.66
CA ALA B 185 -5.76 34.14 9.98
C ALA B 185 -4.33 33.92 10.47
N ARG B 186 -3.54 33.24 9.63
CA ARG B 186 -2.15 32.90 9.93
C ARG B 186 -1.21 34.08 9.96
N MET B 187 -1.67 35.21 9.43
CA MET B 187 -0.82 36.36 9.31
C MET B 187 -0.44 37.07 10.62
N ASP B 188 -1.40 37.21 11.53
CA ASP B 188 -1.18 37.93 12.79
C ASP B 188 -1.21 36.98 14.00
N ALA B 189 -1.11 35.70 13.70
CA ALA B 189 -1.28 34.67 14.69
C ALA B 189 -0.42 34.84 15.90
N THR B 190 0.88 34.90 15.67
CA THR B 190 1.83 35.03 16.76
C THR B 190 1.57 36.25 17.67
N ALA B 191 1.25 37.38 17.07
CA ALA B 191 0.98 38.60 17.81
C ALA B 191 -0.38 38.50 18.41
N ARG B 192 -1.30 37.96 17.62
CA ARG B 192 -2.67 37.82 18.07
C ARG B 192 -2.78 36.89 19.29
N GLY B 193 -2.28 35.68 19.16
CA GLY B 193 -2.29 34.76 20.30
C GLY B 193 -1.59 35.36 21.52
N ALA B 194 -0.59 36.19 21.29
CA ALA B 194 0.13 36.82 22.39
C ALA B 194 -0.75 37.81 23.13
N SER B 195 -1.65 38.45 22.42
CA SER B 195 -2.49 39.44 23.09
C SER B 195 -3.39 38.76 24.08
N TYR B 196 -4.08 37.69 23.66
CA TYR B 196 -4.98 36.93 24.54
C TYR B 196 -4.34 36.69 25.86
N THR B 197 -3.12 36.13 25.82
CA THR B 197 -2.35 35.88 27.03
C THR B 197 -2.09 37.17 27.80
N VAL B 198 -1.81 38.25 27.07
CA VAL B 198 -1.60 39.54 27.70
C VAL B 198 -2.92 39.95 28.34
N ARG B 199 -4.02 39.63 27.66
CA ARG B 199 -5.35 39.94 28.15
C ARG B 199 -5.59 39.22 29.46
N GLU B 200 -5.31 37.91 29.47
CA GLU B 200 -5.46 37.06 30.66
C GLU B 200 -4.52 37.44 31.80
N ALA B 201 -3.29 37.77 31.47
CA ALA B 201 -2.31 38.14 32.48
C ALA B 201 -2.71 39.41 33.21
N ALA B 202 -3.39 40.30 32.49
CA ALA B 202 -3.81 41.57 33.07
C ALA B 202 -4.96 41.35 34.05
N LYS B 203 -5.62 40.21 33.92
CA LYS B 203 -6.69 39.83 34.84
C LYS B 203 -5.99 39.19 36.06
N ALA B 204 -5.04 38.31 35.78
CA ALA B 204 -4.29 37.67 36.85
C ALA B 204 -3.85 38.75 37.79
N LEU B 205 -3.57 39.91 37.21
CA LEU B 205 -3.11 41.06 37.97
C LEU B 205 -4.22 42.04 38.33
N GLY B 206 -5.45 41.75 37.94
CA GLY B 206 -6.52 42.70 38.22
C GLY B 206 -6.18 44.08 37.65
N MET B 207 -6.05 44.17 36.33
CA MET B 207 -5.76 45.46 35.71
C MET B 207 -6.41 45.61 34.36
N ASP B 208 -7.00 46.77 34.11
CA ASP B 208 -7.67 47.02 32.83
C ASP B 208 -6.68 47.70 31.91
N LEU B 209 -6.28 46.98 30.87
CA LEU B 209 -5.28 47.45 29.93
C LEU B 209 -5.61 48.75 29.26
N LYS B 210 -6.89 49.07 29.13
CA LYS B 210 -7.26 50.32 28.44
C LYS B 210 -6.61 51.53 29.05
N GLY B 211 -5.89 52.28 28.23
CA GLY B 211 -5.16 53.44 28.71
C GLY B 211 -3.77 53.06 29.25
N LYS B 212 -3.51 51.76 29.38
CA LYS B 212 -2.22 51.28 29.87
C LYS B 212 -1.12 51.38 28.81
N THR B 213 0.10 51.09 29.24
CA THR B 213 1.23 51.16 28.34
C THR B 213 1.94 49.87 27.96
N ILE B 214 2.50 49.91 26.75
CA ILE B 214 3.26 48.81 26.23
C ILE B 214 4.43 49.35 25.39
N ALA B 215 5.58 48.70 25.56
CA ALA B 215 6.78 49.05 24.83
C ALA B 215 7.28 47.80 24.14
N ILE B 216 7.45 47.91 22.84
CA ILE B 216 7.82 46.75 22.07
C ILE B 216 9.24 46.80 21.53
N GLN B 217 10.04 45.79 21.88
CA GLN B 217 11.38 45.74 21.34
C GLN B 217 11.39 44.99 19.99
N GLY B 218 11.70 45.68 18.91
CA GLY B 218 11.68 45.05 17.61
C GLY B 218 10.44 45.50 16.86
N TYR B 219 10.54 45.69 15.55
CA TYR B 219 9.37 46.10 14.78
C TYR B 219 9.26 45.34 13.52
N GLY B 220 9.01 44.05 13.66
CA GLY B 220 8.84 43.22 12.50
C GLY B 220 7.37 43.00 12.34
N ASN B 221 7.05 41.86 11.72
CA ASN B 221 5.65 41.51 11.58
C ASN B 221 5.04 41.31 12.95
N ALA B 222 5.74 40.54 13.79
CA ALA B 222 5.28 40.27 15.15
C ALA B 222 5.07 41.56 15.92
N GLY B 223 6.16 42.32 16.00
CA GLY B 223 6.15 43.57 16.73
C GLY B 223 5.10 44.51 16.14
N TYR B 224 5.16 44.69 14.84
CA TYR B 224 4.22 45.60 14.26
C TYR B 224 2.79 45.19 14.65
N TYR B 225 2.45 43.92 14.49
CA TYR B 225 1.09 43.47 14.82
C TYR B 225 0.75 43.56 16.30
N MET B 226 1.72 43.25 17.15
CA MET B 226 1.47 43.36 18.58
C MET B 226 1.09 44.80 18.86
N ALA B 227 1.87 45.72 18.29
CA ALA B 227 1.65 47.14 18.40
C ALA B 227 0.26 47.49 17.90
N LYS B 228 -0.06 47.01 16.72
CA LYS B 228 -1.33 47.35 16.11
C LYS B 228 -2.56 46.90 16.88
N ILE B 229 -2.54 45.65 17.30
CA ILE B 229 -3.65 45.07 18.03
C ILE B 229 -3.89 45.65 19.42
N MET B 230 -2.88 45.45 20.28
CA MET B 230 -2.96 45.87 21.68
C MET B 230 -3.57 47.26 21.81
N SER B 231 -3.25 48.12 20.86
CA SER B 231 -3.71 49.50 20.87
C SER B 231 -5.13 49.65 20.29
N GLU B 232 -5.32 49.13 19.10
CA GLU B 232 -6.62 49.22 18.46
C GLU B 232 -7.71 48.37 19.14
N GLU B 233 -7.36 47.16 19.56
CA GLU B 233 -8.33 46.24 20.12
C GLU B 233 -8.41 46.25 21.63
N TYR B 234 -7.29 46.43 22.29
CA TYR B 234 -7.33 46.46 23.74
C TYR B 234 -7.20 47.88 24.27
N GLY B 235 -6.99 48.83 23.35
CA GLY B 235 -6.95 50.24 23.70
C GLY B 235 -5.76 50.66 24.57
N MET B 236 -4.57 50.16 24.23
CA MET B 236 -3.36 50.54 24.95
C MET B 236 -2.60 51.68 24.24
N LYS B 237 -1.58 52.19 24.92
CA LYS B 237 -0.77 53.25 24.35
C LYS B 237 0.59 52.64 24.09
N VAL B 238 1.03 52.72 22.84
CA VAL B 238 2.35 52.25 22.46
C VAL B 238 3.22 53.48 22.56
N VAL B 239 3.95 53.58 23.66
CA VAL B 239 4.74 54.78 23.85
C VAL B 239 6.13 54.63 23.24
N ALA B 240 6.49 53.41 22.89
CA ALA B 240 7.80 53.15 22.34
C ALA B 240 7.85 51.84 21.62
N VAL B 241 8.55 51.89 20.50
CA VAL B 241 8.79 50.73 19.66
C VAL B 241 10.25 50.81 19.33
N SER B 242 10.81 49.78 18.73
CA SER B 242 12.23 49.85 18.45
C SER B 242 12.70 48.91 17.33
N ASP B 243 13.90 49.14 16.84
CA ASP B 243 14.38 48.28 15.77
C ASP B 243 15.89 48.07 15.73
N THR B 244 16.29 47.31 14.73
CA THR B 244 17.67 46.97 14.50
C THR B 244 18.61 48.14 14.89
N LYS B 245 18.17 49.36 14.61
CA LYS B 245 19.04 50.51 14.81
C LYS B 245 18.77 51.41 16.01
N GLY B 246 17.54 51.47 16.47
CA GLY B 246 17.26 52.27 17.64
C GLY B 246 15.77 52.28 17.85
N GLY B 247 15.35 52.99 18.89
CA GLY B 247 13.95 53.08 19.23
C GLY B 247 13.43 54.52 19.14
N ILE B 248 12.14 54.68 19.38
CA ILE B 248 11.51 55.98 19.38
C ILE B 248 10.58 55.95 20.58
N TYR B 249 10.34 57.12 21.15
CA TYR B 249 9.51 57.23 22.35
C TYR B 249 8.47 58.33 22.20
N ASN B 250 7.32 58.12 22.80
CA ASN B 250 6.30 59.15 22.78
C ASN B 250 5.09 58.80 23.62
N PRO B 251 5.18 59.28 24.85
CA PRO B 251 4.19 59.09 25.88
C PRO B 251 2.77 59.25 25.39
N ASP B 252 2.56 60.12 24.43
CA ASP B 252 1.22 60.31 23.91
C ASP B 252 0.82 59.05 23.15
N GLY B 253 1.82 58.22 22.86
CA GLY B 253 1.61 56.95 22.16
C GLY B 253 1.71 57.05 20.65
N LEU B 254 2.36 56.06 20.05
CA LEU B 254 2.51 56.00 18.61
C LEU B 254 1.36 55.31 17.82
N ASN B 255 1.39 55.40 16.48
CA ASN B 255 0.43 54.73 15.60
C ASN B 255 1.16 53.67 14.78
N ALA B 256 0.86 52.41 15.06
CA ALA B 256 1.57 51.29 14.47
C ALA B 256 1.79 51.38 12.99
N ASP B 257 0.79 51.88 12.29
CA ASP B 257 0.90 52.01 10.86
C ASP B 257 1.90 53.12 10.48
N GLU B 258 1.63 54.33 10.94
CA GLU B 258 2.52 55.46 10.67
C GLU B 258 3.95 55.04 10.89
N VAL B 259 4.18 54.38 12.02
CA VAL B 259 5.54 53.93 12.29
C VAL B 259 5.96 52.95 11.23
N LEU B 260 5.07 52.03 10.88
CA LEU B 260 5.45 51.05 9.89
C LEU B 260 5.83 51.64 8.53
N ALA B 261 5.14 52.68 8.09
CA ALA B 261 5.39 53.29 6.77
C ALA B 261 6.71 54.06 6.69
N TRP B 262 7.01 54.75 7.77
CA TRP B 262 8.28 55.46 7.86
C TRP B 262 9.39 54.43 7.67
N LYS B 263 9.32 53.36 8.43
CA LYS B 263 10.38 52.38 8.39
C LYS B 263 10.51 51.82 6.98
N LYS B 264 9.37 51.60 6.34
CA LYS B 264 9.39 51.06 5.00
C LYS B 264 10.13 52.05 4.13
N LYS B 265 9.61 53.27 4.09
CA LYS B 265 10.17 54.30 3.25
C LYS B 265 11.55 54.78 3.70
N THR B 266 11.79 54.71 4.99
CA THR B 266 13.02 55.21 5.58
C THR B 266 14.02 54.13 5.98
N GLY B 267 13.60 52.89 6.07
CA GLY B 267 14.54 51.86 6.47
C GLY B 267 14.63 51.66 7.99
N SER B 268 14.13 52.62 8.77
CA SER B 268 14.12 52.49 10.23
C SER B 268 13.07 53.34 10.95
N VAL B 269 12.80 52.94 12.21
CA VAL B 269 11.86 53.61 13.11
C VAL B 269 12.48 54.87 13.65
N LYS B 270 13.79 54.97 13.50
CA LYS B 270 14.55 56.13 13.96
C LYS B 270 14.12 57.44 13.32
N ASP B 271 14.18 58.50 14.10
CA ASP B 271 13.91 59.82 13.55
C ASP B 271 12.44 60.03 13.23
N PHE B 272 11.61 59.04 13.56
CA PHE B 272 10.18 59.21 13.32
C PHE B 272 9.76 60.57 13.87
N PRO B 273 8.93 61.24 13.09
CA PRO B 273 8.49 62.57 13.45
C PRO B 273 7.76 62.69 14.77
N GLY B 274 7.79 63.91 15.31
CA GLY B 274 7.13 64.19 16.58
C GLY B 274 7.67 63.34 17.74
N ALA B 275 8.29 62.22 17.38
CA ALA B 275 8.83 61.29 18.36
C ALA B 275 10.25 61.63 18.86
N THR B 276 10.64 60.94 19.93
CA THR B 276 11.94 61.09 20.61
C THR B 276 12.78 59.83 20.41
N ASN B 277 14.03 60.00 20.01
CA ASN B 277 14.92 58.85 19.80
C ASN B 277 15.56 58.36 21.11
N ILE B 278 15.63 57.04 21.29
CA ILE B 278 16.27 56.40 22.45
C ILE B 278 16.94 55.08 22.08
N THR B 279 17.73 54.53 23.00
CA THR B 279 18.40 53.27 22.70
C THR B 279 17.46 52.12 23.01
N ASN B 280 17.85 50.94 22.55
CA ASN B 280 17.07 49.75 22.85
C ASN B 280 17.08 49.55 24.36
N GLU B 281 18.28 49.50 24.93
CA GLU B 281 18.36 49.35 26.37
C GLU B 281 17.35 50.26 27.08
N GLU B 282 17.33 51.55 26.75
CA GLU B 282 16.40 52.47 27.41
C GLU B 282 14.99 51.91 27.39
N LEU B 283 14.52 51.63 26.18
CA LEU B 283 13.21 51.04 26.00
C LEU B 283 13.06 49.89 26.99
N LEU B 284 14.00 48.96 27.00
CA LEU B 284 13.93 47.86 27.95
C LEU B 284 13.66 48.37 29.38
N GLU B 285 14.32 49.46 29.75
CA GLU B 285 14.16 49.97 31.10
C GLU B 285 13.10 51.02 31.26
N LEU B 286 12.34 51.23 30.21
CA LEU B 286 11.23 52.14 30.34
C LEU B 286 10.41 51.69 31.57
N GLU B 287 9.51 52.56 32.01
CA GLU B 287 8.59 52.24 33.10
C GLU B 287 7.18 52.07 32.57
N VAL B 288 6.96 50.95 31.90
CA VAL B 288 5.70 50.67 31.24
C VAL B 288 4.98 49.54 31.89
N ASP B 289 3.70 49.45 31.60
CA ASP B 289 2.91 48.37 32.16
C ASP B 289 3.29 47.04 31.53
N VAL B 290 3.31 47.01 30.21
CA VAL B 290 3.64 45.83 29.46
C VAL B 290 4.90 46.03 28.62
N LEU B 291 5.82 45.07 28.69
CA LEU B 291 7.06 45.10 27.92
C LEU B 291 7.16 43.92 26.90
N ALA B 292 7.02 44.24 25.62
CA ALA B 292 6.99 43.19 24.59
C ALA B 292 8.24 42.98 23.75
N PRO B 293 9.11 42.12 24.26
CA PRO B 293 10.38 41.84 23.60
C PRO B 293 10.18 40.87 22.49
N SER B 294 10.20 41.35 21.27
CA SER B 294 9.99 40.45 20.15
C SER B 294 11.00 40.60 19.03
N ALA B 295 12.29 40.50 19.37
CA ALA B 295 13.37 40.66 18.40
C ALA B 295 14.47 39.66 18.58
N ILE B 296 15.19 39.80 19.69
CA ILE B 296 16.28 38.88 19.91
C ILE B 296 16.41 38.37 21.31
N GLU B 297 17.20 37.31 21.45
CA GLU B 297 17.42 36.73 22.75
C GLU B 297 18.46 37.46 23.53
N GLU B 298 18.46 37.22 24.82
CA GLU B 298 19.46 37.79 25.70
C GLU B 298 19.46 39.27 25.51
N VAL B 299 18.40 39.87 26.00
CA VAL B 299 18.31 41.30 26.01
C VAL B 299 18.01 41.62 27.45
N ILE B 300 17.41 40.64 28.14
CA ILE B 300 17.10 40.75 29.57
C ILE B 300 18.04 39.83 30.36
N THR B 301 19.09 40.40 30.97
CA THR B 301 20.15 39.64 31.67
C THR B 301 20.34 39.92 33.15
N LYS B 302 21.29 39.21 33.74
CA LYS B 302 21.63 39.45 35.14
C LYS B 302 21.94 40.93 35.29
N LYS B 303 22.58 41.46 34.25
CA LYS B 303 23.02 42.84 34.22
C LYS B 303 21.95 43.91 34.17
N ASN B 304 20.77 43.57 33.65
CA ASN B 304 19.68 44.56 33.63
C ASN B 304 18.32 44.10 34.18
N ALA B 305 18.26 42.91 34.76
CA ALA B 305 17.00 42.39 35.29
C ALA B 305 16.56 43.29 36.44
N ASP B 306 17.51 44.02 37.01
CA ASP B 306 17.22 44.94 38.11
C ASP B 306 16.57 46.25 37.65
N ASN B 307 16.78 46.62 36.38
CA ASN B 307 16.26 47.88 35.84
C ASN B 307 14.92 47.72 35.15
N ILE B 308 14.45 46.49 35.03
CA ILE B 308 13.18 46.20 34.37
C ILE B 308 12.00 46.68 35.21
N LYS B 309 11.12 47.48 34.59
CA LYS B 309 10.01 48.10 35.31
C LYS B 309 8.60 47.85 34.81
N ALA B 310 8.43 46.82 33.98
CA ALA B 310 7.12 46.45 33.44
C ALA B 310 6.36 45.54 34.41
N LYS B 311 5.02 45.58 34.37
CA LYS B 311 4.19 44.70 35.21
C LYS B 311 4.28 43.24 34.72
N ILE B 312 4.18 43.11 33.41
CA ILE B 312 4.18 41.85 32.71
C ILE B 312 5.25 41.84 31.61
N VAL B 313 6.03 40.76 31.51
CA VAL B 313 7.02 40.69 30.43
C VAL B 313 6.57 39.64 29.41
N ALA B 314 6.03 40.13 28.30
CA ALA B 314 5.51 39.30 27.22
C ALA B 314 6.55 38.87 26.23
N GLU B 315 7.10 37.66 26.43
CA GLU B 315 8.12 37.19 25.51
C GLU B 315 7.65 36.79 24.09
N LEU B 316 7.54 37.76 23.17
CA LEU B 316 7.18 37.45 21.76
C LEU B 316 8.35 36.74 21.10
N ALA B 317 9.55 37.15 21.48
CA ALA B 317 10.75 36.59 20.90
C ALA B 317 11.11 35.28 21.55
N ASN B 318 12.01 34.56 20.93
CA ASN B 318 12.46 33.32 21.50
C ASN B 318 13.70 33.63 22.35
N GLY B 319 13.60 33.36 23.66
CA GLY B 319 14.73 33.51 24.59
C GLY B 319 15.33 34.91 24.80
N PRO B 320 14.48 35.86 25.16
CA PRO B 320 14.91 37.23 25.43
C PRO B 320 15.40 37.31 26.87
N THR B 321 14.79 36.50 27.73
CA THR B 321 15.17 36.48 29.12
C THR B 321 16.05 35.31 29.45
N THR B 322 16.73 35.45 30.56
CA THR B 322 17.62 34.41 30.99
C THR B 322 17.10 33.91 32.29
N PRO B 323 17.72 32.82 32.72
CA PRO B 323 17.40 32.13 33.96
C PRO B 323 17.73 33.06 35.11
N GLU B 324 18.96 33.54 35.11
CA GLU B 324 19.38 34.46 36.14
C GLU B 324 18.41 35.65 36.19
N ALA B 325 18.09 36.21 35.03
CA ALA B 325 17.11 37.30 34.97
C ALA B 325 15.80 36.71 35.45
N ASP B 326 15.61 35.42 35.23
CA ASP B 326 14.36 34.82 35.65
C ASP B 326 14.07 35.05 37.13
N GLU B 327 14.99 34.64 37.98
CA GLU B 327 14.79 34.75 39.41
C GLU B 327 14.50 36.14 39.88
N ILE B 328 15.46 37.02 39.59
CA ILE B 328 15.38 38.42 39.93
C ILE B 328 13.99 38.98 39.64
N LEU B 329 13.55 38.72 38.42
CA LEU B 329 12.26 39.21 37.98
C LEU B 329 11.14 38.46 38.69
N TYR B 330 11.42 37.23 39.10
CA TYR B 330 10.41 36.48 39.83
C TYR B 330 10.25 37.10 41.19
N GLU B 331 11.32 37.06 41.99
CA GLU B 331 11.22 37.55 43.35
C GLU B 331 10.96 39.03 43.40
N LYS B 332 11.13 39.69 42.26
CA LYS B 332 10.85 41.11 42.15
C LYS B 332 9.36 41.33 41.92
N GLY B 333 8.65 40.28 41.50
CA GLY B 333 7.21 40.34 41.30
C GLY B 333 6.67 40.63 39.89
N ILE B 334 7.53 40.46 38.89
CA ILE B 334 7.10 40.69 37.52
C ILE B 334 6.51 39.42 36.90
N LEU B 335 5.38 39.59 36.19
CA LEU B 335 4.73 38.45 35.53
C LEU B 335 5.34 38.32 34.13
N ILE B 336 5.97 37.18 33.92
CA ILE B 336 6.64 36.89 32.68
C ILE B 336 5.76 35.86 31.99
N ILE B 337 5.58 36.00 30.70
CA ILE B 337 4.84 34.99 29.95
C ILE B 337 5.85 34.24 29.08
N PRO B 338 6.16 32.99 29.44
CA PRO B 338 7.13 32.22 28.68
C PRO B 338 6.87 32.29 27.17
N ASP B 339 7.95 32.41 26.42
CA ASP B 339 7.87 32.55 24.98
C ASP B 339 7.03 31.43 24.44
N PHE B 340 7.48 30.21 24.73
CA PHE B 340 6.83 29.00 24.25
C PHE B 340 5.37 28.81 24.59
N LEU B 341 4.83 29.74 25.34
CA LEU B 341 3.40 29.75 25.54
C LEU B 341 3.01 31.04 24.85
N CYS B 342 3.67 32.12 25.23
CA CYS B 342 3.37 33.40 24.65
C CYS B 342 3.34 33.36 23.13
N ASN B 343 4.35 32.75 22.53
CA ASN B 343 4.40 32.75 21.08
C ASN B 343 3.89 31.49 20.36
N ALA B 344 3.01 30.75 21.03
CA ALA B 344 2.46 29.49 20.48
C ALA B 344 1.29 29.69 19.52
N GLY B 345 0.92 30.95 19.31
CA GLY B 345 -0.15 31.34 18.41
C GLY B 345 0.12 30.86 16.99
N GLY B 346 1.38 30.76 16.62
CA GLY B 346 1.71 30.33 15.27
C GLY B 346 1.51 28.83 15.11
N VAL B 347 2.00 28.07 16.09
CA VAL B 347 1.88 26.62 16.05
C VAL B 347 0.43 26.16 16.23
N THR B 348 -0.38 27.00 16.87
CA THR B 348 -1.78 26.73 17.11
C THR B 348 -2.58 26.86 15.78
N VAL B 349 -2.61 28.06 15.24
CA VAL B 349 -3.27 28.28 13.97
C VAL B 349 -2.76 27.31 12.89
N SER B 350 -1.57 26.82 13.06
CA SER B 350 -1.07 25.88 12.08
C SER B 350 -1.85 24.57 12.22
N TYR B 351 -2.06 24.15 13.47
CA TYR B 351 -2.85 22.98 13.77
C TYR B 351 -4.27 23.22 13.20
N PHE B 352 -4.76 24.46 13.32
CA PHE B 352 -6.06 24.81 12.76
C PHE B 352 -6.05 24.65 11.24
N GLU B 353 -4.87 24.76 10.64
CA GLU B 353 -4.76 24.66 9.18
C GLU B 353 -4.90 23.21 8.73
N TRP B 354 -4.19 22.33 9.44
CA TRP B 354 -4.18 20.87 9.23
C TRP B 354 -5.60 20.25 9.34
N VAL B 355 -6.34 20.58 10.40
CA VAL B 355 -7.72 20.09 10.61
C VAL B 355 -8.61 20.41 9.38
N GLN B 356 -8.57 21.64 8.88
CA GLN B 356 -9.31 22.02 7.67
C GLN B 356 -8.81 21.27 6.43
N ASN B 357 -7.53 20.99 6.37
CA ASN B 357 -6.99 20.25 5.25
C ASN B 357 -7.48 18.78 5.29
N ILE B 358 -7.43 18.16 6.48
CA ILE B 358 -7.83 16.76 6.57
C ILE B 358 -9.36 16.56 6.59
N THR B 359 -10.10 17.58 7.03
CA THR B 359 -11.53 17.51 7.04
C THR B 359 -12.17 18.07 5.74
N GLY B 360 -11.40 18.86 5.00
CA GLY B 360 -11.85 19.47 3.74
C GLY B 360 -12.83 20.63 4.00
N ASP B 361 -12.98 20.97 5.27
CA ASP B 361 -13.89 22.02 5.64
C ASP B 361 -13.01 23.18 5.98
N TYR B 362 -13.40 24.35 5.49
CA TYR B 362 -12.58 25.47 5.78
C TYR B 362 -13.37 26.56 6.46
N TRP B 363 -12.77 27.12 7.49
CA TRP B 363 -13.44 28.11 8.29
C TRP B 363 -13.14 29.56 7.95
N THR B 364 -13.94 30.42 8.57
CA THR B 364 -13.82 31.87 8.45
C THR B 364 -12.74 32.38 9.39
N VAL B 365 -12.35 33.63 9.20
CA VAL B 365 -11.36 34.25 10.04
C VAL B 365 -11.88 34.41 11.46
N GLU B 366 -13.13 34.85 11.58
CA GLU B 366 -13.76 34.97 12.89
C GLU B 366 -13.88 33.62 13.67
N GLU B 367 -14.12 32.51 12.97
CA GLU B 367 -14.21 31.20 13.63
C GLU B 367 -12.82 30.91 14.17
N THR B 368 -11.87 30.85 13.26
CA THR B 368 -10.49 30.58 13.61
C THR B 368 -9.96 31.37 14.76
N ARG B 369 -10.26 32.65 14.74
CA ARG B 369 -9.80 33.52 15.80
C ARG B 369 -10.45 33.10 17.09
N ALA B 370 -11.71 32.72 16.96
CA ALA B 370 -12.52 32.29 18.08
C ALA B 370 -11.81 31.15 18.80
N LYS B 371 -11.50 30.12 18.03
CA LYS B 371 -10.85 28.95 18.55
C LYS B 371 -9.43 29.24 19.06
N LEU B 372 -8.78 30.20 18.42
CA LEU B 372 -7.42 30.55 18.81
C LEU B 372 -7.38 31.18 20.20
N ASP B 373 -8.38 31.99 20.50
CA ASP B 373 -8.48 32.65 21.80
C ASP B 373 -8.78 31.61 22.89
N LYS B 374 -9.84 30.83 22.68
CA LYS B 374 -10.18 29.76 23.61
C LYS B 374 -8.94 28.95 23.97
N LYS B 375 -8.14 28.57 22.97
CA LYS B 375 -6.95 27.74 23.17
C LYS B 375 -5.81 28.42 23.91
N MET B 376 -5.66 29.71 23.69
CA MET B 376 -4.52 30.42 24.26
C MET B 376 -4.86 30.66 25.70
N THR B 377 -6.11 31.04 25.90
CA THR B 377 -6.62 31.37 27.22
C THR B 377 -6.41 30.20 28.20
N LYS B 378 -6.86 29.03 27.79
CA LYS B 378 -6.71 27.84 28.62
C LYS B 378 -5.25 27.70 29.00
N ALA B 379 -4.43 27.51 27.98
CA ALA B 379 -3.02 27.29 28.22
C ALA B 379 -2.41 28.30 29.20
N PHE B 380 -2.86 29.55 29.17
CA PHE B 380 -2.28 30.52 30.09
C PHE B 380 -2.56 30.01 31.47
N TRP B 381 -3.85 30.02 31.78
CA TRP B 381 -4.34 29.58 33.06
C TRP B 381 -3.81 28.23 33.52
N ASP B 382 -3.69 27.29 32.61
CA ASP B 382 -3.07 26.04 32.99
C ASP B 382 -1.79 26.40 33.75
N VAL B 383 -0.83 26.99 33.04
CA VAL B 383 0.49 27.38 33.60
C VAL B 383 0.47 28.35 34.74
N TYR B 384 -0.43 29.31 34.65
CA TYR B 384 -0.54 30.30 35.72
C TYR B 384 -0.82 29.57 37.00
N ASN B 385 -1.90 28.78 36.98
CA ASN B 385 -2.28 28.03 38.15
C ASN B 385 -1.20 27.12 38.70
N THR B 386 -0.49 26.45 37.81
CA THR B 386 0.62 25.60 38.22
C THR B 386 1.74 26.41 38.90
N HIS B 387 2.06 27.57 38.35
CA HIS B 387 3.09 28.43 38.92
C HIS B 387 2.69 28.86 40.33
N LYS B 388 1.38 29.09 40.53
CA LYS B 388 0.85 29.54 41.81
C LYS B 388 1.06 28.39 42.77
N GLU B 389 0.34 27.32 42.49
CA GLU B 389 0.34 26.14 43.31
C GLU B 389 1.69 25.61 43.79
N LYS B 390 2.69 25.58 42.93
CA LYS B 390 3.97 25.02 43.33
C LYS B 390 5.02 26.05 43.73
N ASN B 391 4.61 27.32 43.67
CA ASN B 391 5.51 28.45 43.85
C ASN B 391 6.71 28.45 42.95
N ILE B 392 6.39 28.52 41.66
CA ILE B 392 7.38 28.55 40.62
C ILE B 392 6.94 29.53 39.54
N ASN B 393 7.91 29.85 38.69
CA ASN B 393 7.74 30.85 37.65
C ASN B 393 7.20 30.28 36.40
N MET B 394 6.33 31.07 35.80
CA MET B 394 5.72 30.72 34.55
C MET B 394 6.59 29.80 33.69
N ARG B 395 7.83 30.20 33.46
CA ARG B 395 8.70 29.36 32.65
C ARG B 395 8.81 27.95 33.23
N ASP B 396 9.08 27.85 34.53
CA ASP B 396 9.19 26.53 35.19
C ASP B 396 7.85 25.80 35.22
N ALA B 397 6.81 26.53 35.61
CA ALA B 397 5.43 26.02 35.51
C ALA B 397 5.24 25.39 34.12
N ALA B 398 5.29 26.21 33.09
CA ALA B 398 5.20 25.72 31.74
C ALA B 398 5.89 24.37 31.48
N TYR B 399 7.19 24.25 31.75
CA TYR B 399 7.84 22.95 31.48
C TYR B 399 7.19 21.79 32.27
N VAL B 400 6.69 22.10 33.45
CA VAL B 400 6.07 21.09 34.28
C VAL B 400 4.80 20.55 33.61
N VAL B 401 3.94 21.47 33.19
CA VAL B 401 2.72 21.10 32.48
C VAL B 401 3.03 20.29 31.22
N ALA B 402 3.92 20.81 30.40
CA ALA B 402 4.30 20.13 29.17
C ALA B 402 4.85 18.74 29.41
N VAL B 403 5.95 18.66 30.11
CA VAL B 403 6.57 17.38 30.32
C VAL B 403 5.71 16.35 31.07
N SER B 404 4.87 16.81 31.98
CA SER B 404 3.98 15.89 32.65
C SER B 404 3.12 15.23 31.58
N ARG B 405 2.49 16.07 30.76
CA ARG B 405 1.64 15.61 29.67
C ARG B 405 2.28 14.60 28.72
N VAL B 406 3.59 14.68 28.51
CA VAL B 406 4.21 13.77 27.54
C VAL B 406 4.53 12.51 28.27
N TYR B 407 4.67 12.67 29.58
CA TYR B 407 4.98 11.58 30.49
C TYR B 407 3.75 10.63 30.54
N GLN B 408 2.58 11.14 30.84
CA GLN B 408 1.38 10.31 30.94
C GLN B 408 1.19 9.50 29.69
N ALA B 409 1.41 10.10 28.55
CA ALA B 409 1.19 9.40 27.30
C ALA B 409 2.16 8.26 27.05
N MET B 410 3.44 8.46 27.36
CA MET B 410 4.39 7.42 27.09
C MET B 410 4.08 6.26 28.02
N LYS B 411 3.44 6.59 29.16
CA LYS B 411 3.05 5.62 30.18
C LYS B 411 1.86 4.82 29.68
N ASP B 412 0.76 5.53 29.40
CA ASP B 412 -0.47 4.98 28.83
C ASP B 412 -0.23 4.05 27.62
N ARG B 413 0.84 4.34 26.85
CA ARG B 413 1.27 3.54 25.67
C ARG B 413 2.17 2.41 26.12
N GLY B 414 2.71 2.55 27.33
CA GLY B 414 3.59 1.55 27.91
C GLY B 414 4.96 1.54 27.22
N TRP B 415 5.46 2.74 26.93
CA TRP B 415 6.78 2.89 26.33
C TRP B 415 7.80 2.69 27.46
N ILE B 416 7.44 3.25 28.60
CA ILE B 416 8.17 3.06 29.84
C ILE B 416 7.06 2.50 30.75
N LYS B 417 7.41 1.77 31.80
CA LYS B 417 6.36 1.22 32.63
C LYS B 417 6.04 1.97 33.91
N LYS B 418 6.88 2.95 34.23
CA LYS B 418 6.70 3.72 35.44
C LYS B 418 7.03 5.18 35.22
N GLN C 3 -12.61 18.01 -31.00
CA GLN C 3 -13.54 18.54 -32.01
C GLN C 3 -14.69 19.33 -31.39
N ASP C 4 -15.70 19.58 -32.20
CA ASP C 4 -16.78 20.47 -31.83
C ASP C 4 -16.90 20.99 -30.43
N PRO C 5 -17.62 20.27 -29.57
CA PRO C 5 -17.85 20.72 -28.20
C PRO C 5 -16.60 21.19 -27.42
N PHE C 6 -15.42 20.56 -27.63
CA PHE C 6 -14.15 20.96 -26.97
C PHE C 6 -13.56 22.25 -27.56
N GLU C 7 -13.47 22.32 -28.89
CA GLU C 7 -13.00 23.54 -29.53
C GLU C 7 -13.83 24.73 -29.02
N ILE C 8 -15.13 24.56 -28.97
CA ILE C 8 -15.96 25.62 -28.44
C ILE C 8 -15.61 25.99 -26.99
N ALA C 9 -15.33 24.97 -26.17
CA ALA C 9 -15.04 25.25 -24.78
C ALA C 9 -13.70 25.89 -24.68
N VAL C 10 -12.78 25.51 -25.58
CA VAL C 10 -11.48 26.14 -25.60
C VAL C 10 -11.57 27.62 -26.03
N LYS C 11 -12.42 27.92 -27.03
CA LYS C 11 -12.60 29.29 -27.48
C LYS C 11 -13.09 30.18 -26.36
N GLN C 12 -14.04 29.66 -25.58
CA GLN C 12 -14.58 30.42 -24.48
C GLN C 12 -13.45 30.83 -23.57
N LEU C 13 -12.50 29.91 -23.35
CA LEU C 13 -11.37 30.18 -22.47
C LEU C 13 -10.50 31.28 -23.04
N GLU C 14 -10.12 31.10 -24.30
CA GLU C 14 -9.29 32.04 -25.04
C GLU C 14 -9.80 33.49 -24.97
N ARG C 15 -11.10 33.66 -25.17
CA ARG C 15 -11.68 34.99 -25.06
C ARG C 15 -11.65 35.61 -23.66
N ALA C 16 -11.84 34.80 -22.63
CA ALA C 16 -11.86 35.32 -21.29
C ALA C 16 -10.47 35.82 -21.03
N ALA C 17 -9.52 35.05 -21.53
CA ALA C 17 -8.10 35.31 -21.35
C ALA C 17 -7.79 36.76 -21.67
N GLN C 18 -8.45 37.26 -22.70
CA GLN C 18 -8.24 38.63 -23.13
C GLN C 18 -8.58 39.67 -22.10
N TYR C 19 -9.41 39.33 -21.15
CA TYR C 19 -9.74 40.32 -20.14
C TYR C 19 -8.86 40.17 -18.95
N MET C 20 -7.72 39.50 -19.11
CA MET C 20 -6.82 39.35 -17.99
C MET C 20 -5.34 39.10 -18.27
N ASP C 21 -4.56 39.20 -17.19
CA ASP C 21 -3.12 38.98 -17.22
C ASP C 21 -2.86 37.51 -16.90
N ILE C 22 -2.36 36.77 -17.86
CA ILE C 22 -2.06 35.38 -17.61
C ILE C 22 -1.08 34.91 -18.67
N SER C 23 0.02 34.28 -18.26
CA SER C 23 1.01 33.76 -19.22
C SER C 23 0.37 32.96 -20.33
N GLU C 24 1.16 32.74 -21.36
CA GLU C 24 0.77 31.88 -22.46
C GLU C 24 1.00 30.48 -21.94
N GLU C 25 2.00 30.40 -21.07
CA GLU C 25 2.41 29.16 -20.45
C GLU C 25 1.16 28.60 -19.83
N ALA C 26 0.51 29.42 -19.02
CA ALA C 26 -0.69 28.99 -18.32
C ALA C 26 -1.81 28.66 -19.26
N LEU C 27 -2.00 29.50 -20.27
CA LEU C 27 -3.07 29.31 -21.25
C LEU C 27 -2.90 27.97 -21.93
N GLU C 28 -1.68 27.69 -22.34
CA GLU C 28 -1.42 26.44 -23.04
C GLU C 28 -1.65 25.24 -22.15
N PHE C 29 -1.43 25.42 -20.86
CA PHE C 29 -1.60 24.32 -19.93
C PHE C 29 -3.11 24.07 -19.79
N LEU C 30 -3.82 25.14 -19.47
CA LEU C 30 -5.27 25.12 -19.26
C LEU C 30 -6.14 24.64 -20.44
N LYS C 31 -5.52 24.39 -21.59
CA LYS C 31 -6.28 24.04 -22.80
C LYS C 31 -6.32 22.54 -23.01
N ARG C 32 -5.66 21.83 -22.12
CA ARG C 32 -5.59 20.40 -22.26
C ARG C 32 -5.85 19.76 -20.89
N PRO C 33 -6.80 18.83 -20.85
CA PRO C 33 -7.05 18.12 -19.61
C PRO C 33 -5.75 17.40 -19.17
N GLN C 34 -5.51 17.38 -17.85
CA GLN C 34 -4.33 16.72 -17.29
C GLN C 34 -4.25 15.24 -17.60
N ARG C 35 -5.36 14.51 -17.37
CA ARG C 35 -5.37 13.05 -17.61
C ARG C 35 -6.60 12.51 -18.30
N ILE C 36 -6.41 11.54 -19.18
CA ILE C 36 -7.57 10.89 -19.81
C ILE C 36 -7.41 9.39 -19.81
N VAL C 37 -8.42 8.69 -19.29
CA VAL C 37 -8.41 7.22 -19.31
C VAL C 37 -9.59 6.77 -20.16
N GLU C 38 -9.33 5.85 -21.06
CA GLU C 38 -10.42 5.36 -21.85
C GLU C 38 -10.31 3.85 -21.78
N VAL C 39 -11.40 3.22 -21.36
CA VAL C 39 -11.47 1.79 -21.13
C VAL C 39 -12.59 1.14 -21.92
N SER C 40 -12.42 -0.19 -22.13
CA SER C 40 -13.39 -1.10 -22.73
C SER C 40 -13.87 -2.02 -21.57
N ILE C 41 -15.17 -1.94 -21.29
CA ILE C 41 -15.80 -2.62 -20.17
C ILE C 41 -16.66 -3.81 -20.64
N PRO C 42 -16.23 -5.06 -20.38
CA PRO C 42 -17.00 -6.23 -20.83
C PRO C 42 -18.08 -6.67 -19.86
N VAL C 43 -19.35 -6.54 -20.26
CA VAL C 43 -20.47 -6.93 -19.41
C VAL C 43 -21.16 -8.23 -19.85
N GLU C 44 -21.61 -8.98 -18.87
CA GLU C 44 -22.30 -10.22 -19.10
C GLU C 44 -23.74 -9.77 -19.18
N MET C 45 -24.34 -9.95 -20.34
CA MET C 45 -25.69 -9.49 -20.45
C MET C 45 -26.62 -10.58 -19.99
N ASP C 46 -27.89 -10.20 -19.88
CA ASP C 46 -28.93 -11.05 -19.34
C ASP C 46 -29.06 -12.37 -20.08
N ASP C 47 -28.90 -12.32 -21.38
CA ASP C 47 -28.98 -13.53 -22.17
C ASP C 47 -27.79 -14.50 -22.01
N GLY C 48 -26.75 -14.08 -21.28
CA GLY C 48 -25.56 -14.90 -21.09
C GLY C 48 -24.35 -14.59 -22.03
N SER C 49 -24.46 -13.58 -22.87
CA SER C 49 -23.32 -13.23 -23.71
C SER C 49 -22.57 -12.05 -23.07
N VAL C 50 -21.32 -11.84 -23.48
CA VAL C 50 -20.53 -10.72 -22.98
C VAL C 50 -20.49 -9.57 -24.00
N LYS C 51 -20.95 -8.41 -23.59
CA LYS C 51 -20.95 -7.22 -24.44
C LYS C 51 -19.93 -6.21 -23.91
N VAL C 52 -18.99 -5.77 -24.75
CA VAL C 52 -18.00 -4.78 -24.31
C VAL C 52 -18.46 -3.36 -24.51
N PHE C 53 -18.37 -2.55 -23.46
CA PHE C 53 -18.73 -1.14 -23.53
C PHE C 53 -17.50 -0.23 -23.44
N THR C 54 -17.64 0.99 -23.92
CA THR C 54 -16.52 1.90 -23.92
C THR C 54 -16.74 3.06 -23.00
N GLY C 55 -15.82 3.29 -22.06
CA GLY C 55 -15.99 4.39 -21.12
C GLY C 55 -14.79 5.35 -21.03
N PHE C 56 -14.99 6.43 -20.29
CA PHE C 56 -13.91 7.36 -20.07
C PHE C 56 -14.09 8.10 -18.76
N ARG C 57 -12.98 8.58 -18.22
CA ARG C 57 -12.94 9.45 -17.04
C ARG C 57 -11.96 10.51 -17.46
N VAL C 58 -12.39 11.75 -17.47
CA VAL C 58 -11.43 12.77 -17.86
C VAL C 58 -11.14 13.55 -16.59
N GLN C 59 -9.85 13.66 -16.27
CA GLN C 59 -9.36 14.43 -15.12
C GLN C 59 -8.72 15.74 -15.64
N TYR C 60 -9.53 16.78 -15.70
CA TYR C 60 -9.12 18.04 -16.32
C TYR C 60 -7.97 18.75 -15.66
N ASN C 61 -8.18 19.20 -14.42
CA ASN C 61 -7.18 19.95 -13.68
C ASN C 61 -7.29 19.69 -12.19
N TRP C 62 -6.20 19.28 -11.54
CA TRP C 62 -6.27 19.07 -10.09
C TRP C 62 -5.37 19.92 -9.27
N ALA C 63 -5.15 21.12 -9.77
CA ALA C 63 -4.33 22.07 -9.06
C ALA C 63 -4.96 22.46 -7.72
N ARG C 64 -6.28 22.65 -7.70
CA ARG C 64 -7.00 23.16 -6.52
C ARG C 64 -7.44 22.13 -5.50
N GLY C 65 -7.41 20.87 -5.89
CA GLY C 65 -7.87 19.83 -5.02
C GLY C 65 -8.23 18.66 -5.92
N PRO C 66 -8.91 17.68 -5.35
CA PRO C 66 -9.33 16.56 -6.15
C PRO C 66 -10.45 16.94 -7.15
N THR C 67 -10.44 16.27 -8.29
CA THR C 67 -11.40 16.55 -9.34
C THR C 67 -12.75 16.00 -8.97
N LYS C 68 -13.77 16.83 -9.19
CA LYS C 68 -15.15 16.50 -8.90
C LYS C 68 -15.89 16.41 -10.22
N GLY C 69 -16.66 15.36 -10.46
CA GLY C 69 -17.40 15.33 -11.71
C GLY C 69 -18.18 14.09 -11.98
N GLY C 70 -19.42 14.33 -12.41
CA GLY C 70 -20.41 13.30 -12.77
C GLY C 70 -20.18 12.32 -13.92
N ILE C 71 -21.08 11.33 -13.97
CA ILE C 71 -21.06 10.26 -14.97
C ILE C 71 -22.29 10.24 -15.87
N ARG C 72 -22.02 10.11 -17.15
CA ARG C 72 -23.05 10.20 -18.12
C ARG C 72 -23.16 8.86 -18.76
N TRP C 73 -24.39 8.41 -18.92
CA TRP C 73 -24.63 7.16 -19.60
C TRP C 73 -25.45 7.59 -20.79
N HIS C 74 -24.93 7.40 -22.00
CA HIS C 74 -25.62 7.89 -23.17
C HIS C 74 -25.17 7.34 -24.51
N PRO C 75 -26.11 6.90 -25.32
CA PRO C 75 -25.77 6.29 -26.61
C PRO C 75 -25.06 7.26 -27.50
N GLU C 76 -25.23 8.55 -27.27
CA GLU C 76 -24.58 9.52 -28.15
C GLU C 76 -23.28 10.14 -27.64
N GLU C 77 -22.68 9.55 -26.62
CA GLU C 77 -21.55 10.20 -25.96
C GLU C 77 -20.23 10.19 -26.71
N THR C 78 -19.41 11.22 -26.44
CA THR C 78 -18.06 11.36 -27.01
C THR C 78 -17.08 11.88 -26.00
N LEU C 79 -15.82 11.58 -26.25
CA LEU C 79 -14.75 12.09 -25.41
C LEU C 79 -14.70 13.61 -25.42
N SER C 80 -15.02 14.21 -26.56
CA SER C 80 -14.97 15.67 -26.66
C SER C 80 -16.06 16.29 -25.83
N THR C 81 -17.18 15.61 -25.74
CA THR C 81 -18.25 16.15 -24.93
C THR C 81 -17.76 15.93 -23.53
N VAL C 82 -17.10 14.81 -23.33
CA VAL C 82 -16.62 14.53 -21.99
C VAL C 82 -15.53 15.55 -21.64
N LYS C 83 -14.53 15.71 -22.50
CA LYS C 83 -13.50 16.71 -22.22
C LYS C 83 -14.09 18.11 -21.99
N ALA C 84 -15.00 18.50 -22.85
CA ALA C 84 -15.62 19.82 -22.75
C ALA C 84 -16.17 20.11 -21.41
N LEU C 85 -16.91 19.15 -20.89
CA LEU C 85 -17.62 19.30 -19.61
C LEU C 85 -16.73 19.24 -18.37
N ALA C 86 -15.58 18.57 -18.51
CA ALA C 86 -14.53 18.42 -17.49
C ALA C 86 -13.83 19.77 -17.30
N ALA C 87 -13.62 20.47 -18.41
CA ALA C 87 -13.05 21.79 -18.37
C ALA C 87 -14.09 22.70 -17.73
N TRP C 88 -15.35 22.45 -18.02
CA TRP C 88 -16.41 23.23 -17.39
C TRP C 88 -16.49 23.03 -15.86
N MET C 89 -16.39 21.79 -15.44
CA MET C 89 -16.48 21.52 -14.02
C MET C 89 -15.39 22.36 -13.41
N THR C 90 -14.21 22.30 -14.04
CA THR C 90 -13.05 23.09 -13.58
C THR C 90 -13.37 24.54 -13.25
N TRP C 91 -14.08 25.23 -14.13
CA TRP C 91 -14.48 26.59 -13.80
C TRP C 91 -15.55 26.64 -12.68
N LYS C 92 -16.48 25.69 -12.71
CA LYS C 92 -17.51 25.71 -11.68
C LYS C 92 -16.95 25.57 -10.25
N THR C 93 -16.13 24.56 -10.03
CA THR C 93 -15.61 24.33 -8.68
C THR C 93 -14.76 25.52 -8.23
N ALA C 94 -14.07 26.11 -9.20
CA ALA C 94 -13.29 27.32 -8.99
C ALA C 94 -14.14 28.53 -8.56
N VAL C 95 -15.19 28.83 -9.34
CA VAL C 95 -16.08 29.95 -9.03
C VAL C 95 -16.75 29.75 -7.65
N MET C 96 -16.96 28.50 -7.27
CA MET C 96 -17.53 28.27 -5.96
C MET C 96 -16.41 28.29 -4.94
N ASP C 97 -15.20 28.30 -5.44
CA ASP C 97 -14.06 28.38 -4.57
C ASP C 97 -14.04 27.20 -3.61
N LEU C 98 -14.25 26.02 -4.17
CA LEU C 98 -14.18 24.79 -3.38
C LEU C 98 -12.75 24.24 -3.53
N PRO C 99 -12.40 23.24 -2.71
CA PRO C 99 -11.09 22.62 -2.77
C PRO C 99 -11.05 21.52 -3.79
N TYR C 100 -11.60 21.75 -4.99
CA TYR C 100 -11.66 20.68 -5.96
C TYR C 100 -11.09 21.08 -7.27
N GLY C 101 -10.62 20.10 -8.03
CA GLY C 101 -10.24 20.26 -9.42
C GLY C 101 -11.54 19.91 -10.20
N GLY C 102 -11.46 19.54 -11.48
CA GLY C 102 -12.68 19.27 -12.30
C GLY C 102 -12.58 18.04 -13.18
N GLY C 103 -13.62 17.23 -13.24
CA GLY C 103 -13.49 16.01 -14.03
C GLY C 103 -14.88 15.60 -14.46
N LYS C 104 -14.93 14.58 -15.30
CA LYS C 104 -16.20 14.10 -15.79
C LYS C 104 -15.97 12.75 -16.39
N GLY C 105 -17.00 11.90 -16.31
CA GLY C 105 -16.92 10.55 -16.88
C GLY C 105 -18.09 10.26 -17.84
N GLY C 106 -17.95 9.18 -18.59
CA GLY C 106 -19.00 8.77 -19.50
C GLY C 106 -18.80 7.38 -20.06
N VAL C 107 -19.93 6.74 -20.33
CA VAL C 107 -19.96 5.44 -21.00
C VAL C 107 -20.93 5.54 -22.19
N ILE C 108 -20.60 4.90 -23.31
CA ILE C 108 -21.51 4.91 -24.45
C ILE C 108 -22.42 3.70 -24.47
N CYS C 109 -23.68 3.94 -24.12
CA CYS C 109 -24.67 2.89 -23.90
C CYS C 109 -26.14 3.36 -23.93
N ASN C 110 -27.09 2.44 -24.21
CA ASN C 110 -28.53 2.77 -24.12
C ASN C 110 -29.24 2.13 -22.90
N PRO C 111 -29.07 2.81 -21.79
CA PRO C 111 -29.54 2.34 -20.49
C PRO C 111 -31.00 2.04 -20.56
N LYS C 112 -31.68 2.67 -21.50
CA LYS C 112 -33.11 2.43 -21.58
C LYS C 112 -33.41 1.03 -22.07
N GLU C 113 -32.51 0.47 -22.87
CA GLU C 113 -32.65 -0.93 -23.29
C GLU C 113 -31.91 -1.86 -22.34
N MET C 114 -31.73 -1.43 -21.09
CA MET C 114 -30.93 -2.22 -20.13
C MET C 114 -31.70 -2.70 -18.91
N SER C 115 -31.47 -3.96 -18.54
CA SER C 115 -32.09 -4.53 -17.34
C SER C 115 -31.37 -4.03 -16.10
N ASP C 116 -32.08 -3.94 -15.00
CA ASP C 116 -31.49 -3.42 -13.78
C ASP C 116 -30.23 -4.13 -13.37
N ARG C 117 -30.09 -5.36 -13.83
CA ARG C 117 -28.94 -6.20 -13.51
C ARG C 117 -27.74 -5.85 -14.37
N GLU C 118 -28.01 -5.63 -15.66
CA GLU C 118 -27.00 -5.25 -16.62
C GLU C 118 -26.41 -3.88 -16.24
N LYS C 119 -27.26 -3.05 -15.66
CA LYS C 119 -26.87 -1.73 -15.20
C LYS C 119 -25.99 -1.84 -13.96
N GLU C 120 -26.28 -2.77 -13.07
CA GLU C 120 -25.44 -2.86 -11.90
C GLU C 120 -24.11 -3.43 -12.35
N ARG C 121 -24.17 -4.35 -13.28
CA ARG C 121 -22.94 -4.89 -13.83
C ARG C 121 -22.14 -3.82 -14.55
N LEU C 122 -22.80 -3.00 -15.35
CA LEU C 122 -22.07 -1.97 -16.05
C LEU C 122 -21.38 -1.00 -15.07
N ALA C 123 -22.11 -0.56 -14.06
CA ALA C 123 -21.59 0.30 -13.00
C ALA C 123 -20.38 -0.28 -12.29
N ARG C 124 -20.48 -1.53 -11.84
CA ARG C 124 -19.35 -2.21 -11.19
C ARG C 124 -18.19 -2.39 -12.15
N GLY C 125 -18.50 -2.51 -13.46
CA GLY C 125 -17.49 -2.68 -14.52
C GLY C 125 -16.65 -1.40 -14.66
N TYR C 126 -17.35 -0.27 -14.66
CA TYR C 126 -16.72 1.03 -14.77
C TYR C 126 -15.66 1.03 -13.74
N VAL C 127 -16.13 0.99 -12.50
CA VAL C 127 -15.24 0.91 -11.38
C VAL C 127 -14.08 -0.10 -11.43
N ARG C 128 -14.36 -1.35 -11.78
CA ARG C 128 -13.25 -2.26 -11.87
C ARG C 128 -12.20 -1.77 -12.88
N ALA C 129 -12.57 -0.77 -13.68
CA ALA C 129 -11.71 -0.31 -14.78
C ALA C 129 -10.89 0.95 -14.58
N ILE C 130 -11.42 1.90 -13.82
CA ILE C 130 -10.72 3.13 -13.56
C ILE C 130 -10.41 3.21 -12.09
N TYR C 131 -10.47 2.07 -11.42
CA TYR C 131 -10.25 2.06 -10.00
C TYR C 131 -8.94 2.74 -9.69
N ASP C 132 -7.90 2.43 -10.47
CA ASP C 132 -6.56 3.00 -10.27
C ASP C 132 -6.39 4.56 -10.24
N VAL C 133 -7.42 5.32 -10.62
CA VAL C 133 -7.29 6.78 -10.64
C VAL C 133 -8.37 7.49 -9.87
N ILE C 134 -9.15 6.73 -9.10
CA ILE C 134 -10.21 7.27 -8.23
C ILE C 134 -9.96 6.94 -6.78
N SER C 135 -10.45 7.81 -5.92
CA SER C 135 -10.28 7.64 -4.52
C SER C 135 -10.94 8.88 -3.99
N PRO C 136 -11.15 8.90 -2.70
CA PRO C 136 -11.84 10.04 -2.12
C PRO C 136 -10.89 11.25 -1.98
N TYR C 137 -9.62 11.07 -2.33
CA TYR C 137 -8.66 12.16 -2.23
C TYR C 137 -8.03 12.35 -3.55
N THR C 138 -8.62 11.73 -4.56
CA THR C 138 -8.14 11.79 -5.94
C THR C 138 -9.16 12.21 -7.04
N ASP C 139 -10.40 11.70 -6.96
CA ASP C 139 -11.45 11.88 -8.00
C ASP C 139 -12.74 11.26 -7.41
N ILE C 140 -13.73 12.12 -7.17
CA ILE C 140 -15.00 11.79 -6.56
C ILE C 140 -16.10 11.99 -7.63
N PRO C 141 -16.59 10.91 -8.26
CA PRO C 141 -17.62 11.07 -9.29
C PRO C 141 -18.93 11.36 -8.65
N ALA C 142 -19.96 11.33 -9.46
CA ALA C 142 -21.34 11.60 -9.01
C ALA C 142 -22.30 11.27 -10.16
N PRO C 143 -23.59 11.51 -9.98
CA PRO C 143 -24.56 11.20 -11.03
C PRO C 143 -24.77 12.31 -12.06
N ASP C 144 -25.10 11.90 -13.29
CA ASP C 144 -25.45 12.83 -14.36
C ASP C 144 -26.41 12.08 -15.29
N VAL C 145 -26.46 12.51 -16.54
CA VAL C 145 -27.30 11.91 -17.56
C VAL C 145 -27.31 10.43 -17.40
N TYR C 146 -28.52 9.95 -17.09
CA TYR C 146 -28.85 8.53 -16.95
C TYR C 146 -28.31 7.73 -15.78
N THR C 147 -27.57 8.42 -14.91
CA THR C 147 -27.04 7.78 -13.72
C THR C 147 -27.75 8.45 -12.59
N ASN C 148 -27.75 7.78 -11.45
CA ASN C 148 -28.48 8.23 -10.29
C ASN C 148 -27.83 7.61 -9.07
N PRO C 149 -28.54 7.75 -7.96
CA PRO C 149 -28.14 7.17 -6.67
C PRO C 149 -27.98 5.65 -6.64
N GLN C 150 -28.96 4.91 -7.14
CA GLN C 150 -28.84 3.46 -7.17
C GLN C 150 -27.53 3.16 -7.85
N ILE C 151 -27.23 3.96 -8.87
CA ILE C 151 -25.99 3.74 -9.59
C ILE C 151 -24.74 4.09 -8.77
N MET C 152 -24.78 5.18 -8.02
CA MET C 152 -23.63 5.55 -7.20
C MET C 152 -23.43 4.49 -6.12
N ALA C 153 -24.52 4.03 -5.53
CA ALA C 153 -24.43 3.00 -4.49
C ALA C 153 -23.79 1.73 -5.00
N TRP C 154 -24.02 1.37 -6.25
CA TRP C 154 -23.37 0.15 -6.71
C TRP C 154 -21.86 0.31 -6.92
N MET C 155 -21.49 1.52 -7.37
CA MET C 155 -20.12 1.86 -7.69
C MET C 155 -19.28 1.96 -6.40
N MET C 156 -19.79 2.71 -5.43
CA MET C 156 -19.13 2.73 -4.13
C MET C 156 -18.95 1.30 -3.59
N ASP C 157 -19.98 0.48 -3.75
CA ASP C 157 -19.90 -0.87 -3.24
C ASP C 157 -18.72 -1.64 -3.80
N GLU C 158 -18.56 -1.62 -5.12
CA GLU C 158 -17.43 -2.34 -5.73
C GLU C 158 -16.05 -1.75 -5.40
N TYR C 159 -16.02 -0.44 -5.12
CA TYR C 159 -14.80 0.25 -4.74
C TYR C 159 -14.38 -0.22 -3.33
N GLU C 160 -15.34 -0.25 -2.40
CA GLU C 160 -15.15 -0.76 -1.02
C GLU C 160 -14.54 -2.15 -1.12
N THR C 161 -15.05 -2.89 -2.10
CA THR C 161 -14.60 -4.26 -2.36
C THR C 161 -13.15 -4.29 -2.85
N ILE C 162 -12.75 -3.29 -3.62
CA ILE C 162 -11.41 -3.26 -4.17
C ILE C 162 -10.43 -2.56 -3.20
N SER C 163 -10.88 -1.47 -2.60
CA SER C 163 -10.03 -0.77 -1.63
C SER C 163 -9.95 -1.50 -0.29
N ARG C 164 -10.74 -2.55 -0.11
CA ARG C 164 -10.75 -3.29 1.14
C ARG C 164 -11.06 -2.45 2.38
N ARG C 165 -11.71 -1.31 2.19
CA ARG C 165 -12.13 -0.49 3.33
C ARG C 165 -10.98 0.14 4.13
N LYS C 166 -9.84 0.28 3.48
CA LYS C 166 -8.70 0.90 4.11
C LYS C 166 -8.81 2.46 4.08
N ASP C 167 -9.92 3.00 3.56
CA ASP C 167 -10.17 4.46 3.48
C ASP C 167 -11.64 4.85 3.66
N PRO C 168 -11.92 6.16 3.74
CA PRO C 168 -13.33 6.61 3.93
C PRO C 168 -14.07 6.36 2.63
N SER C 169 -14.42 5.10 2.46
CA SER C 169 -15.08 4.61 1.26
C SER C 169 -16.28 5.44 0.82
N PHE C 170 -17.10 5.84 1.78
CA PHE C 170 -18.30 6.52 1.40
C PHE C 170 -17.95 7.73 0.59
N GLY C 171 -16.78 8.28 0.87
CA GLY C 171 -16.35 9.51 0.23
C GLY C 171 -15.91 9.44 -1.24
N VAL C 172 -15.86 8.25 -1.82
CA VAL C 172 -15.34 8.15 -3.17
C VAL C 172 -16.29 8.59 -4.27
N ILE C 173 -17.53 8.81 -3.88
CA ILE C 173 -18.54 9.14 -4.85
C ILE C 173 -19.68 9.76 -4.12
N THR C 174 -20.40 10.64 -4.82
CA THR C 174 -21.54 11.38 -4.26
C THR C 174 -22.88 11.14 -5.00
N GLY C 175 -23.96 11.71 -4.47
CA GLY C 175 -25.28 11.50 -5.05
C GLY C 175 -25.72 10.13 -4.55
N LYS C 176 -25.31 9.80 -3.34
CA LYS C 176 -25.55 8.51 -2.73
C LYS C 176 -26.90 8.53 -2.03
N PRO C 177 -27.51 7.37 -1.99
CA PRO C 177 -28.74 7.15 -1.25
C PRO C 177 -28.33 7.35 0.20
N PRO C 178 -29.25 7.88 0.99
CA PRO C 178 -29.02 8.16 2.41
C PRO C 178 -28.65 6.99 3.29
N SER C 179 -29.05 5.80 2.89
CA SER C 179 -28.71 4.61 3.65
C SER C 179 -27.19 4.37 3.68
N VAL C 180 -26.45 5.11 2.85
CA VAL C 180 -25.00 4.95 2.83
C VAL C 180 -24.20 6.23 2.58
N GLY C 181 -24.44 7.27 3.36
CA GLY C 181 -23.67 8.50 3.26
C GLY C 181 -24.28 9.54 2.37
N GLY C 182 -25.43 9.21 1.80
CA GLY C 182 -26.09 10.13 0.91
C GLY C 182 -26.71 11.14 1.82
N ILE C 183 -26.91 12.36 1.33
CA ILE C 183 -27.50 13.42 2.15
C ILE C 183 -28.85 13.89 1.61
N VAL C 184 -29.64 14.53 2.46
CA VAL C 184 -30.98 14.92 2.10
C VAL C 184 -31.19 16.24 1.39
N ALA C 185 -30.46 17.28 1.77
CA ALA C 185 -30.66 18.55 1.11
C ALA C 185 -30.41 18.43 -0.40
N ARG C 186 -29.84 17.28 -0.78
CA ARG C 186 -29.45 17.05 -2.15
C ARG C 186 -30.59 17.13 -3.12
N MET C 187 -31.81 17.15 -2.62
CA MET C 187 -32.90 17.14 -3.55
C MET C 187 -33.29 18.47 -4.17
N ASP C 188 -33.38 19.50 -3.37
CA ASP C 188 -33.77 20.75 -3.96
C ASP C 188 -32.57 21.61 -4.37
N ALA C 189 -31.37 21.14 -4.03
CA ALA C 189 -30.12 21.86 -4.27
C ALA C 189 -30.01 22.88 -5.42
N THR C 190 -30.09 22.42 -6.67
CA THR C 190 -29.92 23.33 -7.81
C THR C 190 -30.74 24.62 -7.74
N ALA C 191 -32.04 24.43 -7.56
CA ALA C 191 -32.98 25.51 -7.48
C ALA C 191 -32.69 26.32 -6.23
N ARG C 192 -32.62 25.65 -5.08
CA ARG C 192 -32.41 26.39 -3.85
C ARG C 192 -31.15 27.23 -3.89
N GLY C 193 -30.08 26.68 -4.46
CA GLY C 193 -28.86 27.42 -4.64
C GLY C 193 -29.23 28.54 -5.59
N ALA C 194 -29.87 28.18 -6.70
CA ALA C 194 -30.29 29.16 -7.69
C ALA C 194 -31.14 30.29 -7.11
N SER C 195 -31.87 30.01 -6.02
CA SER C 195 -32.72 31.02 -5.41
C SER C 195 -31.93 32.08 -4.67
N TYR C 196 -30.82 31.65 -4.08
CA TYR C 196 -29.96 32.53 -3.31
C TYR C 196 -29.29 33.60 -4.20
N THR C 197 -29.02 33.24 -5.44
CA THR C 197 -28.38 34.16 -6.36
C THR C 197 -29.38 35.23 -6.73
N VAL C 198 -30.61 34.80 -6.99
CA VAL C 198 -31.68 35.72 -7.39
C VAL C 198 -31.99 36.64 -6.22
N ARG C 199 -31.78 36.15 -5.01
CA ARG C 199 -31.96 37.03 -3.87
C ARG C 199 -30.89 38.14 -3.90
N GLU C 200 -29.62 37.79 -4.07
CA GLU C 200 -28.53 38.79 -4.11
C GLU C 200 -28.61 39.73 -5.31
N ALA C 201 -29.09 39.21 -6.44
CA ALA C 201 -29.24 39.99 -7.67
C ALA C 201 -30.23 41.13 -7.51
N ALA C 202 -31.32 40.86 -6.82
CA ALA C 202 -32.34 41.88 -6.58
C ALA C 202 -31.85 42.90 -5.57
N LYS C 203 -30.92 42.47 -4.71
CA LYS C 203 -30.30 43.34 -3.73
C LYS C 203 -29.41 44.26 -4.51
N ALA C 204 -28.69 43.67 -5.47
CA ALA C 204 -27.83 44.42 -6.38
C ALA C 204 -28.67 45.44 -7.16
N LEU C 205 -29.71 44.96 -7.84
CA LEU C 205 -30.64 45.78 -8.62
C LEU C 205 -31.49 46.70 -7.76
N GLY C 206 -31.15 46.80 -6.47
CA GLY C 206 -31.91 47.62 -5.52
C GLY C 206 -33.41 47.43 -5.75
N MET C 207 -33.87 46.17 -5.70
CA MET C 207 -35.27 45.83 -5.95
C MET C 207 -35.77 44.70 -5.04
N ASP C 208 -37.09 44.65 -4.81
CA ASP C 208 -37.66 43.63 -3.93
C ASP C 208 -38.55 42.59 -4.56
N LEU C 209 -38.13 41.34 -4.42
CA LEU C 209 -38.84 40.20 -4.97
C LEU C 209 -40.26 40.00 -4.42
N LYS C 210 -40.50 40.39 -3.18
CA LYS C 210 -41.85 40.21 -2.68
C LYS C 210 -42.74 40.96 -3.65
N GLY C 211 -43.59 40.20 -4.35
CA GLY C 211 -44.54 40.80 -5.28
C GLY C 211 -44.06 40.73 -6.71
N LYS C 212 -42.79 40.40 -6.87
CA LYS C 212 -42.22 40.35 -8.19
C LYS C 212 -42.65 39.10 -8.98
N THR C 213 -42.59 39.20 -10.28
CA THR C 213 -43.05 38.14 -11.12
C THR C 213 -41.90 37.31 -11.63
N ILE C 214 -42.19 36.04 -11.90
CA ILE C 214 -41.21 35.15 -12.52
C ILE C 214 -41.82 34.12 -13.44
N ALA C 215 -41.22 33.97 -14.62
CA ALA C 215 -41.61 32.94 -15.56
C ALA C 215 -40.59 31.85 -15.35
N ILE C 216 -40.96 30.63 -15.70
CA ILE C 216 -40.07 29.51 -15.58
C ILE C 216 -40.22 28.61 -16.75
N GLN C 217 -39.22 28.60 -17.63
CA GLN C 217 -39.28 27.70 -18.77
C GLN C 217 -38.88 26.31 -18.30
N GLY C 218 -39.66 25.31 -18.71
CA GLY C 218 -39.43 23.95 -18.30
C GLY C 218 -40.06 23.78 -16.93
N TYR C 219 -40.53 22.57 -16.65
CA TYR C 219 -41.20 22.28 -15.39
C TYR C 219 -40.84 20.86 -14.86
N GLY C 220 -39.55 20.62 -14.71
CA GLY C 220 -39.03 19.36 -14.20
C GLY C 220 -38.66 19.53 -12.74
N ASN C 221 -37.58 18.89 -12.32
CA ASN C 221 -37.14 18.98 -10.92
C ASN C 221 -36.71 20.38 -10.51
N ALA C 222 -35.83 20.99 -11.31
CA ALA C 222 -35.35 22.36 -11.02
C ALA C 222 -36.45 23.39 -11.17
N GLY C 223 -37.26 23.21 -12.21
CA GLY C 223 -38.42 24.06 -12.45
C GLY C 223 -39.43 23.94 -11.31
N TYR C 224 -39.88 22.72 -11.02
CA TYR C 224 -40.86 22.54 -9.95
C TYR C 224 -40.38 23.23 -8.67
N TYR C 225 -39.11 22.99 -8.32
CA TYR C 225 -38.54 23.54 -7.08
C TYR C 225 -38.20 25.02 -7.11
N MET C 226 -37.88 25.53 -8.29
CA MET C 226 -37.61 26.94 -8.43
C MET C 226 -38.95 27.62 -8.11
N ALA C 227 -39.97 27.25 -8.88
CA ALA C 227 -41.32 27.76 -8.67
C ALA C 227 -41.71 27.68 -7.21
N LYS C 228 -41.74 26.46 -6.69
CA LYS C 228 -42.06 26.24 -5.29
C LYS C 228 -41.37 27.25 -4.36
N ILE C 229 -40.06 27.31 -4.46
CA ILE C 229 -39.22 28.16 -3.62
C ILE C 229 -39.47 29.67 -3.70
N MET C 230 -39.41 30.17 -4.93
CA MET C 230 -39.52 31.59 -5.15
C MET C 230 -40.76 32.16 -4.52
N SER C 231 -41.79 31.32 -4.47
CA SER C 231 -43.09 31.73 -3.94
C SER C 231 -43.23 31.60 -2.44
N GLU C 232 -43.08 30.38 -1.91
CA GLU C 232 -43.24 30.18 -0.50
C GLU C 232 -42.25 31.04 0.24
N GLU C 233 -40.99 30.86 -0.12
CA GLU C 233 -39.91 31.51 0.56
C GLU C 233 -39.66 32.93 0.13
N TYR C 234 -39.91 33.21 -1.13
CA TYR C 234 -39.65 34.56 -1.62
C TYR C 234 -40.89 35.35 -2.02
N GLY C 235 -42.05 34.76 -1.72
CA GLY C 235 -43.32 35.39 -2.02
C GLY C 235 -43.31 36.00 -3.41
N MET C 236 -42.54 35.43 -4.32
CA MET C 236 -42.54 35.96 -5.66
C MET C 236 -43.92 35.74 -6.25
N LYS C 237 -44.02 35.56 -7.57
CA LYS C 237 -45.30 35.35 -8.22
C LYS C 237 -45.14 34.52 -9.49
N VAL C 238 -44.92 33.21 -9.36
CA VAL C 238 -44.82 32.39 -10.57
C VAL C 238 -46.11 32.74 -11.29
N VAL C 239 -45.99 33.23 -12.51
CA VAL C 239 -47.18 33.58 -13.26
C VAL C 239 -47.11 32.78 -14.53
N ALA C 240 -46.11 31.91 -14.58
CA ALA C 240 -45.95 31.11 -15.76
C ALA C 240 -44.90 30.04 -15.56
N VAL C 241 -44.96 29.07 -16.46
CA VAL C 241 -44.15 27.88 -16.42
C VAL C 241 -44.34 27.32 -17.80
N SER C 242 -43.80 26.14 -18.05
CA SER C 242 -43.98 25.56 -19.34
C SER C 242 -43.27 24.22 -19.37
N ASP C 243 -43.38 23.54 -20.49
CA ASP C 243 -42.73 22.26 -20.67
C ASP C 243 -42.66 21.97 -22.18
N THR C 244 -42.05 20.85 -22.50
CA THR C 244 -41.78 20.47 -23.89
C THR C 244 -42.95 20.50 -24.84
N LYS C 245 -44.14 20.55 -24.28
CA LYS C 245 -45.34 20.54 -25.08
C LYS C 245 -45.85 21.94 -25.24
N GLY C 246 -45.94 22.66 -24.12
CA GLY C 246 -46.41 24.04 -24.16
C GLY C 246 -46.23 24.80 -22.85
N GLY C 247 -46.81 25.99 -22.79
CA GLY C 247 -46.72 26.81 -21.60
C GLY C 247 -48.06 27.39 -21.18
N ILE C 248 -48.21 27.59 -19.88
CA ILE C 248 -49.43 28.14 -19.33
C ILE C 248 -49.09 29.44 -18.66
N TYR C 249 -50.01 30.39 -18.75
CA TYR C 249 -49.79 31.70 -18.16
C TYR C 249 -50.96 32.14 -17.25
N ASN C 250 -50.64 32.87 -16.19
CA ASN C 250 -51.64 33.38 -15.28
C ASN C 250 -51.03 34.43 -14.37
N PRO C 251 -51.36 35.69 -14.64
CA PRO C 251 -50.82 36.82 -13.89
C PRO C 251 -51.23 36.90 -12.42
N ASP C 252 -52.16 36.04 -12.01
CA ASP C 252 -52.60 36.06 -10.63
C ASP C 252 -51.64 35.20 -9.81
N GLY C 253 -50.95 34.32 -10.51
CA GLY C 253 -49.95 33.45 -9.89
C GLY C 253 -50.38 31.98 -9.84
N LEU C 254 -49.56 31.11 -10.41
CA LEU C 254 -49.83 29.67 -10.39
C LEU C 254 -49.33 29.05 -9.09
N ASN C 255 -49.76 27.83 -8.82
CA ASN C 255 -49.31 27.10 -7.65
C ASN C 255 -48.50 25.93 -8.17
N ALA C 256 -47.25 25.87 -7.72
CA ALA C 256 -46.29 24.87 -8.21
C ALA C 256 -46.85 23.46 -8.11
N ASP C 257 -47.18 23.03 -6.90
CA ASP C 257 -47.72 21.70 -6.64
C ASP C 257 -48.94 21.37 -7.52
N GLU C 258 -49.93 22.27 -7.51
CA GLU C 258 -51.12 22.09 -8.33
C GLU C 258 -50.74 21.76 -9.76
N VAL C 259 -49.98 22.67 -10.38
CA VAL C 259 -49.52 22.50 -11.77
C VAL C 259 -48.77 21.20 -11.97
N LEU C 260 -48.02 20.83 -10.94
CA LEU C 260 -47.29 19.57 -10.94
C LEU C 260 -48.37 18.52 -11.05
N ALA C 261 -49.17 18.45 -9.98
CA ALA C 261 -50.31 17.54 -9.88
C ALA C 261 -50.87 17.28 -11.27
N TRP C 262 -51.45 18.34 -11.81
CA TRP C 262 -51.98 18.37 -13.16
C TRP C 262 -50.97 17.76 -14.13
N LYS C 263 -49.72 18.23 -14.07
CA LYS C 263 -48.68 17.69 -14.94
C LYS C 263 -48.62 16.17 -14.80
N LYS C 264 -48.61 15.68 -13.57
CA LYS C 264 -48.52 14.25 -13.27
C LYS C 264 -49.68 13.48 -13.89
N LYS C 265 -50.86 13.77 -13.37
CA LYS C 265 -52.06 13.09 -13.84
C LYS C 265 -52.20 13.24 -15.33
N THR C 266 -52.26 14.49 -15.79
CA THR C 266 -52.46 14.83 -17.19
C THR C 266 -51.39 14.45 -18.19
N GLY C 267 -50.15 14.90 -17.96
CA GLY C 267 -49.02 14.63 -18.86
C GLY C 267 -48.24 15.90 -19.28
N SER C 268 -48.85 17.05 -19.01
CA SER C 268 -48.26 18.36 -19.32
C SER C 268 -48.84 19.39 -18.34
N VAL C 269 -48.25 20.58 -18.33
CA VAL C 269 -48.68 21.66 -17.43
C VAL C 269 -49.84 22.39 -18.08
N LYS C 270 -50.07 22.02 -19.34
CA LYS C 270 -51.09 22.61 -20.20
C LYS C 270 -52.58 22.42 -19.85
N ASP C 271 -53.43 23.18 -20.53
CA ASP C 271 -54.87 23.14 -20.33
C ASP C 271 -55.19 23.32 -18.85
N PHE C 272 -54.16 23.52 -18.04
CA PHE C 272 -54.37 23.64 -16.61
C PHE C 272 -55.46 24.67 -16.36
N PRO C 273 -56.44 24.25 -15.56
CA PRO C 273 -57.60 25.04 -15.15
C PRO C 273 -57.35 26.54 -14.86
N GLY C 274 -58.13 27.39 -15.50
CA GLY C 274 -58.04 28.84 -15.31
C GLY C 274 -56.77 29.49 -15.89
N ALA C 275 -55.81 28.66 -16.28
CA ALA C 275 -54.58 29.17 -16.86
C ALA C 275 -54.60 29.23 -18.39
N THR C 276 -54.11 30.36 -18.90
CA THR C 276 -54.04 30.57 -20.33
C THR C 276 -52.88 29.83 -20.93
N ASN C 277 -53.00 29.55 -22.21
CA ASN C 277 -51.95 28.85 -22.93
C ASN C 277 -51.14 29.79 -23.74
N ILE C 278 -49.91 29.38 -23.95
CA ILE C 278 -48.94 30.15 -24.70
C ILE C 278 -47.86 29.14 -25.07
N THR C 279 -46.86 29.55 -25.85
CA THR C 279 -45.74 28.67 -26.24
C THR C 279 -44.48 28.98 -25.44
N ASN C 280 -43.42 28.27 -25.80
CA ASN C 280 -42.13 28.45 -25.14
C ASN C 280 -41.67 29.87 -25.45
N GLU C 281 -41.72 30.18 -26.73
CA GLU C 281 -41.31 31.47 -27.24
C GLU C 281 -41.94 32.64 -26.47
N GLU C 282 -43.26 32.62 -26.36
CA GLU C 282 -43.98 33.72 -25.72
C GLU C 282 -43.47 33.90 -24.31
N LEU C 283 -43.15 32.77 -23.68
CA LEU C 283 -42.67 32.76 -22.32
C LEU C 283 -41.41 33.62 -22.24
N LEU C 284 -40.36 33.20 -22.93
CA LEU C 284 -39.09 33.93 -22.99
C LEU C 284 -39.36 35.42 -23.20
N GLU C 285 -40.26 35.68 -24.15
CA GLU C 285 -40.64 37.05 -24.46
C GLU C 285 -41.66 37.67 -23.54
N LEU C 286 -42.01 36.99 -22.45
CA LEU C 286 -42.97 37.54 -21.52
C LEU C 286 -42.32 38.73 -20.80
N GLU C 287 -43.15 39.58 -20.22
CA GLU C 287 -42.67 40.74 -19.49
C GLU C 287 -42.72 40.55 -17.98
N VAL C 288 -41.71 39.85 -17.45
CA VAL C 288 -41.60 39.64 -16.01
C VAL C 288 -40.29 40.20 -15.48
N ASP C 289 -40.24 40.26 -14.17
CA ASP C 289 -39.03 40.66 -13.50
C ASP C 289 -37.93 39.60 -13.61
N VAL C 290 -38.27 38.33 -13.36
CA VAL C 290 -37.30 37.23 -13.44
C VAL C 290 -37.60 36.09 -14.41
N LEU C 291 -36.64 35.77 -15.27
CA LEU C 291 -36.82 34.71 -16.25
C LEU C 291 -35.89 33.56 -15.90
N ALA C 292 -36.46 32.40 -15.59
CA ALA C 292 -35.67 31.26 -15.22
C ALA C 292 -35.72 30.11 -16.23
N PRO C 293 -34.93 30.26 -17.28
CA PRO C 293 -34.80 29.22 -18.31
C PRO C 293 -34.15 28.00 -17.67
N SER C 294 -34.95 26.99 -17.40
CA SER C 294 -34.40 25.84 -16.73
C SER C 294 -34.59 24.51 -17.40
N ALA C 295 -34.19 24.35 -18.65
CA ALA C 295 -34.35 23.04 -19.28
C ALA C 295 -33.40 22.86 -20.42
N ILE C 296 -33.69 23.51 -21.55
CA ILE C 296 -32.82 23.41 -22.72
C ILE C 296 -31.97 24.66 -22.94
N GLU C 297 -31.00 24.45 -23.81
CA GLU C 297 -30.01 25.45 -24.15
C GLU C 297 -30.36 26.22 -25.40
N GLU C 298 -29.52 27.20 -25.69
CA GLU C 298 -29.60 28.00 -26.88
C GLU C 298 -31.02 28.32 -27.21
N VAL C 299 -31.65 29.02 -26.30
CA VAL C 299 -33.03 29.41 -26.44
C VAL C 299 -33.17 30.89 -26.15
N ILE C 300 -32.04 31.57 -26.22
CA ILE C 300 -31.97 33.01 -26.15
C ILE C 300 -30.83 33.28 -27.09
N THR C 301 -31.20 33.83 -28.24
CA THR C 301 -30.30 34.02 -29.36
C THR C 301 -30.44 35.40 -29.97
N LYS C 302 -29.73 35.63 -31.06
CA LYS C 302 -29.82 36.93 -31.73
C LYS C 302 -31.26 37.14 -32.12
N LYS C 303 -31.81 36.10 -32.72
CA LYS C 303 -33.18 36.08 -33.20
C LYS C 303 -34.24 36.58 -32.20
N ASN C 304 -34.00 36.45 -30.89
CA ASN C 304 -34.98 36.87 -29.89
C ASN C 304 -34.45 37.71 -28.72
N ALA C 305 -33.14 37.73 -28.55
CA ALA C 305 -32.53 38.46 -27.45
C ALA C 305 -33.23 39.81 -27.21
N ASP C 306 -33.58 40.47 -28.30
CA ASP C 306 -34.19 41.79 -28.25
C ASP C 306 -35.56 41.86 -27.61
N ASN C 307 -36.20 40.70 -27.54
CA ASN C 307 -37.55 40.59 -27.03
C ASN C 307 -37.61 40.46 -25.50
N ILE C 308 -36.65 39.75 -24.94
CA ILE C 308 -36.60 39.53 -23.50
C ILE C 308 -36.85 40.79 -22.69
N LYS C 309 -37.80 40.73 -21.76
CA LYS C 309 -38.14 41.91 -21.00
C LYS C 309 -38.01 41.82 -19.48
N ALA C 310 -37.14 40.92 -19.01
CA ALA C 310 -36.95 40.76 -17.57
C ALA C 310 -35.66 41.44 -17.12
N LYS C 311 -35.61 41.88 -15.86
CA LYS C 311 -34.38 42.50 -15.32
C LYS C 311 -33.27 41.48 -15.07
N ILE C 312 -33.69 40.29 -14.64
CA ILE C 312 -32.78 39.21 -14.26
C ILE C 312 -33.01 37.91 -15.03
N VAL C 313 -31.97 37.36 -15.66
CA VAL C 313 -32.05 36.04 -16.33
C VAL C 313 -31.27 34.97 -15.56
N ALA C 314 -31.96 34.26 -14.69
CA ALA C 314 -31.31 33.22 -13.92
C ALA C 314 -31.29 31.94 -14.78
N GLU C 315 -30.10 31.55 -15.26
CA GLU C 315 -29.95 30.33 -16.06
C GLU C 315 -29.79 29.10 -15.16
N LEU C 316 -30.87 28.35 -14.98
CA LEU C 316 -30.81 27.15 -14.15
C LEU C 316 -30.31 26.00 -15.02
N ALA C 317 -30.50 26.10 -16.33
CA ALA C 317 -30.02 25.06 -17.24
C ALA C 317 -28.69 25.46 -17.82
N ASN C 318 -28.09 24.53 -18.54
CA ASN C 318 -26.80 24.77 -19.16
C ASN C 318 -26.97 25.33 -20.57
N GLY C 319 -26.36 26.49 -20.81
CA GLY C 319 -26.28 27.12 -22.13
C GLY C 319 -27.57 27.60 -22.78
N PRO C 320 -28.48 28.12 -21.97
CA PRO C 320 -29.77 28.56 -22.47
C PRO C 320 -29.56 29.75 -23.38
N THR C 321 -28.62 30.58 -22.98
CA THR C 321 -28.32 31.82 -23.67
C THR C 321 -27.05 31.82 -24.48
N THR C 322 -27.04 32.61 -25.54
CA THR C 322 -25.90 32.69 -26.44
C THR C 322 -25.05 33.95 -26.31
N PRO C 323 -23.86 33.91 -26.91
CA PRO C 323 -22.92 35.03 -26.87
C PRO C 323 -23.53 36.26 -27.52
N GLU C 324 -24.02 36.08 -28.75
CA GLU C 324 -24.67 37.13 -29.54
C GLU C 324 -25.73 37.78 -28.67
N ALA C 325 -26.52 36.94 -28.03
CA ALA C 325 -27.54 37.41 -27.13
C ALA C 325 -26.88 38.05 -25.92
N ASP C 326 -25.81 37.43 -25.44
CA ASP C 326 -25.02 37.92 -24.30
C ASP C 326 -24.85 39.44 -24.35
N GLU C 327 -24.08 39.88 -25.33
CA GLU C 327 -23.80 41.28 -25.56
C GLU C 327 -25.04 42.11 -25.38
N ILE C 328 -25.96 41.88 -26.32
CA ILE C 328 -27.25 42.57 -26.37
C ILE C 328 -27.92 42.76 -25.03
N LEU C 329 -27.98 41.67 -24.30
CA LEU C 329 -28.64 41.68 -23.02
C LEU C 329 -27.82 42.50 -22.11
N TYR C 330 -26.51 42.36 -22.27
CA TYR C 330 -25.61 43.12 -21.45
C TYR C 330 -25.90 44.56 -21.79
N GLU C 331 -25.78 44.85 -23.09
CA GLU C 331 -25.99 46.21 -23.64
C GLU C 331 -27.39 46.77 -23.43
N LYS C 332 -28.34 45.87 -23.26
CA LYS C 332 -29.71 46.28 -23.01
C LYS C 332 -29.87 46.56 -21.50
N GLY C 333 -28.88 46.14 -20.73
CA GLY C 333 -28.86 46.36 -19.28
C GLY C 333 -29.50 45.24 -18.47
N ILE C 334 -29.58 44.03 -19.02
CA ILE C 334 -30.17 42.94 -18.25
C ILE C 334 -29.14 42.11 -17.51
N LEU C 335 -29.41 41.90 -16.22
CA LEU C 335 -28.54 41.06 -15.43
C LEU C 335 -28.73 39.61 -15.86
N ILE C 336 -27.63 38.88 -15.90
CA ILE C 336 -27.66 37.45 -16.18
C ILE C 336 -26.80 36.77 -15.14
N ILE C 337 -27.31 35.68 -14.57
CA ILE C 337 -26.56 34.89 -13.61
C ILE C 337 -26.16 33.67 -14.40
N PRO C 338 -24.94 33.69 -14.92
CA PRO C 338 -24.47 32.62 -15.77
C PRO C 338 -24.61 31.28 -15.08
N ASP C 339 -25.09 30.34 -15.87
CA ASP C 339 -25.39 28.99 -15.45
C ASP C 339 -24.40 28.40 -14.46
N PHE C 340 -23.19 28.15 -14.94
CA PHE C 340 -22.15 27.55 -14.11
C PHE C 340 -21.97 28.16 -12.72
N LEU C 341 -22.49 29.37 -12.52
CA LEU C 341 -22.49 29.94 -11.19
C LEU C 341 -23.90 29.68 -10.64
N CYS C 342 -24.90 29.95 -11.47
CA CYS C 342 -26.30 29.76 -11.06
C CYS C 342 -26.73 28.39 -10.53
N ASN C 343 -26.47 27.35 -11.31
CA ASN C 343 -26.91 26.00 -10.97
C ASN C 343 -25.84 25.18 -10.27
N ALA C 344 -24.96 25.87 -9.56
CA ALA C 344 -23.87 25.20 -8.90
C ALA C 344 -24.16 24.82 -7.45
N GLY C 345 -25.44 24.83 -7.07
CA GLY C 345 -25.84 24.43 -5.71
C GLY C 345 -25.66 22.93 -5.60
N GLY C 346 -25.89 22.24 -6.73
CA GLY C 346 -25.73 20.79 -6.89
C GLY C 346 -24.37 20.38 -6.38
N VAL C 347 -23.34 20.85 -7.06
CA VAL C 347 -21.96 20.58 -6.66
C VAL C 347 -21.63 21.07 -5.26
N THR C 348 -22.25 22.16 -4.86
CA THR C 348 -21.90 22.68 -3.57
C THR C 348 -22.38 21.73 -2.47
N VAL C 349 -23.58 21.19 -2.64
CA VAL C 349 -24.13 20.27 -1.65
C VAL C 349 -23.38 18.97 -1.72
N SER C 350 -22.99 18.59 -2.91
CA SER C 350 -22.23 17.36 -3.03
C SER C 350 -20.84 17.47 -2.37
N TYR C 351 -20.35 18.69 -2.20
CA TYR C 351 -19.06 18.89 -1.59
C TYR C 351 -19.33 18.66 -0.11
N PHE C 352 -20.43 19.23 0.34
CA PHE C 352 -20.95 19.05 1.69
C PHE C 352 -21.11 17.52 2.01
N GLU C 353 -21.64 16.76 1.05
CA GLU C 353 -21.80 15.33 1.31
C GLU C 353 -20.44 14.73 1.61
N TRP C 354 -19.49 15.00 0.73
CA TRP C 354 -18.11 14.52 0.82
C TRP C 354 -17.48 14.82 2.19
N VAL C 355 -17.59 16.06 2.63
CA VAL C 355 -17.03 16.40 3.92
C VAL C 355 -17.63 15.52 4.99
N GLN C 356 -18.96 15.49 5.09
CA GLN C 356 -19.64 14.60 6.02
C GLN C 356 -19.15 13.14 5.89
N ASN C 357 -18.95 12.67 4.67
CA ASN C 357 -18.45 11.29 4.51
C ASN C 357 -17.04 11.15 5.08
N ILE C 358 -16.13 12.05 4.71
CA ILE C 358 -14.76 11.91 5.18
C ILE C 358 -14.48 12.09 6.69
N THR C 359 -15.40 12.76 7.38
CA THR C 359 -15.27 13.09 8.81
C THR C 359 -16.07 12.17 9.74
N GLY C 360 -17.13 11.57 9.22
CA GLY C 360 -17.95 10.65 10.00
C GLY C 360 -19.11 11.36 10.65
N ASP C 361 -19.10 12.69 10.56
CA ASP C 361 -20.10 13.55 11.20
C ASP C 361 -21.08 14.11 10.19
N TYR C 362 -22.35 13.85 10.46
CA TYR C 362 -23.45 14.28 9.63
C TYR C 362 -24.21 15.51 10.17
N TRP C 363 -24.59 16.43 9.27
CA TRP C 363 -25.34 17.64 9.65
C TRP C 363 -26.84 17.59 9.32
N THR C 364 -27.55 18.55 9.88
CA THR C 364 -28.98 18.67 9.66
C THR C 364 -29.16 19.44 8.40
N VAL C 365 -30.39 19.43 7.94
CA VAL C 365 -30.69 20.11 6.73
C VAL C 365 -30.57 21.60 6.99
N GLU C 366 -30.86 22.02 8.21
CA GLU C 366 -30.73 23.45 8.48
C GLU C 366 -29.30 23.91 8.46
N GLU C 367 -28.36 23.09 8.93
CA GLU C 367 -26.96 23.48 8.86
C GLU C 367 -26.45 23.42 7.43
N THR C 368 -26.93 22.42 6.70
CA THR C 368 -26.49 22.27 5.34
C THR C 368 -26.90 23.46 4.49
N ARG C 369 -28.15 23.89 4.65
CA ARG C 369 -28.72 25.00 3.87
C ARG C 369 -28.10 26.31 4.28
N ALA C 370 -27.65 26.34 5.53
CA ALA C 370 -26.98 27.51 6.05
C ALA C 370 -25.78 27.71 5.17
N LYS C 371 -24.92 26.70 5.21
CA LYS C 371 -23.70 26.68 4.46
C LYS C 371 -23.84 26.86 2.97
N LEU C 372 -24.99 26.49 2.43
CA LEU C 372 -25.17 26.66 0.99
C LEU C 372 -25.45 28.12 0.75
N ASP C 373 -26.25 28.71 1.63
CA ASP C 373 -26.62 30.12 1.48
C ASP C 373 -25.34 30.95 1.42
N LYS C 374 -24.53 30.85 2.46
CA LYS C 374 -23.25 31.54 2.58
C LYS C 374 -22.39 31.36 1.34
N LYS C 375 -22.19 30.10 0.94
CA LYS C 375 -21.34 29.77 -0.21
C LYS C 375 -21.80 30.46 -1.46
N MET C 376 -23.08 30.29 -1.75
CA MET C 376 -23.69 30.87 -2.95
C MET C 376 -23.66 32.41 -2.94
N THR C 377 -23.94 32.99 -1.79
CA THR C 377 -23.96 34.47 -1.67
C THR C 377 -22.60 35.03 -2.08
N LYS C 378 -21.61 34.72 -1.25
CA LYS C 378 -20.24 35.12 -1.52
C LYS C 378 -19.87 35.03 -3.01
N ALA C 379 -19.98 33.84 -3.60
CA ALA C 379 -19.64 33.66 -5.00
C ALA C 379 -20.34 34.65 -5.90
N PHE C 380 -21.63 34.83 -5.66
CA PHE C 380 -22.37 35.73 -6.52
C PHE C 380 -21.68 37.08 -6.52
N TRP C 381 -21.44 37.60 -5.34
CA TRP C 381 -20.75 38.85 -5.24
C TRP C 381 -19.36 38.76 -5.88
N ASP C 382 -18.53 37.83 -5.44
CA ASP C 382 -17.25 37.67 -6.09
C ASP C 382 -17.34 37.92 -7.62
N VAL C 383 -18.42 37.46 -8.26
CA VAL C 383 -18.54 37.58 -9.72
C VAL C 383 -19.08 38.92 -10.17
N TYR C 384 -20.02 39.43 -9.39
CA TYR C 384 -20.65 40.72 -9.68
C TYR C 384 -19.56 41.80 -9.72
N ASN C 385 -19.00 42.09 -8.56
CA ASN C 385 -17.92 43.08 -8.39
C ASN C 385 -16.85 43.03 -9.44
N THR C 386 -16.47 41.83 -9.85
CA THR C 386 -15.51 41.70 -10.92
C THR C 386 -16.02 42.28 -12.25
N HIS C 387 -17.29 42.07 -12.57
CA HIS C 387 -17.83 42.57 -13.82
C HIS C 387 -18.13 44.07 -13.75
N LYS C 388 -18.36 44.56 -12.55
CA LYS C 388 -18.54 45.98 -12.36
C LYS C 388 -17.14 46.57 -12.62
N GLU C 389 -16.17 46.23 -11.77
CA GLU C 389 -14.80 46.71 -11.94
C GLU C 389 -14.23 46.65 -13.36
N LYS C 390 -14.18 45.47 -13.96
CA LYS C 390 -13.65 45.33 -15.31
C LYS C 390 -14.62 45.75 -16.39
N ASN C 391 -15.88 45.92 -16.00
CA ASN C 391 -16.89 46.29 -16.99
C ASN C 391 -17.01 45.23 -18.06
N ILE C 392 -17.62 44.11 -17.70
CA ILE C 392 -17.81 43.04 -18.66
C ILE C 392 -19.04 42.30 -18.17
N ASN C 393 -19.46 41.29 -18.91
CA ASN C 393 -20.58 40.51 -18.43
C ASN C 393 -20.25 39.57 -17.30
N MET C 394 -21.29 39.29 -16.52
CA MET C 394 -21.24 38.34 -15.43
C MET C 394 -20.55 37.02 -15.90
N ARG C 395 -20.82 36.62 -17.15
CA ARG C 395 -20.24 35.42 -17.79
C ARG C 395 -18.72 35.54 -17.95
N ASP C 396 -18.30 36.63 -18.57
CA ASP C 396 -16.88 36.85 -18.79
C ASP C 396 -16.18 36.95 -17.47
N ALA C 397 -16.84 37.62 -16.52
CA ALA C 397 -16.30 37.79 -15.15
C ALA C 397 -16.18 36.44 -14.47
N ALA C 398 -17.26 35.68 -14.56
CA ALA C 398 -17.30 34.37 -13.97
C ALA C 398 -16.08 33.63 -14.46
N TYR C 399 -15.86 33.69 -15.75
CA TYR C 399 -14.76 32.97 -16.29
C TYR C 399 -13.44 33.48 -15.69
N VAL C 400 -13.34 34.79 -15.68
CA VAL C 400 -12.18 35.47 -15.19
C VAL C 400 -11.91 35.02 -13.78
N VAL C 401 -12.88 35.22 -12.90
CA VAL C 401 -12.72 34.80 -11.52
C VAL C 401 -12.30 33.33 -11.41
N ALA C 402 -12.93 32.46 -12.18
CA ALA C 402 -12.58 31.05 -12.12
C ALA C 402 -11.14 30.89 -12.55
N VAL C 403 -10.89 31.26 -13.80
CA VAL C 403 -9.60 31.07 -14.38
C VAL C 403 -8.41 31.58 -13.56
N SER C 404 -8.63 32.62 -12.77
CA SER C 404 -7.60 33.18 -11.91
C SER C 404 -7.15 32.23 -10.76
N ARG C 405 -8.12 31.76 -9.98
CA ARG C 405 -7.88 30.79 -8.92
C ARG C 405 -7.08 29.55 -9.39
N VAL C 406 -7.46 29.01 -10.55
CA VAL C 406 -6.73 27.88 -11.15
C VAL C 406 -5.32 28.30 -11.57
N TYR C 407 -5.20 29.50 -12.12
CA TYR C 407 -3.91 30.05 -12.56
C TYR C 407 -3.02 30.21 -11.34
N GLN C 408 -3.54 30.79 -10.27
CA GLN C 408 -2.72 31.03 -9.07
C GLN C 408 -2.14 29.74 -8.53
N ALA C 409 -3.04 28.77 -8.33
CA ALA C 409 -2.68 27.46 -7.84
C ALA C 409 -1.57 26.77 -8.63
N MET C 410 -1.64 26.81 -9.96
CA MET C 410 -0.63 26.11 -10.74
C MET C 410 0.72 26.77 -10.58
N LYS C 411 0.65 28.06 -10.24
CA LYS C 411 1.80 28.92 -10.06
C LYS C 411 2.45 28.54 -8.74
N ASP C 412 1.67 28.62 -7.66
CA ASP C 412 2.14 28.18 -6.34
C ASP C 412 2.69 26.74 -6.28
N ARG C 413 2.23 25.88 -7.18
CA ARG C 413 2.77 24.52 -7.27
C ARG C 413 4.04 24.51 -8.09
N GLY C 414 4.13 25.42 -9.05
CA GLY C 414 5.32 25.48 -9.85
C GLY C 414 5.14 24.62 -11.02
N TRP C 415 3.88 24.43 -11.41
CA TRP C 415 3.58 23.61 -12.59
C TRP C 415 4.04 24.39 -13.85
N ILE C 416 3.83 25.69 -13.79
CA ILE C 416 4.25 26.62 -14.82
C ILE C 416 5.02 27.63 -14.00
N LYS C 417 5.97 28.32 -14.60
CA LYS C 417 6.75 29.25 -13.81
C LYS C 417 6.22 30.67 -13.73
N LYS C 418 5.28 31.04 -14.58
CA LYS C 418 4.84 32.43 -14.55
C LYS C 418 3.49 32.56 -15.17
N GLN D 3 -7.89 4.90 -36.49
CA GLN D 3 -7.75 5.56 -37.79
C GLN D 3 -6.90 4.71 -38.69
N ASP D 4 -6.72 5.19 -39.91
CA ASP D 4 -6.06 4.40 -40.91
C ASP D 4 -5.27 3.25 -40.28
N PRO D 5 -4.10 3.59 -39.76
CA PRO D 5 -3.28 2.59 -39.09
C PRO D 5 -4.06 1.67 -38.15
N PHE D 6 -4.78 2.23 -37.16
CA PHE D 6 -5.50 1.34 -36.27
C PHE D 6 -6.46 0.55 -37.12
N GLU D 7 -7.29 1.28 -37.87
CA GLU D 7 -8.24 0.66 -38.78
C GLU D 7 -7.52 -0.44 -39.54
N ILE D 8 -6.39 -0.08 -40.12
CA ILE D 8 -5.66 -1.08 -40.88
C ILE D 8 -5.37 -2.35 -40.08
N ALA D 9 -5.06 -2.18 -38.80
CA ALA D 9 -4.72 -3.32 -37.93
C ALA D 9 -5.91 -4.23 -37.74
N VAL D 10 -7.02 -3.63 -37.33
CA VAL D 10 -8.27 -4.34 -37.11
C VAL D 10 -8.68 -5.26 -38.27
N LYS D 11 -8.50 -4.79 -39.50
CA LYS D 11 -8.80 -5.60 -40.67
C LYS D 11 -7.89 -6.82 -40.82
N GLN D 12 -6.62 -6.66 -40.50
CA GLN D 12 -5.74 -7.81 -40.59
C GLN D 12 -6.30 -8.90 -39.71
N LEU D 13 -6.68 -8.50 -38.50
CA LEU D 13 -7.19 -9.44 -37.52
C LEU D 13 -8.42 -10.09 -38.10
N GLU D 14 -9.40 -9.25 -38.41
CA GLU D 14 -10.66 -9.73 -38.93
C GLU D 14 -10.45 -10.78 -39.98
N ARG D 15 -9.55 -10.48 -40.90
CA ARG D 15 -9.29 -11.41 -41.95
C ARG D 15 -8.85 -12.74 -41.40
N ALA D 16 -7.94 -12.73 -40.43
CA ALA D 16 -7.41 -14.00 -39.94
C ALA D 16 -8.41 -14.77 -39.10
N ALA D 17 -9.37 -14.05 -38.53
CA ALA D 17 -10.42 -14.74 -37.83
C ALA D 17 -11.15 -15.72 -38.79
N GLN D 18 -11.20 -15.38 -40.07
CA GLN D 18 -11.82 -16.27 -41.05
C GLN D 18 -11.12 -17.62 -41.10
N TYR D 19 -9.95 -17.73 -40.50
CA TYR D 19 -9.21 -19.00 -40.54
C TYR D 19 -9.28 -19.85 -39.29
N MET D 20 -9.86 -19.31 -38.21
CA MET D 20 -10.01 -20.09 -36.99
C MET D 20 -11.38 -19.89 -36.37
N ASP D 21 -11.73 -20.77 -35.42
CA ASP D 21 -13.01 -20.63 -34.75
C ASP D 21 -12.83 -19.84 -33.49
N ILE D 22 -13.67 -18.83 -33.33
CA ILE D 22 -13.50 -17.94 -32.21
C ILE D 22 -14.75 -17.11 -32.16
N SER D 23 -15.31 -17.00 -30.96
CA SER D 23 -16.54 -16.26 -30.74
C SER D 23 -16.48 -14.94 -31.41
N GLU D 24 -17.63 -14.29 -31.44
CA GLU D 24 -17.74 -12.95 -31.95
C GLU D 24 -17.53 -12.05 -30.76
N GLU D 25 -17.90 -12.54 -29.57
CA GLU D 25 -17.69 -11.74 -28.36
C GLU D 25 -16.18 -11.57 -28.21
N ALA D 26 -15.45 -12.65 -28.49
CA ALA D 26 -13.99 -12.64 -28.49
C ALA D 26 -13.43 -11.61 -29.49
N LEU D 27 -14.00 -11.58 -30.68
CA LEU D 27 -13.54 -10.67 -31.69
C LEU D 27 -13.85 -9.25 -31.29
N GLU D 28 -15.06 -9.03 -30.83
CA GLU D 28 -15.45 -7.69 -30.44
C GLU D 28 -14.44 -7.24 -29.39
N PHE D 29 -14.01 -8.19 -28.55
CA PHE D 29 -13.10 -7.88 -27.47
C PHE D 29 -11.73 -7.49 -27.99
N LEU D 30 -11.15 -8.37 -28.82
CA LEU D 30 -9.82 -8.16 -29.41
C LEU D 30 -9.74 -6.94 -30.36
N LYS D 31 -10.82 -6.18 -30.49
CA LYS D 31 -10.86 -5.07 -31.44
C LYS D 31 -10.58 -3.72 -30.82
N ARG D 32 -10.54 -3.69 -29.50
CA ARG D 32 -10.23 -2.46 -28.80
C ARG D 32 -9.28 -2.70 -27.64
N PRO D 33 -8.40 -1.74 -27.46
CA PRO D 33 -7.42 -1.87 -26.41
C PRO D 33 -8.16 -1.85 -25.11
N GLN D 34 -7.69 -2.62 -24.14
CA GLN D 34 -8.35 -2.56 -22.84
C GLN D 34 -8.17 -1.21 -22.19
N ARG D 35 -6.97 -0.61 -22.30
CA ARG D 35 -6.76 0.66 -21.58
C ARG D 35 -5.88 1.63 -22.29
N ILE D 36 -6.31 2.89 -22.20
CA ILE D 36 -5.59 4.01 -22.80
C ILE D 36 -5.41 5.20 -21.86
N VAL D 37 -4.17 5.59 -21.62
CA VAL D 37 -4.06 6.81 -20.85
C VAL D 37 -3.42 7.83 -21.73
N GLU D 38 -3.98 9.01 -21.72
CA GLU D 38 -3.35 10.08 -22.48
C GLU D 38 -3.16 11.19 -21.46
N VAL D 39 -1.95 11.75 -21.46
CA VAL D 39 -1.52 12.77 -20.48
C VAL D 39 -0.83 14.04 -21.03
N SER D 40 -1.00 15.17 -20.34
CA SER D 40 -0.32 16.42 -20.70
C SER D 40 0.86 16.56 -19.75
N ILE D 41 2.05 16.76 -20.29
CA ILE D 41 3.27 16.77 -19.48
C ILE D 41 4.04 18.06 -19.54
N PRO D 42 3.84 18.92 -18.57
CA PRO D 42 4.60 20.16 -18.53
C PRO D 42 6.07 19.87 -18.40
N VAL D 43 6.90 20.44 -19.27
CA VAL D 43 8.36 20.29 -19.20
C VAL D 43 9.05 21.65 -19.16
N GLU D 44 9.99 21.83 -18.24
CA GLU D 44 10.68 23.11 -18.13
C GLU D 44 11.82 23.10 -19.11
N MET D 45 11.75 24.03 -20.06
CA MET D 45 12.73 24.13 -21.13
C MET D 45 13.98 24.91 -20.68
N ASP D 46 15.09 24.63 -21.34
CA ASP D 46 16.38 25.26 -21.00
C ASP D 46 16.30 26.79 -20.91
N ASP D 47 15.41 27.37 -21.70
CA ASP D 47 15.17 28.81 -21.67
C ASP D 47 14.28 29.29 -20.50
N GLY D 48 14.09 28.46 -19.49
CA GLY D 48 13.28 28.85 -18.34
C GLY D 48 11.76 28.73 -18.57
N SER D 49 11.37 28.52 -19.82
CA SER D 49 9.96 28.41 -20.12
C SER D 49 9.50 26.97 -19.86
N VAL D 50 8.23 26.82 -19.50
CA VAL D 50 7.65 25.48 -19.34
C VAL D 50 6.81 25.13 -20.57
N LYS D 51 6.97 23.92 -21.07
CA LYS D 51 6.27 23.47 -22.28
C LYS D 51 5.44 22.16 -22.13
N VAL D 52 4.14 22.22 -22.40
CA VAL D 52 3.32 21.04 -22.25
C VAL D 52 3.42 20.05 -23.40
N PHE D 53 3.82 18.81 -23.08
CA PHE D 53 3.94 17.71 -24.06
C PHE D 53 2.80 16.69 -23.91
N THR D 54 2.48 15.99 -24.98
CA THR D 54 1.37 15.03 -24.96
C THR D 54 1.88 13.63 -25.14
N GLY D 55 1.56 12.76 -24.18
CA GLY D 55 1.98 11.37 -24.24
C GLY D 55 0.83 10.43 -23.96
N PHE D 56 1.02 9.21 -24.38
CA PHE D 56 0.01 8.20 -24.23
C PHE D 56 0.72 6.95 -23.85
N ARG D 57 -0.05 6.08 -23.18
CA ARG D 57 0.33 4.70 -22.96
C ARG D 57 -0.91 3.84 -23.27
N VAL D 58 -0.67 2.84 -24.13
CA VAL D 58 -1.72 1.89 -24.52
C VAL D 58 -1.45 0.46 -24.05
N GLN D 59 -2.40 -0.04 -23.25
CA GLN D 59 -2.36 -1.43 -22.71
C GLN D 59 -3.51 -2.15 -23.44
N TYR D 60 -3.15 -2.78 -24.54
CA TYR D 60 -4.15 -3.35 -25.45
C TYR D 60 -4.88 -4.50 -24.84
N ASN D 61 -4.11 -5.52 -24.40
CA ASN D 61 -4.61 -6.76 -23.77
C ASN D 61 -3.64 -7.36 -22.72
N TRP D 62 -4.14 -7.71 -21.55
CA TRP D 62 -3.27 -8.39 -20.59
C TRP D 62 -3.73 -9.78 -20.14
N ALA D 63 -4.61 -10.38 -20.92
CA ALA D 63 -5.07 -11.69 -20.60
C ALA D 63 -3.92 -12.62 -20.20
N ARG D 64 -2.84 -12.57 -20.97
CA ARG D 64 -1.69 -13.50 -20.82
C ARG D 64 -0.63 -13.07 -19.86
N GLY D 65 -0.77 -11.89 -19.29
CA GLY D 65 0.27 -11.39 -18.44
C GLY D 65 0.49 -9.90 -18.64
N PRO D 66 1.45 -9.37 -17.91
CA PRO D 66 1.72 -7.97 -18.00
C PRO D 66 2.06 -7.56 -19.43
N THR D 67 1.53 -6.42 -19.80
CA THR D 67 1.82 -5.87 -21.10
C THR D 67 3.28 -5.40 -21.25
N LYS D 68 3.85 -5.73 -22.40
CA LYS D 68 5.21 -5.35 -22.79
C LYS D 68 5.09 -4.34 -23.98
N GLY D 69 6.04 -3.43 -24.12
CA GLY D 69 6.03 -2.54 -25.27
C GLY D 69 6.73 -1.21 -25.13
N GLY D 70 7.43 -0.85 -26.21
CA GLY D 70 8.24 0.37 -26.31
C GLY D 70 7.59 1.74 -26.27
N ILE D 71 8.44 2.76 -26.13
CA ILE D 71 7.99 4.13 -26.13
C ILE D 71 8.64 4.83 -27.31
N ARG D 72 7.82 5.49 -28.13
CA ARG D 72 8.32 6.18 -29.29
C ARG D 72 8.19 7.66 -29.08
N TRP D 73 9.23 8.37 -29.49
CA TRP D 73 9.33 9.83 -29.44
C TRP D 73 9.38 10.38 -30.90
N HIS D 74 8.38 11.20 -31.26
CA HIS D 74 8.21 11.69 -32.64
C HIS D 74 7.20 12.89 -32.74
N PRO D 75 7.37 13.77 -33.72
CA PRO D 75 6.51 14.93 -33.81
C PRO D 75 5.25 14.57 -34.59
N GLU D 76 5.36 13.49 -35.36
CA GLU D 76 4.22 12.95 -36.10
C GLU D 76 3.51 11.75 -35.42
N GLU D 77 3.76 11.57 -34.13
CA GLU D 77 3.21 10.41 -33.47
C GLU D 77 1.74 10.62 -33.29
N THR D 78 1.01 9.51 -33.26
CA THR D 78 -0.43 9.59 -33.03
C THR D 78 -0.98 8.39 -32.26
N LEU D 79 -2.00 8.68 -31.46
CA LEU D 79 -2.71 7.64 -30.73
C LEU D 79 -3.07 6.40 -31.56
N SER D 80 -3.58 6.61 -32.78
CA SER D 80 -3.93 5.47 -33.64
C SER D 80 -2.72 4.68 -33.95
N THR D 81 -1.60 5.39 -34.12
CA THR D 81 -0.36 4.71 -34.39
C THR D 81 -0.03 3.88 -33.16
N VAL D 82 -0.12 4.53 -32.02
CA VAL D 82 0.15 3.88 -30.77
C VAL D 82 -0.84 2.72 -30.58
N LYS D 83 -2.13 2.95 -30.82
CA LYS D 83 -3.11 1.87 -30.69
C LYS D 83 -2.74 0.75 -31.65
N ALA D 84 -2.43 1.11 -32.89
CA ALA D 84 -2.12 0.09 -33.89
C ALA D 84 -0.91 -0.74 -33.46
N LEU D 85 0.12 -0.10 -32.92
CA LEU D 85 1.33 -0.86 -32.56
C LEU D 85 1.15 -1.75 -31.33
N ALA D 86 0.39 -1.29 -30.33
CA ALA D 86 0.12 -2.12 -29.16
C ALA D 86 -0.57 -3.41 -29.63
N ALA D 87 -1.53 -3.27 -30.54
CA ALA D 87 -2.22 -4.45 -31.07
C ALA D 87 -1.21 -5.48 -31.51
N TRP D 88 -0.35 -5.06 -32.41
CA TRP D 88 0.75 -5.90 -32.88
C TRP D 88 1.64 -6.51 -31.77
N MET D 89 1.94 -5.74 -30.73
CA MET D 89 2.85 -6.21 -29.69
C MET D 89 2.20 -7.44 -29.14
N THR D 90 0.90 -7.27 -28.94
CA THR D 90 0.07 -8.31 -28.39
C THR D 90 0.18 -9.60 -29.19
N TRP D 91 0.30 -9.51 -30.52
CA TRP D 91 0.39 -10.72 -31.34
C TRP D 91 1.79 -11.27 -31.30
N LYS D 92 2.76 -10.39 -31.11
CA LYS D 92 4.17 -10.81 -31.10
C LYS D 92 4.48 -11.63 -29.86
N THR D 93 4.17 -11.03 -28.71
CA THR D 93 4.38 -11.71 -27.45
C THR D 93 3.78 -13.15 -27.47
N ALA D 94 2.51 -13.25 -27.84
CA ALA D 94 1.77 -14.51 -27.93
C ALA D 94 2.38 -15.52 -28.82
N VAL D 95 2.88 -15.07 -29.97
CA VAL D 95 3.48 -16.04 -30.88
C VAL D 95 4.80 -16.49 -30.34
N MET D 96 5.39 -15.64 -29.53
CA MET D 96 6.66 -15.99 -28.95
C MET D 96 6.32 -16.86 -27.76
N ASP D 97 5.07 -16.82 -27.35
CA ASP D 97 4.60 -17.63 -26.21
C ASP D 97 5.18 -17.09 -24.92
N LEU D 98 5.17 -15.78 -24.76
CA LEU D 98 5.68 -15.22 -23.53
C LEU D 98 4.53 -14.88 -22.58
N PRO D 99 4.89 -14.79 -21.31
CA PRO D 99 3.95 -14.47 -20.26
C PRO D 99 3.58 -12.97 -20.31
N TYR D 100 3.26 -12.46 -21.48
CA TYR D 100 2.98 -11.05 -21.53
C TYR D 100 1.80 -10.69 -22.41
N GLY D 101 1.30 -9.47 -22.21
CA GLY D 101 0.27 -8.92 -23.08
C GLY D 101 1.02 -7.96 -24.01
N GLY D 102 0.32 -7.08 -24.72
CA GLY D 102 0.97 -6.10 -25.60
C GLY D 102 0.58 -4.68 -25.17
N GLY D 103 1.53 -3.76 -25.24
CA GLY D 103 1.32 -2.34 -24.86
C GLY D 103 2.27 -1.48 -25.71
N LYS D 104 2.11 -0.19 -25.63
CA LYS D 104 2.95 0.70 -26.42
C LYS D 104 2.72 2.08 -25.91
N GLY D 105 3.68 2.99 -26.15
CA GLY D 105 3.53 4.38 -25.68
C GLY D 105 4.26 5.28 -26.66
N GLY D 106 3.91 6.56 -26.62
CA GLY D 106 4.54 7.55 -27.47
C GLY D 106 4.35 8.93 -26.85
N VAL D 107 5.24 9.83 -27.22
CA VAL D 107 5.11 11.24 -26.85
C VAL D 107 5.29 12.08 -28.10
N ILE D 108 4.49 13.11 -28.29
CA ILE D 108 4.64 13.91 -29.51
C ILE D 108 5.59 15.04 -29.21
N CYS D 109 6.77 15.00 -29.84
CA CYS D 109 7.87 15.93 -29.56
C CYS D 109 9.01 15.76 -30.58
N ASN D 110 9.88 16.78 -30.74
CA ASN D 110 11.08 16.69 -31.62
C ASN D 110 12.34 16.51 -30.80
N PRO D 111 12.64 15.27 -30.50
CA PRO D 111 13.79 14.94 -29.69
C PRO D 111 15.05 15.51 -30.37
N LYS D 112 14.94 15.94 -31.60
CA LYS D 112 16.13 16.46 -32.24
C LYS D 112 16.35 17.90 -31.89
N GLU D 113 15.32 18.54 -31.39
CA GLU D 113 15.43 19.93 -31.02
C GLU D 113 15.55 20.08 -29.53
N MET D 114 15.91 18.98 -28.85
CA MET D 114 16.03 19.04 -27.38
C MET D 114 17.40 18.74 -26.81
N SER D 115 17.70 19.32 -25.63
CA SER D 115 18.97 19.01 -24.97
C SER D 115 18.83 17.74 -24.16
N ASP D 116 19.97 17.15 -23.86
CA ASP D 116 20.03 15.96 -23.03
C ASP D 116 19.28 16.26 -21.73
N ARG D 117 19.38 17.48 -21.26
CA ARG D 117 18.69 17.87 -20.04
C ARG D 117 17.16 18.04 -20.21
N GLU D 118 16.72 18.36 -21.42
CA GLU D 118 15.30 18.56 -21.66
C GLU D 118 14.66 17.19 -21.88
N LYS D 119 15.45 16.34 -22.47
CA LYS D 119 15.03 15.01 -22.76
C LYS D 119 14.87 14.25 -21.44
N GLU D 120 15.77 14.48 -20.49
CA GLU D 120 15.64 13.78 -19.24
C GLU D 120 14.55 14.39 -18.39
N ARG D 121 14.24 15.65 -18.55
CA ARG D 121 13.14 16.17 -17.73
C ARG D 121 11.83 15.59 -18.27
N LEU D 122 11.83 15.26 -19.56
CA LEU D 122 10.69 14.73 -20.28
C LEU D 122 10.46 13.24 -19.93
N ALA D 123 11.52 12.44 -19.90
CA ALA D 123 11.41 11.04 -19.46
C ALA D 123 10.87 10.93 -18.02
N ARG D 124 11.37 11.78 -17.13
CA ARG D 124 10.85 11.79 -15.75
C ARG D 124 9.39 12.15 -15.66
N GLY D 125 8.99 13.13 -16.44
CA GLY D 125 7.59 13.58 -16.39
C GLY D 125 6.60 12.56 -16.95
N TYR D 126 7.02 11.81 -17.97
CA TYR D 126 6.19 10.75 -18.52
C TYR D 126 5.86 9.91 -17.33
N VAL D 127 6.90 9.32 -16.78
CA VAL D 127 6.80 8.47 -15.64
C VAL D 127 5.98 9.10 -14.53
N ARG D 128 6.32 10.31 -14.16
CA ARG D 128 5.54 10.91 -13.10
C ARG D 128 4.06 10.97 -13.50
N ALA D 129 3.78 10.88 -14.79
CA ALA D 129 2.40 11.01 -15.25
C ALA D 129 1.60 9.73 -15.37
N ILE D 130 2.23 8.63 -15.77
CA ILE D 130 1.55 7.35 -15.94
C ILE D 130 1.98 6.32 -14.91
N TYR D 131 2.62 6.80 -13.86
CA TYR D 131 3.11 5.92 -12.81
C TYR D 131 2.05 4.94 -12.33
N ASP D 132 0.87 5.49 -12.10
CA ASP D 132 -0.25 4.73 -11.58
C ASP D 132 -0.56 3.47 -12.35
N VAL D 133 -0.13 3.38 -13.60
CA VAL D 133 -0.43 2.19 -14.34
C VAL D 133 0.78 1.41 -14.87
N ILE D 134 1.98 1.66 -14.33
CA ILE D 134 3.14 0.82 -14.67
C ILE D 134 3.79 0.23 -13.41
N SER D 135 4.38 -0.96 -13.57
CA SER D 135 5.07 -1.70 -12.52
C SER D 135 5.71 -2.86 -13.25
N PRO D 136 6.52 -3.63 -12.54
CA PRO D 136 7.19 -4.74 -13.18
C PRO D 136 6.20 -5.89 -13.28
N TYR D 137 5.03 -5.71 -12.69
CA TYR D 137 4.02 -6.78 -12.73
C TYR D 137 2.83 -6.35 -13.55
N THR D 138 2.74 -5.04 -13.78
CA THR D 138 1.68 -4.43 -14.58
C THR D 138 1.96 -4.10 -16.07
N ASP D 139 3.02 -3.35 -16.36
CA ASP D 139 3.32 -2.88 -17.72
C ASP D 139 4.78 -2.44 -17.72
N ILE D 140 5.57 -3.11 -18.53
CA ILE D 140 6.98 -2.88 -18.59
C ILE D 140 7.32 -2.26 -19.95
N PRO D 141 7.77 -1.01 -19.93
CA PRO D 141 8.15 -0.29 -21.15
C PRO D 141 9.49 -0.67 -21.72
N ALA D 142 9.94 0.12 -22.68
CA ALA D 142 11.17 -0.16 -23.40
C ALA D 142 11.43 0.96 -24.43
N PRO D 143 12.59 0.93 -25.07
CA PRO D 143 12.96 1.97 -26.03
C PRO D 143 12.40 1.66 -27.41
N ASP D 144 12.06 2.71 -28.14
CA ASP D 144 11.58 2.59 -29.50
C ASP D 144 12.19 3.74 -30.31
N VAL D 145 11.39 4.33 -31.19
CA VAL D 145 11.89 5.45 -31.96
C VAL D 145 12.28 6.62 -31.12
N TYR D 146 13.58 6.89 -31.14
CA TYR D 146 14.14 8.05 -30.50
C TYR D 146 14.27 8.00 -29.01
N THR D 147 14.16 6.78 -28.49
CA THR D 147 14.39 6.51 -27.08
C THR D 147 15.46 5.43 -27.06
N ASN D 148 16.10 5.24 -25.92
CA ASN D 148 17.22 4.35 -25.88
C ASN D 148 17.54 4.10 -24.40
N PRO D 149 18.58 3.33 -24.14
CA PRO D 149 19.03 3.06 -22.78
C PRO D 149 19.18 4.25 -21.81
N GLN D 150 19.84 5.34 -22.20
CA GLN D 150 19.95 6.50 -21.29
C GLN D 150 18.58 6.98 -20.83
N ILE D 151 17.64 6.97 -21.77
CA ILE D 151 16.30 7.42 -21.47
C ILE D 151 15.55 6.47 -20.52
N MET D 152 15.69 5.16 -20.77
CA MET D 152 15.09 4.14 -19.91
C MET D 152 15.65 4.31 -18.48
N ALA D 153 16.97 4.44 -18.36
CA ALA D 153 17.58 4.61 -17.04
C ALA D 153 16.95 5.77 -16.26
N TRP D 154 16.71 6.89 -16.96
CA TRP D 154 16.11 8.06 -16.33
C TRP D 154 14.73 7.66 -15.89
N MET D 155 14.12 6.81 -16.69
CA MET D 155 12.75 6.41 -16.39
C MET D 155 12.70 5.45 -15.21
N MET D 156 13.53 4.40 -15.28
CA MET D 156 13.64 3.43 -14.19
C MET D 156 13.98 4.16 -12.92
N ASP D 157 14.82 5.19 -13.05
CA ASP D 157 15.19 5.99 -11.89
C ASP D 157 14.05 6.75 -11.21
N GLU D 158 13.28 7.52 -11.96
CA GLU D 158 12.19 8.29 -11.36
C GLU D 158 11.13 7.36 -10.71
N TYR D 159 10.98 6.16 -11.28
CA TYR D 159 10.03 5.21 -10.76
C TYR D 159 10.43 4.74 -9.36
N GLU D 160 11.70 4.40 -9.20
CA GLU D 160 12.23 3.99 -7.87
C GLU D 160 11.95 5.08 -6.82
N THR D 161 11.99 6.34 -7.24
CA THR D 161 11.83 7.49 -6.34
C THR D 161 10.38 7.57 -5.96
N ILE D 162 9.54 7.09 -6.83
CA ILE D 162 8.13 7.17 -6.53
C ILE D 162 7.74 5.84 -5.84
N SER D 163 8.31 4.74 -6.29
CA SER D 163 7.96 3.44 -5.74
C SER D 163 8.47 3.32 -4.31
N ARG D 164 9.56 4.01 -4.04
CA ARG D 164 10.17 3.93 -2.74
C ARG D 164 10.88 2.57 -2.57
N ARG D 165 11.32 2.00 -3.70
CA ARG D 165 12.09 0.74 -3.74
C ARG D 165 11.47 -0.47 -3.06
N LYS D 166 10.14 -0.45 -2.95
CA LYS D 166 9.39 -1.56 -2.35
C LYS D 166 9.11 -2.77 -3.30
N ASP D 167 9.60 -2.70 -4.53
CA ASP D 167 9.40 -3.80 -5.48
C ASP D 167 10.64 -3.88 -6.36
N PRO D 168 10.77 -4.91 -7.19
CA PRO D 168 11.96 -5.02 -8.02
C PRO D 168 12.01 -3.93 -9.10
N SER D 169 12.29 -2.72 -8.66
CA SER D 169 12.44 -1.56 -9.51
C SER D 169 13.16 -1.75 -10.86
N PHE D 170 14.34 -2.33 -10.84
CA PHE D 170 15.05 -2.55 -12.09
C PHE D 170 14.19 -3.23 -13.17
N GLY D 171 13.06 -3.83 -12.75
CA GLY D 171 12.23 -4.66 -13.63
C GLY D 171 11.02 -3.97 -14.22
N VAL D 172 10.85 -2.69 -13.93
CA VAL D 172 9.72 -1.95 -14.46
C VAL D 172 9.81 -1.52 -15.93
N ILE D 173 11.02 -1.51 -16.46
CA ILE D 173 11.28 -1.12 -17.84
C ILE D 173 12.53 -1.86 -18.35
N THR D 174 12.56 -2.21 -19.64
CA THR D 174 13.73 -2.88 -20.21
C THR D 174 14.62 -2.07 -21.20
N GLY D 175 15.68 -2.69 -21.70
CA GLY D 175 16.61 -2.00 -22.58
C GLY D 175 17.47 -1.03 -21.77
N LYS D 176 17.66 -1.35 -20.49
CA LYS D 176 18.44 -0.53 -19.56
C LYS D 176 19.90 -0.78 -19.87
N PRO D 177 20.73 0.17 -19.43
CA PRO D 177 22.18 0.09 -19.57
C PRO D 177 22.63 -0.90 -18.50
N PRO D 178 23.66 -1.67 -18.82
CA PRO D 178 24.14 -2.76 -17.97
C PRO D 178 24.55 -2.38 -16.55
N SER D 179 24.89 -1.12 -16.37
CA SER D 179 25.25 -0.70 -15.05
C SER D 179 24.04 -0.71 -14.12
N VAL D 180 22.87 -1.00 -14.65
CA VAL D 180 21.69 -1.04 -13.79
C VAL D 180 20.60 -1.95 -14.27
N GLY D 181 20.93 -3.21 -14.50
CA GLY D 181 19.90 -4.18 -14.77
C GLY D 181 19.89 -4.61 -16.18
N GLY D 182 20.50 -3.79 -17.02
CA GLY D 182 20.54 -4.04 -18.45
C GLY D 182 21.46 -5.20 -18.72
N ILE D 183 21.35 -5.72 -19.93
CA ILE D 183 22.18 -6.85 -20.32
C ILE D 183 22.86 -6.60 -21.67
N VAL D 184 23.79 -7.49 -22.01
CA VAL D 184 24.46 -7.38 -23.29
C VAL D 184 23.85 -8.59 -23.95
N ALA D 185 23.93 -8.65 -25.26
CA ALA D 185 23.27 -9.77 -25.94
C ALA D 185 22.11 -9.07 -26.59
N ARG D 186 21.64 -8.05 -25.88
CA ARG D 186 20.60 -7.16 -26.34
C ARG D 186 21.00 -6.49 -27.66
N MET D 187 22.31 -6.35 -27.83
CA MET D 187 22.85 -5.62 -28.97
C MET D 187 22.59 -6.19 -30.35
N ASP D 188 22.64 -7.50 -30.47
CA ASP D 188 22.39 -8.15 -31.74
C ASP D 188 21.13 -9.02 -31.62
N ALA D 189 20.35 -8.78 -30.59
CA ALA D 189 19.11 -9.50 -30.34
C ALA D 189 18.19 -9.74 -31.56
N THR D 190 17.83 -8.67 -32.26
CA THR D 190 16.92 -8.76 -33.41
C THR D 190 17.44 -9.67 -34.52
N ALA D 191 18.59 -9.27 -35.05
CA ALA D 191 19.28 -9.96 -36.12
C ALA D 191 19.52 -11.41 -35.73
N ARG D 192 20.01 -11.57 -34.51
CA ARG D 192 20.32 -12.90 -33.96
C ARG D 192 19.06 -13.75 -33.87
N GLY D 193 17.98 -13.18 -33.33
CA GLY D 193 16.72 -13.88 -33.26
C GLY D 193 16.39 -14.29 -34.70
N ALA D 194 16.53 -13.35 -35.62
CA ALA D 194 16.24 -13.63 -37.03
C ALA D 194 16.99 -14.79 -37.73
N SER D 195 18.25 -15.01 -37.38
CA SER D 195 19.00 -16.08 -38.05
C SER D 195 18.52 -17.48 -37.70
N TYR D 196 18.07 -17.66 -36.46
CA TYR D 196 17.64 -18.97 -36.00
C TYR D 196 16.49 -19.32 -36.88
N THR D 197 15.64 -18.34 -37.16
CA THR D 197 14.51 -18.55 -38.07
C THR D 197 15.01 -18.90 -39.46
N VAL D 198 15.94 -18.12 -39.98
CA VAL D 198 16.42 -18.46 -41.28
C VAL D 198 16.93 -19.87 -41.11
N ARG D 199 17.81 -20.05 -40.15
CA ARG D 199 18.34 -21.38 -39.88
C ARG D 199 17.31 -22.53 -39.98
N GLU D 200 16.16 -22.38 -39.30
CA GLU D 200 15.12 -23.42 -39.28
C GLU D 200 14.38 -23.46 -40.59
N ALA D 201 14.26 -22.30 -41.22
CA ALA D 201 13.61 -22.20 -42.50
C ALA D 201 14.32 -23.11 -43.51
N ALA D 202 15.61 -22.85 -43.74
CA ALA D 202 16.36 -23.67 -44.69
C ALA D 202 16.17 -25.16 -44.47
N LYS D 203 15.98 -25.56 -43.22
CA LYS D 203 15.75 -26.97 -42.88
C LYS D 203 14.46 -27.38 -43.57
N ALA D 204 13.37 -26.74 -43.18
CA ALA D 204 12.07 -27.03 -43.75
C ALA D 204 12.22 -27.22 -45.24
N LEU D 205 13.01 -26.32 -45.85
CA LEU D 205 13.28 -26.39 -47.27
C LEU D 205 14.33 -27.42 -47.63
N GLY D 206 14.78 -28.19 -46.65
CA GLY D 206 15.87 -29.13 -46.90
C GLY D 206 16.97 -28.29 -47.57
N MET D 207 17.83 -27.68 -46.77
CA MET D 207 18.85 -26.83 -47.35
C MET D 207 19.97 -26.43 -46.38
N ASP D 208 21.13 -26.09 -46.96
CA ASP D 208 22.31 -25.73 -46.18
C ASP D 208 22.78 -24.35 -46.55
N LEU D 209 22.65 -23.43 -45.62
CA LEU D 209 23.07 -22.07 -45.91
C LEU D 209 24.53 -21.97 -46.26
N LYS D 210 25.31 -23.00 -45.96
CA LYS D 210 26.74 -22.96 -46.28
C LYS D 210 27.02 -22.65 -47.74
N GLY D 211 27.68 -21.54 -47.97
CA GLY D 211 27.95 -21.13 -49.34
C GLY D 211 26.68 -20.55 -49.97
N LYS D 212 25.60 -20.46 -49.20
CA LYS D 212 24.38 -19.90 -49.77
C LYS D 212 24.50 -18.41 -49.96
N THR D 213 23.44 -17.83 -50.53
CA THR D 213 23.38 -16.41 -50.87
C THR D 213 22.41 -15.56 -50.06
N ILE D 214 22.84 -14.36 -49.71
CA ILE D 214 21.98 -13.45 -48.98
C ILE D 214 22.19 -11.99 -49.40
N ALA D 215 21.09 -11.30 -49.55
CA ALA D 215 21.15 -9.91 -49.94
C ALA D 215 20.29 -9.23 -48.93
N ILE D 216 20.80 -8.14 -48.35
CA ILE D 216 20.09 -7.41 -47.30
C ILE D 216 19.81 -5.96 -47.61
N GLN D 217 18.53 -5.63 -47.72
CA GLN D 217 18.12 -4.25 -47.98
C GLN D 217 18.10 -3.45 -46.70
N GLY D 218 19.03 -2.51 -46.60
CA GLY D 218 19.19 -1.70 -45.40
C GLY D 218 20.47 -2.23 -44.75
N TYR D 219 21.24 -1.34 -44.16
CA TYR D 219 22.47 -1.77 -43.53
C TYR D 219 22.79 -0.97 -42.31
N GLY D 220 21.78 -0.70 -41.52
CA GLY D 220 22.05 -0.02 -40.29
C GLY D 220 22.32 -1.12 -39.26
N ASN D 221 21.73 -0.84 -38.11
CA ASN D 221 21.72 -1.65 -36.90
C ASN D 221 21.61 -3.16 -37.12
N ALA D 222 20.42 -3.59 -37.56
CA ALA D 222 20.11 -4.99 -37.80
C ALA D 222 20.65 -5.53 -39.11
N GLY D 223 20.74 -4.64 -40.09
CA GLY D 223 21.25 -5.01 -41.40
C GLY D 223 22.70 -5.39 -41.23
N TYR D 224 23.42 -4.52 -40.53
CA TYR D 224 24.82 -4.76 -40.31
C TYR D 224 24.98 -6.14 -39.68
N TYR D 225 24.35 -6.31 -38.54
CA TYR D 225 24.45 -7.56 -37.83
C TYR D 225 24.00 -8.73 -38.69
N MET D 226 22.76 -8.66 -39.18
CA MET D 226 22.23 -9.75 -39.99
C MET D 226 23.33 -10.21 -40.93
N ALA D 227 23.99 -9.24 -41.54
CA ALA D 227 25.07 -9.50 -42.44
C ALA D 227 26.14 -10.32 -41.72
N LYS D 228 26.72 -9.71 -40.71
CA LYS D 228 27.77 -10.34 -39.93
C LYS D 228 27.52 -11.82 -39.55
N ILE D 229 26.46 -12.09 -38.80
CA ILE D 229 26.22 -13.45 -38.33
C ILE D 229 26.00 -14.47 -39.42
N MET D 230 25.22 -14.08 -40.42
CA MET D 230 24.81 -15.00 -41.45
C MET D 230 26.03 -15.60 -42.11
N SER D 231 26.96 -14.72 -42.45
CA SER D 231 28.21 -15.15 -43.05
C SER D 231 29.00 -15.84 -41.97
N GLU D 232 29.43 -15.06 -40.97
CA GLU D 232 30.26 -15.57 -39.91
C GLU D 232 29.84 -16.89 -39.25
N GLU D 233 28.66 -16.93 -38.66
CA GLU D 233 28.31 -18.18 -38.01
C GLU D 233 27.64 -19.12 -38.95
N TYR D 234 27.16 -18.58 -40.07
CA TYR D 234 26.47 -19.41 -41.04
C TYR D 234 27.15 -19.91 -42.29
N GLY D 235 28.02 -19.08 -42.84
CA GLY D 235 28.79 -19.48 -44.00
C GLY D 235 28.08 -19.21 -45.30
N MET D 236 27.30 -18.13 -45.30
CA MET D 236 26.59 -17.74 -46.49
C MET D 236 27.41 -16.66 -47.15
N LYS D 237 26.95 -16.21 -48.31
CA LYS D 237 27.66 -15.16 -49.01
C LYS D 237 26.80 -13.90 -49.07
N VAL D 238 27.23 -12.86 -48.37
CA VAL D 238 26.48 -11.62 -48.39
C VAL D 238 26.83 -10.92 -49.67
N VAL D 239 26.08 -11.23 -50.72
CA VAL D 239 26.38 -10.67 -52.01
C VAL D 239 25.75 -9.31 -52.31
N ALA D 240 24.99 -8.79 -51.34
CA ALA D 240 24.40 -7.45 -51.51
C ALA D 240 23.90 -6.81 -50.24
N VAL D 241 24.26 -5.55 -50.08
CA VAL D 241 23.88 -4.77 -48.94
C VAL D 241 23.15 -3.67 -49.64
N SER D 242 22.96 -2.55 -48.97
CA SER D 242 22.27 -1.45 -49.57
C SER D 242 22.04 -0.54 -48.44
N ASP D 243 21.40 0.60 -48.70
CA ASP D 243 21.12 1.59 -47.67
C ASP D 243 20.29 2.71 -48.26
N THR D 244 20.06 3.70 -47.41
CA THR D 244 19.31 4.91 -47.74
C THR D 244 19.48 5.41 -49.17
N LYS D 245 20.74 5.49 -49.56
CA LYS D 245 21.12 6.08 -50.83
C LYS D 245 21.35 5.11 -51.94
N GLY D 246 21.44 3.83 -51.61
CA GLY D 246 21.68 2.81 -52.62
C GLY D 246 22.45 1.63 -52.05
N GLY D 247 22.71 0.65 -52.90
CA GLY D 247 23.40 -0.54 -52.47
C GLY D 247 24.49 -0.90 -53.43
N ILE D 248 25.20 -1.97 -53.08
CA ILE D 248 26.31 -2.48 -53.86
C ILE D 248 26.15 -3.99 -54.03
N TYR D 249 26.91 -4.56 -54.95
CA TYR D 249 26.83 -5.97 -55.21
C TYR D 249 28.19 -6.61 -55.52
N ASN D 250 28.30 -7.90 -55.19
CA ASN D 250 29.51 -8.64 -55.43
C ASN D 250 29.27 -10.13 -55.15
N PRO D 251 29.17 -10.93 -56.21
CA PRO D 251 28.89 -12.35 -56.08
C PRO D 251 30.08 -13.09 -55.52
N ASP D 252 30.87 -12.37 -54.74
CA ASP D 252 32.01 -12.97 -54.06
C ASP D 252 31.71 -12.92 -52.57
N GLY D 253 30.74 -12.07 -52.20
CA GLY D 253 30.35 -11.99 -50.81
C GLY D 253 31.08 -10.86 -50.08
N LEU D 254 30.32 -9.83 -49.73
CA LEU D 254 30.89 -8.68 -49.06
C LEU D 254 31.39 -9.05 -47.68
N ASN D 255 31.83 -8.04 -46.95
CA ASN D 255 32.30 -8.23 -45.60
C ASN D 255 31.65 -7.13 -44.77
N ALA D 256 30.84 -7.56 -43.81
CA ALA D 256 30.09 -6.60 -43.01
C ALA D 256 30.89 -5.40 -42.50
N ASP D 257 31.75 -5.65 -41.54
CA ASP D 257 32.55 -4.61 -40.91
C ASP D 257 33.20 -3.65 -41.90
N GLU D 258 33.90 -4.20 -42.88
CA GLU D 258 34.57 -3.40 -43.91
C GLU D 258 33.54 -2.46 -44.45
N VAL D 259 32.56 -3.07 -45.12
CA VAL D 259 31.42 -2.37 -45.69
C VAL D 259 30.94 -1.37 -44.66
N LEU D 260 30.77 -1.85 -43.43
CA LEU D 260 30.35 -1.01 -42.33
C LEU D 260 31.21 0.25 -42.29
N ALA D 261 32.52 0.01 -42.18
CA ALA D 261 33.55 1.06 -42.11
C ALA D 261 33.32 2.16 -43.16
N TRP D 262 33.36 1.75 -44.42
CA TRP D 262 33.07 2.63 -45.53
C TRP D 262 31.90 3.54 -45.12
N LYS D 263 30.70 3.01 -45.23
CA LYS D 263 29.48 3.69 -44.82
C LYS D 263 29.75 4.68 -43.71
N LYS D 264 30.53 4.23 -42.75
CA LYS D 264 30.81 5.07 -41.60
C LYS D 264 31.64 6.25 -42.04
N LYS D 265 32.84 5.98 -42.56
CA LYS D 265 33.70 7.07 -43.03
C LYS D 265 33.03 7.71 -44.22
N THR D 266 32.49 6.86 -45.09
CA THR D 266 31.84 7.28 -46.32
C THR D 266 30.52 8.03 -46.18
N GLY D 267 29.64 7.57 -45.31
CA GLY D 267 28.33 8.21 -45.19
C GLY D 267 27.33 7.33 -45.94
N SER D 268 27.88 6.29 -46.58
CA SER D 268 27.09 5.28 -47.26
C SER D 268 27.91 4.16 -47.86
N VAL D 269 27.25 3.01 -47.95
CA VAL D 269 27.85 1.81 -48.48
C VAL D 269 28.31 2.12 -49.91
N LYS D 270 27.72 3.17 -50.46
CA LYS D 270 27.95 3.62 -51.83
C LYS D 270 29.39 3.76 -52.31
N ASP D 271 29.62 3.24 -53.52
CA ASP D 271 30.91 3.35 -54.16
C ASP D 271 31.90 2.51 -53.41
N PHE D 272 31.39 1.69 -52.51
CA PHE D 272 32.29 0.82 -51.79
C PHE D 272 33.34 0.37 -52.81
N PRO D 273 34.58 0.21 -52.35
CA PRO D 273 35.67 -0.19 -53.23
C PRO D 273 35.64 -1.66 -53.63
N GLY D 274 35.62 -1.92 -54.94
CA GLY D 274 35.70 -3.30 -55.46
C GLY D 274 34.40 -4.08 -55.69
N ALA D 275 33.27 -3.36 -55.73
CA ALA D 275 31.99 -4.01 -55.96
C ALA D 275 31.07 -3.06 -56.71
N THR D 276 30.29 -3.62 -57.62
CA THR D 276 29.38 -2.80 -58.41
C THR D 276 28.35 -2.06 -57.56
N ASN D 277 27.67 -1.11 -58.19
CA ASN D 277 26.61 -0.37 -57.53
C ASN D 277 25.29 -0.77 -58.20
N ILE D 278 24.20 -0.75 -57.43
CA ILE D 278 22.87 -1.12 -57.92
C ILE D 278 21.82 -0.49 -57.03
N THR D 279 20.62 -0.30 -57.58
CA THR D 279 19.53 0.34 -56.86
C THR D 279 18.76 -0.56 -55.94
N ASN D 280 18.26 0.00 -54.85
CA ASN D 280 17.47 -0.75 -53.90
C ASN D 280 16.61 -1.76 -54.63
N GLU D 281 15.81 -1.27 -55.58
CA GLU D 281 14.94 -2.12 -56.39
C GLU D 281 15.69 -3.30 -57.01
N GLU D 282 16.91 -3.03 -57.44
CA GLU D 282 17.76 -4.05 -58.05
C GLU D 282 17.87 -5.23 -57.09
N LEU D 283 18.24 -4.90 -55.85
CA LEU D 283 18.42 -5.88 -54.77
C LEU D 283 17.19 -6.79 -54.59
N LEU D 284 16.05 -6.18 -54.28
CA LEU D 284 14.82 -6.96 -54.09
C LEU D 284 14.70 -8.09 -55.11
N GLU D 285 14.75 -7.71 -56.37
CA GLU D 285 14.58 -8.67 -57.45
C GLU D 285 15.79 -9.55 -57.75
N LEU D 286 16.86 -9.38 -56.98
CA LEU D 286 18.06 -10.18 -57.17
C LEU D 286 17.77 -11.66 -57.06
N GLU D 287 18.73 -12.48 -57.52
CA GLU D 287 18.59 -13.94 -57.51
C GLU D 287 19.32 -14.64 -56.36
N VAL D 288 18.87 -14.38 -55.13
CA VAL D 288 19.47 -14.97 -53.93
C VAL D 288 18.64 -16.09 -53.31
N ASP D 289 19.25 -16.83 -52.38
CA ASP D 289 18.50 -17.89 -51.70
C ASP D 289 17.77 -17.26 -50.53
N VAL D 290 18.23 -16.08 -50.10
CA VAL D 290 17.68 -15.39 -48.93
C VAL D 290 17.61 -13.85 -49.05
N LEU D 291 16.40 -13.28 -48.95
CA LEU D 291 16.19 -11.82 -49.03
C LEU D 291 15.77 -11.25 -47.67
N ALA D 292 16.62 -10.38 -47.12
CA ALA D 292 16.44 -9.85 -45.78
C ALA D 292 16.10 -8.38 -45.56
N PRO D 293 15.11 -7.92 -46.30
CA PRO D 293 14.57 -6.56 -46.20
C PRO D 293 14.57 -6.17 -44.75
N SER D 294 15.34 -5.15 -44.40
CA SER D 294 15.44 -4.75 -43.01
C SER D 294 15.50 -3.25 -42.78
N ALA D 295 14.89 -2.49 -43.67
CA ALA D 295 14.94 -1.04 -43.51
C ALA D 295 13.57 -0.38 -43.46
N ILE D 296 12.76 -0.63 -44.49
CA ILE D 296 11.41 -0.06 -44.48
C ILE D 296 10.38 -0.96 -45.08
N GLU D 297 9.13 -0.51 -44.95
CA GLU D 297 7.97 -1.25 -45.41
C GLU D 297 7.59 -1.15 -46.89
N GLU D 298 6.62 -1.97 -47.26
CA GLU D 298 6.05 -1.95 -48.59
C GLU D 298 7.10 -1.78 -49.64
N VAL D 299 8.11 -2.64 -49.57
CA VAL D 299 9.13 -2.55 -50.56
C VAL D 299 8.97 -3.74 -51.47
N ILE D 300 7.99 -4.57 -51.13
CA ILE D 300 7.60 -5.67 -51.99
C ILE D 300 6.13 -5.43 -52.13
N THR D 301 5.63 -5.61 -53.35
CA THR D 301 4.24 -5.33 -53.68
C THR D 301 3.83 -6.11 -54.90
N LYS D 302 2.67 -5.76 -55.43
CA LYS D 302 2.14 -6.37 -56.64
C LYS D 302 3.12 -6.11 -57.78
N LYS D 303 3.60 -4.88 -57.85
CA LYS D 303 4.54 -4.45 -58.86
C LYS D 303 5.75 -5.37 -59.03
N ASN D 304 6.51 -5.54 -57.96
CA ASN D 304 7.70 -6.38 -58.02
C ASN D 304 7.42 -7.83 -57.75
N ALA D 305 6.50 -8.09 -56.83
CA ALA D 305 6.21 -9.44 -56.40
C ALA D 305 6.67 -10.52 -57.38
N ASP D 306 6.42 -10.27 -58.66
CA ASP D 306 6.75 -11.21 -59.74
C ASP D 306 8.23 -11.29 -60.00
N ASN D 307 8.96 -10.37 -59.43
CA ASN D 307 10.35 -10.34 -59.79
C ASN D 307 11.32 -10.77 -58.71
N ILE D 308 10.85 -10.76 -57.47
CA ILE D 308 11.59 -11.26 -56.32
C ILE D 308 11.95 -12.73 -56.65
N LYS D 309 13.16 -13.15 -56.34
CA LYS D 309 13.54 -14.51 -56.72
C LYS D 309 14.20 -15.41 -55.67
N ALA D 310 14.21 -14.94 -54.41
CA ALA D 310 14.80 -15.67 -53.28
C ALA D 310 13.86 -16.70 -52.63
N LYS D 311 14.39 -17.86 -52.28
CA LYS D 311 13.55 -18.86 -51.67
C LYS D 311 12.90 -18.31 -50.42
N ILE D 312 13.75 -17.79 -49.54
CA ILE D 312 13.30 -17.26 -48.27
C ILE D 312 13.32 -15.72 -48.20
N VAL D 313 12.20 -15.12 -47.85
CA VAL D 313 12.14 -13.67 -47.67
C VAL D 313 12.11 -13.49 -46.15
N ALA D 314 13.20 -12.93 -45.62
CA ALA D 314 13.35 -12.73 -44.18
C ALA D 314 12.91 -11.34 -43.74
N GLU D 315 11.75 -11.25 -43.09
CA GLU D 315 11.19 -9.97 -42.63
C GLU D 315 11.79 -9.34 -41.34
N LEU D 316 12.95 -8.72 -41.51
CA LEU D 316 13.64 -8.08 -40.40
C LEU D 316 13.02 -6.73 -40.13
N ALA D 317 12.34 -6.20 -41.14
CA ALA D 317 11.67 -4.92 -41.03
C ALA D 317 10.18 -5.11 -40.90
N ASN D 318 9.53 -4.09 -40.33
CA ASN D 318 8.10 -4.11 -40.13
C ASN D 318 7.33 -3.69 -41.40
N GLY D 319 6.53 -4.60 -41.94
CA GLY D 319 5.66 -4.35 -43.08
C GLY D 319 6.30 -4.15 -44.46
N PRO D 320 7.36 -4.88 -44.76
CA PRO D 320 8.05 -4.77 -46.05
C PRO D 320 7.27 -5.39 -47.20
N THR D 321 6.42 -6.37 -46.89
CA THR D 321 5.59 -7.04 -47.90
C THR D 321 4.11 -6.71 -47.74
N THR D 322 3.35 -6.80 -48.84
CA THR D 322 1.94 -6.47 -48.78
C THR D 322 1.04 -7.63 -49.10
N PRO D 323 -0.15 -7.53 -48.54
CA PRO D 323 -1.21 -8.55 -48.67
C PRO D 323 -1.22 -9.16 -50.06
N GLU D 324 -1.44 -8.31 -51.05
CA GLU D 324 -1.48 -8.73 -52.44
C GLU D 324 -0.15 -9.41 -52.72
N ALA D 325 0.92 -8.66 -52.53
CA ALA D 325 2.25 -9.21 -52.69
C ALA D 325 2.27 -10.59 -52.04
N ASP D 326 1.79 -10.63 -50.81
CA ASP D 326 1.77 -11.85 -50.00
C ASP D 326 1.26 -13.05 -50.76
N GLU D 327 0.21 -12.80 -51.53
CA GLU D 327 -0.48 -13.81 -52.33
C GLU D 327 0.41 -14.37 -53.42
N ILE D 328 1.01 -13.48 -54.18
CA ILE D 328 1.83 -13.94 -55.28
C ILE D 328 2.90 -14.92 -54.83
N LEU D 329 3.72 -14.46 -53.88
CA LEU D 329 4.83 -15.27 -53.41
C LEU D 329 4.35 -16.59 -52.87
N TYR D 330 3.24 -16.57 -52.13
CA TYR D 330 2.81 -17.84 -51.56
C TYR D 330 2.69 -18.76 -52.73
N GLU D 331 1.85 -18.35 -53.67
CA GLU D 331 1.59 -19.09 -54.88
C GLU D 331 2.90 -19.45 -55.49
N LYS D 332 3.72 -18.41 -55.66
CA LYS D 332 5.04 -18.52 -56.27
C LYS D 332 6.02 -19.41 -55.52
N GLY D 333 5.67 -19.81 -54.30
CA GLY D 333 6.46 -20.76 -53.50
C GLY D 333 7.56 -20.23 -52.59
N ILE D 334 7.65 -18.90 -52.45
CA ILE D 334 8.67 -18.27 -51.59
C ILE D 334 8.30 -18.27 -50.10
N LEU D 335 9.12 -18.93 -49.27
CA LEU D 335 8.88 -18.96 -47.83
C LEU D 335 9.18 -17.60 -47.19
N ILE D 336 8.17 -17.06 -46.49
CA ILE D 336 8.29 -15.79 -45.78
C ILE D 336 8.15 -15.93 -44.26
N ILE D 337 9.06 -15.28 -43.57
CA ILE D 337 9.04 -15.29 -42.13
C ILE D 337 8.47 -13.95 -41.69
N PRO D 338 7.16 -13.93 -41.43
CA PRO D 338 6.45 -12.72 -40.99
C PRO D 338 7.24 -11.90 -39.98
N ASP D 339 7.33 -10.61 -40.23
CA ASP D 339 8.07 -9.72 -39.34
C ASP D 339 7.84 -9.99 -37.85
N PHE D 340 6.57 -10.05 -37.41
CA PHE D 340 6.29 -10.27 -35.98
C PHE D 340 6.79 -11.54 -35.34
N LEU D 341 7.18 -12.48 -36.19
CA LEU D 341 7.83 -13.67 -35.69
C LEU D 341 9.33 -13.46 -35.87
N CYS D 342 9.72 -13.06 -37.08
CA CYS D 342 11.10 -12.89 -37.49
C CYS D 342 11.97 -11.87 -36.78
N ASN D 343 11.37 -10.77 -36.33
CA ASN D 343 12.12 -9.75 -35.61
C ASN D 343 11.68 -9.74 -34.14
N ALA D 344 11.36 -10.92 -33.62
CA ALA D 344 10.88 -11.07 -32.26
C ALA D 344 12.00 -11.30 -31.21
N GLY D 345 13.26 -11.43 -31.70
CA GLY D 345 14.45 -11.57 -30.84
C GLY D 345 14.63 -10.40 -29.84
N GLY D 346 14.37 -9.19 -30.30
CA GLY D 346 14.45 -8.07 -29.39
C GLY D 346 13.50 -8.21 -28.18
N VAL D 347 12.24 -8.56 -28.41
CA VAL D 347 11.31 -8.70 -27.29
C VAL D 347 11.56 -9.98 -26.47
N THR D 348 12.12 -11.00 -27.09
CA THR D 348 12.43 -12.19 -26.34
C THR D 348 13.54 -11.84 -25.35
N VAL D 349 14.59 -11.23 -25.89
CA VAL D 349 15.72 -10.83 -25.08
C VAL D 349 15.32 -9.79 -24.04
N SER D 350 14.29 -9.01 -24.32
CA SER D 350 13.81 -8.05 -23.31
C SER D 350 13.11 -8.81 -22.18
N TYR D 351 12.54 -9.98 -22.49
CA TYR D 351 11.83 -10.79 -21.50
C TYR D 351 12.90 -11.39 -20.55
N PHE D 352 13.97 -11.87 -21.16
CA PHE D 352 15.11 -12.36 -20.42
C PHE D 352 15.68 -11.32 -19.44
N GLU D 353 15.77 -10.06 -19.88
CA GLU D 353 16.27 -9.00 -18.99
C GLU D 353 15.34 -8.89 -17.77
N TRP D 354 14.03 -8.98 -18.02
CA TRP D 354 13.00 -8.82 -16.97
C TRP D 354 13.06 -9.95 -15.94
N VAL D 355 13.25 -11.16 -16.42
CA VAL D 355 13.45 -12.31 -15.56
C VAL D 355 14.70 -12.11 -14.63
N GLN D 356 15.87 -11.73 -15.17
CA GLN D 356 17.07 -11.49 -14.33
C GLN D 356 16.91 -10.38 -13.33
N ASN D 357 16.21 -9.34 -13.74
CA ASN D 357 15.90 -8.23 -12.83
C ASN D 357 15.05 -8.68 -11.62
N ILE D 358 13.92 -9.34 -11.88
CA ILE D 358 13.04 -9.75 -10.79
C ILE D 358 13.62 -10.89 -9.96
N THR D 359 14.53 -11.67 -10.53
CA THR D 359 15.13 -12.75 -9.76
C THR D 359 16.42 -12.36 -9.06
N GLY D 360 17.06 -11.28 -9.55
CA GLY D 360 18.34 -10.78 -8.99
C GLY D 360 19.51 -11.65 -9.44
N ASP D 361 19.21 -12.58 -10.35
CA ASP D 361 20.17 -13.55 -10.85
C ASP D 361 20.49 -13.22 -12.30
N TYR D 362 21.72 -12.83 -12.54
CA TYR D 362 22.07 -12.49 -13.89
C TYR D 362 22.79 -13.58 -14.63
N TRP D 363 22.55 -13.64 -15.95
CA TRP D 363 23.16 -14.71 -16.73
C TRP D 363 24.31 -14.29 -17.61
N THR D 364 24.98 -15.31 -18.15
CA THR D 364 26.08 -15.11 -19.09
C THR D 364 25.47 -15.03 -20.49
N VAL D 365 26.11 -14.30 -21.38
CA VAL D 365 25.57 -14.15 -22.71
C VAL D 365 25.31 -15.52 -23.35
N GLU D 366 26.23 -16.46 -23.13
CA GLU D 366 26.11 -17.81 -23.70
C GLU D 366 24.80 -18.48 -23.27
N GLU D 367 24.31 -18.11 -22.10
CA GLU D 367 23.08 -18.68 -21.55
C GLU D 367 21.90 -17.97 -22.18
N THR D 368 21.97 -16.65 -22.16
CA THR D 368 20.95 -15.85 -22.78
C THR D 368 20.80 -16.26 -24.24
N ARG D 369 21.92 -16.42 -24.91
CA ARG D 369 21.89 -16.78 -26.31
C ARG D 369 21.22 -18.12 -26.48
N ALA D 370 21.55 -19.09 -25.62
CA ALA D 370 20.97 -20.45 -25.68
C ALA D 370 19.45 -20.42 -25.66
N LYS D 371 18.92 -19.81 -24.61
CA LYS D 371 17.50 -19.64 -24.40
C LYS D 371 16.81 -18.94 -25.59
N LEU D 372 17.51 -17.99 -26.21
CA LEU D 372 16.96 -17.24 -27.32
C LEU D 372 16.77 -18.16 -28.49
N ASP D 373 17.69 -19.10 -28.62
CA ASP D 373 17.62 -20.04 -29.71
C ASP D 373 16.39 -20.94 -29.52
N LYS D 374 16.19 -21.47 -28.32
CA LYS D 374 15.05 -22.36 -28.04
C LYS D 374 13.76 -21.67 -28.42
N LYS D 375 13.55 -20.47 -27.90
CA LYS D 375 12.33 -19.73 -28.15
C LYS D 375 12.10 -19.43 -29.60
N MET D 376 13.13 -18.98 -30.31
CA MET D 376 13.00 -18.71 -31.74
C MET D 376 12.74 -20.03 -32.49
N THR D 377 13.46 -21.08 -32.16
CA THR D 377 13.25 -22.34 -32.87
C THR D 377 11.81 -22.85 -32.70
N LYS D 378 11.34 -22.93 -31.48
CA LYS D 378 10.02 -23.46 -31.28
C LYS D 378 8.96 -22.62 -31.97
N ALA D 379 9.11 -21.32 -31.95
CA ALA D 379 8.10 -20.47 -32.56
C ALA D 379 8.00 -20.62 -34.08
N PHE D 380 9.13 -20.81 -34.73
CA PHE D 380 9.05 -20.91 -36.15
C PHE D 380 8.19 -22.11 -36.55
N TRP D 381 8.54 -23.26 -36.00
CA TRP D 381 7.87 -24.50 -36.31
C TRP D 381 6.40 -24.42 -35.95
N ASP D 382 6.12 -23.93 -34.76
CA ASP D 382 4.74 -23.78 -34.38
C ASP D 382 3.97 -23.06 -35.45
N VAL D 383 4.57 -22.04 -36.02
CA VAL D 383 3.87 -21.28 -37.04
C VAL D 383 3.90 -21.99 -38.37
N TYR D 384 5.05 -22.59 -38.67
CA TYR D 384 5.23 -23.28 -39.93
C TYR D 384 4.23 -24.42 -40.08
N ASN D 385 4.03 -25.20 -39.03
CA ASN D 385 3.10 -26.33 -38.99
C ASN D 385 1.63 -25.92 -39.10
N THR D 386 1.28 -24.81 -38.49
CA THR D 386 -0.08 -24.30 -38.58
C THR D 386 -0.35 -23.94 -40.04
N HIS D 387 0.67 -23.38 -40.68
CA HIS D 387 0.53 -22.97 -42.07
C HIS D 387 0.41 -24.17 -43.01
N LYS D 388 1.05 -25.26 -42.64
CA LYS D 388 1.02 -26.47 -43.45
C LYS D 388 -0.31 -27.22 -43.23
N GLU D 389 -0.65 -27.44 -41.99
CA GLU D 389 -1.88 -28.14 -41.68
C GLU D 389 -3.09 -27.40 -42.21
N LYS D 390 -3.09 -26.09 -42.13
CA LYS D 390 -4.24 -25.31 -42.60
C LYS D 390 -4.06 -24.82 -44.06
N ASN D 391 -2.87 -25.00 -44.58
CA ASN D 391 -2.65 -24.59 -45.94
C ASN D 391 -2.76 -23.09 -46.16
N ILE D 392 -2.26 -22.30 -45.22
CA ILE D 392 -2.32 -20.85 -45.37
C ILE D 392 -0.90 -20.32 -45.39
N ASN D 393 -0.73 -19.06 -45.79
CA ASN D 393 0.59 -18.46 -45.79
C ASN D 393 1.03 -18.32 -44.30
N MET D 394 2.33 -18.17 -44.06
CA MET D 394 2.90 -18.06 -42.69
C MET D 394 2.33 -16.92 -41.86
N ARG D 395 2.22 -15.74 -42.46
CA ARG D 395 1.71 -14.57 -41.78
C ARG D 395 0.27 -14.83 -41.29
N ASP D 396 -0.49 -15.57 -42.07
CA ASP D 396 -1.85 -15.92 -41.65
C ASP D 396 -1.66 -16.89 -40.52
N ALA D 397 -0.90 -17.95 -40.80
CA ALA D 397 -0.58 -19.01 -39.83
C ALA D 397 -0.13 -18.39 -38.50
N ALA D 398 0.67 -17.35 -38.58
CA ALA D 398 1.11 -16.65 -37.40
C ALA D 398 -0.04 -16.05 -36.64
N TYR D 399 -0.81 -15.23 -37.34
CA TYR D 399 -1.91 -14.54 -36.72
C TYR D 399 -2.79 -15.51 -35.94
N VAL D 400 -2.95 -16.68 -36.53
CA VAL D 400 -3.78 -17.71 -35.94
C VAL D 400 -3.20 -18.25 -34.65
N VAL D 401 -1.97 -18.76 -34.72
CA VAL D 401 -1.22 -19.25 -33.54
C VAL D 401 -1.32 -18.24 -32.40
N ALA D 402 -1.11 -16.97 -32.72
CA ALA D 402 -1.19 -15.90 -31.74
C ALA D 402 -2.57 -15.62 -31.15
N VAL D 403 -3.52 -15.29 -32.02
CA VAL D 403 -4.84 -14.96 -31.56
C VAL D 403 -5.48 -16.06 -30.72
N SER D 404 -5.25 -17.29 -31.10
CA SER D 404 -5.77 -18.41 -30.34
C SER D 404 -5.30 -18.39 -28.87
N ARG D 405 -4.02 -18.10 -28.67
CA ARG D 405 -3.43 -18.11 -27.33
C ARG D 405 -4.06 -17.07 -26.49
N VAL D 406 -4.38 -15.96 -27.13
CA VAL D 406 -5.02 -14.85 -26.46
C VAL D 406 -6.47 -15.19 -26.15
N TYR D 407 -7.14 -15.81 -27.13
CA TYR D 407 -8.55 -16.19 -27.03
C TYR D 407 -8.68 -17.17 -25.84
N GLN D 408 -7.89 -18.24 -25.90
CA GLN D 408 -7.87 -19.20 -24.80
C GLN D 408 -7.77 -18.44 -23.44
N ALA D 409 -6.73 -17.65 -23.27
CA ALA D 409 -6.55 -16.91 -22.05
C ALA D 409 -7.80 -16.13 -21.63
N MET D 410 -8.39 -15.32 -22.51
CA MET D 410 -9.58 -14.57 -22.06
C MET D 410 -10.74 -15.51 -21.68
N LYS D 411 -10.76 -16.70 -22.28
CA LYS D 411 -11.79 -17.67 -21.95
C LYS D 411 -11.50 -18.12 -20.53
N ASP D 412 -10.44 -18.90 -20.36
CA ASP D 412 -10.07 -19.37 -19.01
C ASP D 412 -10.35 -18.36 -17.90
N ARG D 413 -10.14 -17.07 -18.17
CA ARG D 413 -10.36 -16.04 -17.14
C ARG D 413 -11.81 -15.75 -17.03
N GLY D 414 -12.54 -16.09 -18.10
CA GLY D 414 -13.98 -15.82 -18.22
C GLY D 414 -14.34 -14.35 -18.52
N TRP D 415 -13.51 -13.69 -19.31
CA TRP D 415 -13.72 -12.28 -19.71
C TRP D 415 -14.84 -12.29 -20.75
N ILE D 416 -14.85 -13.38 -21.50
CA ILE D 416 -15.85 -13.64 -22.50
C ILE D 416 -16.21 -15.05 -22.14
N LYS D 417 -17.44 -15.46 -22.43
CA LYS D 417 -17.91 -16.76 -22.00
C LYS D 417 -17.72 -17.83 -23.01
N LYS D 418 -17.41 -17.44 -24.24
CA LYS D 418 -17.12 -18.41 -25.28
C LYS D 418 -16.38 -17.78 -26.42
N GLN E 3 34.83 11.37 10.71
CA GLN E 3 35.55 10.92 11.92
C GLN E 3 36.72 10.04 11.58
N ASP E 4 37.80 10.21 12.34
CA ASP E 4 39.03 9.45 12.12
C ASP E 4 38.78 8.23 11.18
N PRO E 5 37.88 7.33 11.58
CA PRO E 5 37.65 6.15 10.77
C PRO E 5 36.89 6.48 9.50
N PHE E 6 35.88 7.34 9.59
CA PHE E 6 35.21 7.71 8.37
C PHE E 6 36.23 8.46 7.51
N GLU E 7 36.92 9.41 8.13
CA GLU E 7 37.99 10.14 7.50
C GLU E 7 38.99 9.27 6.79
N ILE E 8 39.36 8.19 7.43
CA ILE E 8 40.32 7.33 6.79
C ILE E 8 39.75 6.80 5.49
N ALA E 9 38.49 6.43 5.54
CA ALA E 9 37.84 5.84 4.40
C ALA E 9 37.85 6.85 3.28
N VAL E 10 37.36 8.05 3.58
CA VAL E 10 37.32 9.10 2.58
C VAL E 10 38.64 9.26 1.86
N LYS E 11 39.74 9.19 2.62
CA LYS E 11 41.05 9.32 2.00
C LYS E 11 41.33 8.12 1.09
N GLN E 12 40.98 6.95 1.59
CA GLN E 12 41.14 5.74 0.84
C GLN E 12 40.64 5.96 -0.57
N LEU E 13 39.45 6.57 -0.66
CA LEU E 13 38.78 6.84 -1.93
C LEU E 13 39.45 7.91 -2.75
N GLU E 14 39.68 9.09 -2.15
CA GLU E 14 40.32 10.21 -2.84
C GLU E 14 41.62 9.81 -3.50
N ARG E 15 42.34 8.90 -2.89
CA ARG E 15 43.58 8.40 -3.47
C ARG E 15 43.36 7.51 -4.70
N ALA E 16 42.23 6.81 -4.72
CA ALA E 16 41.95 5.98 -5.88
C ALA E 16 41.54 6.95 -6.98
N ALA E 17 40.84 8.00 -6.60
CA ALA E 17 40.40 8.95 -7.61
C ALA E 17 41.60 9.12 -8.47
N GLN E 18 42.64 9.61 -7.85
CA GLN E 18 43.86 9.85 -8.55
C GLN E 18 44.33 8.84 -9.60
N TYR E 19 43.68 7.70 -9.75
CA TYR E 19 44.18 6.78 -10.77
C TYR E 19 43.24 6.66 -11.91
N MET E 20 42.16 7.41 -11.84
CA MET E 20 41.14 7.30 -12.85
C MET E 20 40.47 8.63 -13.10
N ASP E 21 39.73 8.65 -14.19
CA ASP E 21 39.00 9.85 -14.58
C ASP E 21 37.66 9.84 -13.93
N ILE E 22 37.43 10.78 -13.03
CA ILE E 22 36.13 10.82 -12.40
C ILE E 22 35.78 12.24 -12.14
N SER E 23 34.53 12.56 -12.40
CA SER E 23 34.07 13.90 -12.20
C SER E 23 34.37 14.20 -10.75
N GLU E 24 34.34 15.47 -10.43
CA GLU E 24 34.48 15.91 -9.05
C GLU E 24 33.10 15.88 -8.46
N GLU E 25 32.09 15.88 -9.33
CA GLU E 25 30.68 15.84 -8.91
C GLU E 25 30.49 14.45 -8.33
N ALA E 26 31.07 13.45 -8.98
CA ALA E 26 31.00 12.09 -8.52
C ALA E 26 31.73 12.01 -7.20
N LEU E 27 32.96 12.48 -7.15
CA LEU E 27 33.70 12.40 -5.90
C LEU E 27 32.90 12.79 -4.68
N GLU E 28 32.41 14.01 -4.68
CA GLU E 28 31.70 14.57 -3.54
C GLU E 28 30.46 13.79 -3.12
N PHE E 29 29.84 13.15 -4.10
CA PHE E 29 28.63 12.37 -3.88
C PHE E 29 29.07 11.17 -3.05
N LEU E 30 30.09 10.49 -3.57
CA LEU E 30 30.66 9.30 -2.99
C LEU E 30 31.22 9.54 -1.60
N LYS E 31 31.47 10.80 -1.29
CA LYS E 31 32.09 11.18 -0.03
C LYS E 31 31.10 11.31 1.08
N ARG E 32 29.84 11.03 0.79
CA ARG E 32 28.84 11.10 1.82
C ARG E 32 27.77 10.04 1.64
N PRO E 33 27.31 9.51 2.78
CA PRO E 33 26.26 8.51 2.75
C PRO E 33 24.87 9.12 2.38
N GLN E 34 24.18 8.47 1.44
CA GLN E 34 22.85 8.95 0.99
C GLN E 34 21.80 9.08 2.06
N ARG E 35 21.85 8.18 3.03
CA ARG E 35 20.85 8.23 4.07
C ARG E 35 21.41 7.63 5.33
N ILE E 36 21.19 8.34 6.44
CA ILE E 36 21.54 7.84 7.76
C ILE E 36 20.32 7.98 8.67
N VAL E 37 19.98 6.88 9.33
CA VAL E 37 18.93 6.91 10.35
C VAL E 37 19.42 6.48 11.75
N GLU E 38 19.07 7.29 12.76
CA GLU E 38 19.52 7.05 14.12
C GLU E 38 18.36 7.09 15.10
N VAL E 39 18.13 5.93 15.75
CA VAL E 39 16.97 5.73 16.63
C VAL E 39 17.32 5.38 18.08
N SER E 40 16.38 5.70 18.96
CA SER E 40 16.41 5.36 20.38
C SER E 40 15.38 4.22 20.63
N ILE E 41 15.91 3.04 20.95
CA ILE E 41 15.19 1.78 21.12
C ILE E 41 14.95 1.37 22.59
N PRO E 42 13.75 1.62 23.11
CA PRO E 42 13.40 1.27 24.48
C PRO E 42 13.30 -0.23 24.68
N VAL E 43 14.03 -0.81 25.65
CA VAL E 43 13.96 -2.26 25.92
C VAL E 43 13.53 -2.60 27.35
N GLU E 44 12.68 -3.63 27.50
CA GLU E 44 12.13 -4.09 28.81
C GLU E 44 13.16 -4.99 29.39
N MET E 45 13.81 -4.50 30.45
CA MET E 45 14.91 -5.22 31.03
C MET E 45 14.38 -6.33 31.87
N ASP E 46 15.20 -7.36 31.97
CA ASP E 46 14.82 -8.54 32.76
C ASP E 46 14.35 -8.17 34.19
N ASP E 47 14.82 -7.02 34.68
CA ASP E 47 14.47 -6.54 36.02
C ASP E 47 13.25 -5.66 36.08
N GLY E 48 12.53 -5.58 34.95
CA GLY E 48 11.29 -4.83 34.90
C GLY E 48 11.44 -3.36 34.55
N SER E 49 12.67 -2.90 34.40
CA SER E 49 12.86 -1.51 34.06
C SER E 49 12.97 -1.47 32.54
N VAL E 50 12.68 -0.31 31.94
CA VAL E 50 12.81 -0.11 30.49
C VAL E 50 14.07 0.68 30.22
N LYS E 51 14.93 0.16 29.38
CA LYS E 51 16.14 0.89 29.07
C LYS E 51 16.29 1.24 27.59
N VAL E 52 16.47 2.52 27.31
CA VAL E 52 16.63 2.98 25.93
C VAL E 52 18.01 2.84 25.35
N PHE E 53 18.10 2.07 24.27
CA PHE E 53 19.33 1.86 23.52
C PHE E 53 19.39 2.74 22.28
N THR E 54 20.58 2.82 21.71
CA THR E 54 20.84 3.64 20.56
C THR E 54 21.38 2.83 19.38
N GLY E 55 20.72 2.93 18.22
CA GLY E 55 21.18 2.16 17.04
C GLY E 55 21.16 2.96 15.74
N PHE E 56 21.84 2.43 14.76
CA PHE E 56 21.82 3.12 13.49
C PHE E 56 21.76 2.13 12.37
N ARG E 57 21.39 2.68 11.22
CA ARG E 57 21.45 1.98 9.95
C ARG E 57 21.91 3.05 8.97
N VAL E 58 22.91 2.71 8.19
CA VAL E 58 23.50 3.63 7.25
C VAL E 58 23.39 3.02 5.87
N GLN E 59 22.62 3.70 5.02
CA GLN E 59 22.47 3.32 3.61
C GLN E 59 23.33 4.36 2.90
N TYR E 60 24.50 3.91 2.44
CA TYR E 60 25.56 4.72 1.87
C TYR E 60 25.26 5.19 0.49
N ASN E 61 25.09 4.22 -0.40
CA ASN E 61 24.83 4.50 -1.80
C ASN E 61 24.07 3.33 -2.44
N TRP E 62 22.96 3.63 -3.12
CA TRP E 62 22.22 2.54 -3.78
C TRP E 62 22.14 2.53 -5.29
N ALA E 63 23.00 3.31 -5.91
CA ALA E 63 23.02 3.40 -7.34
C ALA E 63 22.99 2.03 -8.04
N ARG E 64 23.65 1.03 -7.48
CA ARG E 64 23.71 -0.27 -8.18
C ARG E 64 22.69 -1.35 -7.77
N GLY E 65 21.83 -1.05 -6.81
CA GLY E 65 20.91 -2.01 -6.29
C GLY E 65 20.59 -1.66 -4.85
N PRO E 66 19.83 -2.52 -4.19
CA PRO E 66 19.49 -2.27 -2.80
C PRO E 66 20.76 -2.46 -1.94
N THR E 67 20.84 -1.77 -0.79
CA THR E 67 22.06 -1.79 0.02
C THR E 67 22.21 -3.03 0.84
N LYS E 68 23.37 -3.65 0.76
CA LYS E 68 23.59 -4.87 1.54
C LYS E 68 24.54 -4.60 2.69
N GLY E 69 24.19 -5.10 3.88
CA GLY E 69 25.10 -4.95 5.01
C GLY E 69 24.74 -5.26 6.47
N GLY E 70 25.67 -5.97 7.09
CA GLY E 70 25.57 -6.48 8.45
C GLY E 70 25.25 -5.49 9.53
N ILE E 71 24.89 -6.03 10.70
CA ILE E 71 24.58 -5.26 11.89
C ILE E 71 25.60 -5.67 12.98
N ARG E 72 26.04 -4.70 13.76
CA ARG E 72 27.05 -4.99 14.77
C ARG E 72 26.52 -4.62 16.10
N TRP E 73 26.71 -5.52 17.06
CA TRP E 73 26.33 -5.24 18.44
C TRP E 73 27.66 -5.02 19.17
N HIS E 74 27.80 -3.88 19.84
CA HIS E 74 29.06 -3.54 20.50
C HIS E 74 28.94 -2.30 21.33
N PRO E 75 29.56 -2.38 22.49
CA PRO E 75 29.51 -1.30 23.48
C PRO E 75 30.34 -0.07 23.11
N GLU E 76 31.25 -0.21 22.17
CA GLU E 76 32.07 0.91 21.75
C GLU E 76 31.80 1.21 20.29
N GLU E 77 30.56 1.01 19.88
CA GLU E 77 30.21 1.25 18.50
C GLU E 77 30.03 2.72 18.28
N THR E 78 30.35 3.17 17.07
CA THR E 78 30.14 4.59 16.77
C THR E 78 29.57 4.72 15.39
N LEU E 79 28.78 5.77 15.23
CA LEU E 79 28.22 6.08 13.93
C LEU E 79 29.29 6.10 12.82
N SER E 80 30.41 6.76 13.09
CA SER E 80 31.48 6.83 12.10
C SER E 80 32.07 5.49 11.72
N THR E 81 32.04 4.57 12.67
CA THR E 81 32.59 3.26 12.38
C THR E 81 31.62 2.70 11.39
N VAL E 82 30.35 2.95 11.68
CA VAL E 82 29.24 2.50 10.85
C VAL E 82 29.30 3.12 9.45
N LYS E 83 29.35 4.46 9.35
CA LYS E 83 29.42 5.15 8.03
C LYS E 83 30.60 4.65 7.22
N ALA E 84 31.66 4.36 7.96
CA ALA E 84 32.89 3.86 7.40
C ALA E 84 32.78 2.46 6.81
N LEU E 85 32.06 1.59 7.50
CA LEU E 85 31.97 0.20 7.04
C LEU E 85 31.03 0.09 5.84
N ALA E 86 29.99 0.93 5.86
CA ALA E 86 28.97 1.06 4.80
C ALA E 86 29.67 1.50 3.55
N ALA E 87 30.54 2.49 3.71
CA ALA E 87 31.35 2.94 2.59
C ALA E 87 32.05 1.72 2.07
N TRP E 88 32.68 0.99 2.99
CA TRP E 88 33.38 -0.22 2.60
C TRP E 88 32.54 -1.29 1.92
N MET E 89 31.38 -1.57 2.51
CA MET E 89 30.43 -2.51 1.91
C MET E 89 30.26 -2.10 0.44
N THR E 90 29.99 -0.81 0.23
CA THR E 90 29.84 -0.22 -1.11
C THR E 90 30.89 -0.61 -2.15
N TRP E 91 32.16 -0.63 -1.78
CA TRP E 91 33.16 -1.07 -2.76
C TRP E 91 33.21 -2.60 -2.90
N LYS E 92 32.90 -3.30 -1.82
CA LYS E 92 32.98 -4.77 -1.86
C LYS E 92 31.95 -5.44 -2.81
N THR E 93 30.70 -5.00 -2.75
CA THR E 93 29.63 -5.43 -3.68
C THR E 93 29.89 -5.06 -5.17
N ALA E 94 30.36 -3.84 -5.42
CA ALA E 94 30.70 -3.36 -6.78
C ALA E 94 31.83 -4.11 -7.47
N VAL E 95 32.81 -4.46 -6.65
CA VAL E 95 33.96 -5.20 -7.12
C VAL E 95 33.48 -6.63 -7.46
N MET E 96 32.53 -7.12 -6.68
CA MET E 96 31.96 -8.46 -6.89
C MET E 96 30.91 -8.45 -8.00
N ASP E 97 30.57 -7.26 -8.44
CA ASP E 97 29.61 -7.12 -9.51
C ASP E 97 28.29 -7.77 -9.08
N LEU E 98 27.89 -7.46 -7.86
CA LEU E 98 26.64 -7.91 -7.30
C LEU E 98 25.68 -6.73 -7.47
N PRO E 99 24.39 -7.04 -7.59
CA PRO E 99 23.33 -6.04 -7.76
C PRO E 99 22.92 -5.27 -6.52
N TYR E 100 23.89 -4.81 -5.76
CA TYR E 100 23.61 -4.11 -4.52
C TYR E 100 24.47 -2.84 -4.34
N GLY E 101 24.01 -2.01 -3.42
CA GLY E 101 24.74 -0.87 -2.91
C GLY E 101 25.28 -1.41 -1.58
N GLY E 102 25.63 -0.52 -0.65
CA GLY E 102 26.21 -0.98 0.60
C GLY E 102 25.59 -0.27 1.79
N GLY E 103 25.53 -0.93 2.93
CA GLY E 103 24.89 -0.29 4.09
C GLY E 103 25.45 -1.03 5.26
N LYS E 104 25.25 -0.48 6.46
CA LYS E 104 25.72 -1.09 7.71
C LYS E 104 24.79 -0.62 8.79
N GLY E 105 24.71 -1.40 9.86
CA GLY E 105 23.82 -1.04 10.98
C GLY E 105 24.56 -1.36 12.27
N GLY E 106 24.12 -0.78 13.36
CA GLY E 106 24.80 -1.04 14.60
C GLY E 106 24.05 -0.53 15.80
N VAL E 107 24.23 -1.24 16.91
CA VAL E 107 23.58 -0.80 18.14
C VAL E 107 24.61 -0.71 19.26
N ILE E 108 24.52 0.32 20.09
CA ILE E 108 25.50 0.46 21.18
C ILE E 108 25.01 -0.29 22.43
N CYS E 109 25.63 -1.44 22.68
CA CYS E 109 25.19 -2.29 23.81
C CYS E 109 26.23 -3.39 24.16
N ASN E 110 25.99 -4.08 25.29
CA ASN E 110 26.84 -5.21 25.67
C ASN E 110 26.16 -6.53 25.67
N PRO E 111 25.93 -7.07 24.50
CA PRO E 111 25.39 -8.40 24.42
C PRO E 111 25.75 -9.11 25.73
N LYS E 112 27.05 -9.23 25.96
CA LYS E 112 27.63 -9.96 27.10
C LYS E 112 27.21 -9.64 28.52
N GLU E 113 25.96 -9.27 28.69
CA GLU E 113 25.37 -9.16 30.00
C GLU E 113 23.91 -8.97 29.77
N MET E 114 23.51 -9.46 28.61
CA MET E 114 22.12 -9.47 28.28
C MET E 114 21.76 -10.93 28.15
N SER E 115 20.58 -11.20 28.65
CA SER E 115 20.01 -12.52 28.62
C SER E 115 19.39 -12.69 27.25
N ASP E 116 19.08 -13.93 26.89
CA ASP E 116 18.52 -14.19 25.60
C ASP E 116 17.21 -13.47 25.36
N ARG E 117 16.42 -13.36 26.41
CA ARG E 117 15.18 -12.64 26.28
C ARG E 117 15.39 -11.16 26.08
N GLU E 118 16.55 -10.66 26.50
CA GLU E 118 16.80 -9.25 26.31
C GLU E 118 17.27 -8.97 24.89
N LYS E 119 18.18 -9.80 24.38
CA LYS E 119 18.62 -9.72 23.02
C LYS E 119 17.51 -9.94 22.02
N GLU E 120 16.39 -10.51 22.45
CA GLU E 120 15.29 -10.78 21.54
C GLU E 120 14.44 -9.52 21.54
N ARG E 121 14.25 -8.96 22.71
CA ARG E 121 13.55 -7.70 22.75
C ARG E 121 14.41 -6.65 22.07
N LEU E 122 15.71 -6.85 22.02
CA LEU E 122 16.53 -5.86 21.38
C LEU E 122 16.41 -5.97 19.83
N ALA E 123 16.70 -7.15 19.27
CA ALA E 123 16.57 -7.40 17.80
C ALA E 123 15.22 -6.92 17.25
N ARG E 124 14.17 -7.21 18.01
CA ARG E 124 12.83 -6.85 17.63
C ARG E 124 12.59 -5.35 17.56
N GLY E 125 13.08 -4.61 18.55
CA GLY E 125 12.93 -3.16 18.56
C GLY E 125 13.73 -2.50 17.43
N TYR E 126 14.87 -3.08 17.05
CA TYR E 126 15.67 -2.49 16.00
C TYR E 126 14.70 -2.37 14.89
N VAL E 127 14.23 -3.55 14.51
CA VAL E 127 13.30 -3.71 13.42
C VAL E 127 12.08 -2.81 13.53
N ARG E 128 11.48 -2.77 14.70
CA ARG E 128 10.28 -1.96 14.83
C ARG E 128 10.61 -0.50 14.60
N ALA E 129 11.90 -0.21 14.68
CA ALA E 129 12.39 1.16 14.61
C ALA E 129 12.79 1.65 13.21
N ILE E 130 13.51 0.82 12.49
CA ILE E 130 14.02 1.19 11.21
C ILE E 130 13.23 0.52 10.13
N TYR E 131 12.07 0.06 10.51
CA TYR E 131 11.27 -0.74 9.61
C TYR E 131 11.04 -0.03 8.28
N ASP E 132 10.65 1.24 8.38
CA ASP E 132 10.30 2.06 7.22
C ASP E 132 11.32 2.13 6.11
N VAL E 133 12.58 1.82 6.42
CA VAL E 133 13.65 1.85 5.40
C VAL E 133 14.28 0.50 5.07
N ILE E 134 13.72 -0.60 5.57
CA ILE E 134 14.26 -1.92 5.20
C ILE E 134 13.19 -2.70 4.44
N SER E 135 13.63 -3.60 3.55
CA SER E 135 12.74 -4.40 2.73
C SER E 135 13.66 -5.31 1.96
N PRO E 136 13.14 -6.38 1.36
CA PRO E 136 14.00 -7.29 0.61
C PRO E 136 14.42 -6.66 -0.72
N TYR E 137 13.89 -5.46 -0.97
CA TYR E 137 14.15 -4.72 -2.21
C TYR E 137 14.88 -3.43 -1.92
N THR E 138 14.66 -2.92 -0.71
CA THR E 138 15.32 -1.73 -0.20
C THR E 138 16.70 -1.88 0.49
N ASP E 139 16.72 -2.55 1.65
CA ASP E 139 17.95 -2.67 2.44
C ASP E 139 17.96 -4.03 3.15
N ILE E 140 19.00 -4.84 2.93
CA ILE E 140 19.07 -6.20 3.43
C ILE E 140 20.20 -6.48 4.45
N PRO E 141 19.86 -6.44 5.73
CA PRO E 141 20.89 -6.65 6.77
C PRO E 141 21.51 -8.02 6.78
N ALA E 142 22.26 -8.29 7.84
CA ALA E 142 22.94 -9.57 7.97
C ALA E 142 23.69 -9.60 9.32
N PRO E 143 24.31 -10.72 9.68
CA PRO E 143 25.01 -10.78 10.98
C PRO E 143 26.37 -10.11 10.94
N ASP E 144 26.72 -9.47 12.04
CA ASP E 144 28.05 -8.89 12.20
C ASP E 144 28.58 -9.12 13.59
N VAL E 145 29.31 -8.16 14.11
CA VAL E 145 29.90 -8.29 15.42
C VAL E 145 28.82 -8.52 16.48
N TYR E 146 28.87 -9.68 17.14
CA TYR E 146 27.94 -10.04 18.20
C TYR E 146 26.48 -10.21 17.82
N THR E 147 26.25 -10.72 16.60
CA THR E 147 24.91 -11.02 16.10
C THR E 147 25.09 -12.29 15.27
N ASN E 148 24.07 -13.13 15.27
CA ASN E 148 24.17 -14.44 14.64
C ASN E 148 22.82 -14.86 14.02
N PRO E 149 22.79 -16.00 13.33
CA PRO E 149 21.55 -16.46 12.67
C PRO E 149 20.28 -16.39 13.52
N GLN E 150 20.45 -16.57 14.82
CA GLN E 150 19.34 -16.52 15.77
C GLN E 150 18.77 -15.12 15.88
N ILE E 151 19.64 -14.11 15.86
CA ILE E 151 19.22 -12.71 15.94
C ILE E 151 18.53 -12.31 14.61
N MET E 152 19.11 -12.81 13.50
CA MET E 152 18.54 -12.61 12.17
C MET E 152 17.11 -13.09 12.16
N ALA E 153 16.91 -14.35 12.57
CA ALA E 153 15.59 -14.96 12.66
C ALA E 153 14.63 -14.17 13.56
N TRP E 154 15.12 -13.60 14.64
CA TRP E 154 14.19 -12.84 15.46
C TRP E 154 13.82 -11.62 14.67
N MET E 155 14.81 -11.09 13.93
CA MET E 155 14.60 -9.92 13.11
C MET E 155 13.58 -10.19 11.99
N MET E 156 13.85 -11.23 11.19
CA MET E 156 12.95 -11.65 10.10
C MET E 156 11.51 -11.81 10.55
N ASP E 157 11.35 -12.46 11.70
CA ASP E 157 10.06 -12.59 12.33
C ASP E 157 9.32 -11.28 12.60
N GLU E 158 9.93 -10.32 13.29
CA GLU E 158 9.17 -9.09 13.58
C GLU E 158 8.85 -8.30 12.31
N TYR E 159 9.68 -8.50 11.29
CA TYR E 159 9.49 -7.83 10.01
C TYR E 159 8.24 -8.41 9.38
N GLU E 160 8.19 -9.74 9.35
CA GLU E 160 7.02 -10.43 8.83
C GLU E 160 5.75 -9.98 9.59
N THR E 161 5.91 -9.72 10.87
CA THR E 161 4.75 -9.33 11.67
C THR E 161 4.29 -7.97 11.27
N ILE E 162 5.20 -7.11 10.84
CA ILE E 162 4.83 -5.75 10.45
C ILE E 162 4.46 -5.68 8.97
N SER E 163 5.26 -6.38 8.19
CA SER E 163 5.11 -6.48 6.78
C SER E 163 3.81 -7.19 6.38
N ARG E 164 3.28 -8.03 7.26
CA ARG E 164 2.09 -8.83 6.99
C ARG E 164 2.24 -9.88 5.87
N ARG E 165 3.46 -10.23 5.52
CA ARG E 165 3.66 -11.31 4.57
C ARG E 165 3.22 -10.94 3.17
N LYS E 166 3.16 -9.64 2.94
CA LYS E 166 2.81 -9.16 1.63
C LYS E 166 4.00 -9.13 0.66
N ASP E 167 5.16 -9.65 1.09
CA ASP E 167 6.35 -9.78 0.21
C ASP E 167 7.19 -10.91 0.67
N PRO E 168 8.19 -11.24 -0.13
CA PRO E 168 9.11 -12.34 0.21
C PRO E 168 9.89 -12.09 1.51
N SER E 169 9.12 -12.02 2.59
CA SER E 169 9.64 -11.77 3.91
C SER E 169 10.97 -12.45 4.29
N PHE E 170 11.27 -13.60 3.72
CA PHE E 170 12.48 -14.32 4.11
C PHE E 170 13.71 -13.61 3.55
N GLY E 171 13.49 -12.77 2.56
CA GLY E 171 14.59 -12.09 1.85
C GLY E 171 14.94 -10.68 2.38
N VAL E 172 14.35 -10.24 3.48
CA VAL E 172 14.70 -8.94 4.00
C VAL E 172 15.90 -9.01 4.92
N ILE E 173 16.61 -10.12 4.94
CA ILE E 173 17.75 -10.24 5.82
C ILE E 173 18.43 -11.56 5.60
N THR E 174 19.73 -11.60 5.77
CA THR E 174 20.46 -12.81 5.52
C THR E 174 21.21 -13.42 6.73
N GLY E 175 21.92 -14.53 6.50
CA GLY E 175 22.64 -15.29 7.54
C GLY E 175 21.60 -15.97 8.44
N LYS E 176 20.54 -16.44 7.82
CA LYS E 176 19.42 -17.03 8.55
C LYS E 176 19.69 -18.50 8.83
N PRO E 177 19.04 -19.00 9.88
CA PRO E 177 19.09 -20.43 10.17
C PRO E 177 18.24 -21.08 9.06
N PRO E 178 18.65 -22.26 8.58
CA PRO E 178 17.96 -22.94 7.48
C PRO E 178 16.50 -23.32 7.66
N SER E 179 16.08 -23.50 8.91
CA SER E 179 14.68 -23.74 9.16
C SER E 179 13.80 -22.59 8.65
N VAL E 180 14.41 -21.60 8.04
CA VAL E 180 13.63 -20.46 7.59
C VAL E 180 14.32 -19.60 6.52
N GLY E 181 14.84 -20.24 5.48
CA GLY E 181 15.39 -19.48 4.37
C GLY E 181 16.88 -19.50 4.39
N GLY E 182 17.45 -19.83 5.54
CA GLY E 182 18.90 -19.85 5.67
C GLY E 182 19.49 -20.86 4.70
N ILE E 183 20.81 -20.95 4.65
CA ILE E 183 21.40 -21.91 3.76
C ILE E 183 22.69 -22.53 4.31
N VAL E 184 23.31 -23.38 3.52
CA VAL E 184 24.53 -24.01 3.94
C VAL E 184 25.45 -23.75 2.80
N ALA E 185 26.69 -24.20 2.91
CA ALA E 185 27.65 -23.88 1.88
C ALA E 185 28.00 -22.43 2.22
N ARG E 186 27.37 -21.96 3.29
CA ARG E 186 27.60 -20.66 3.87
C ARG E 186 28.71 -20.76 4.95
N MET E 187 28.97 -21.99 5.40
CA MET E 187 29.94 -22.27 6.47
C MET E 187 31.43 -22.14 6.10
N ASP E 188 31.78 -22.47 4.86
CA ASP E 188 33.16 -22.37 4.37
C ASP E 188 33.29 -21.30 3.26
N ALA E 189 32.23 -20.49 3.16
CA ALA E 189 32.09 -19.45 2.16
C ALA E 189 33.37 -18.63 2.01
N THR E 190 33.82 -18.07 3.13
CA THR E 190 35.03 -17.26 3.15
C THR E 190 36.34 -17.97 2.73
N ALA E 191 36.66 -19.09 3.36
CA ALA E 191 37.87 -19.83 3.03
C ALA E 191 37.73 -20.36 1.63
N ARG E 192 36.52 -20.79 1.30
CA ARG E 192 36.22 -21.35 -0.02
C ARG E 192 36.31 -20.34 -1.17
N GLY E 193 35.74 -19.14 -1.01
CA GLY E 193 35.88 -18.08 -1.99
C GLY E 193 37.38 -17.79 -2.17
N ALA E 194 38.08 -17.59 -1.06
CA ALA E 194 39.54 -17.36 -1.02
C ALA E 194 40.37 -18.36 -1.82
N SER E 195 39.93 -19.61 -1.83
CA SER E 195 40.71 -20.59 -2.53
C SER E 195 40.64 -20.46 -4.06
N TYR E 196 39.50 -20.02 -4.60
CA TYR E 196 39.34 -19.87 -6.07
C TYR E 196 40.27 -18.80 -6.61
N THR E 197 40.34 -17.68 -5.89
CA THR E 197 41.26 -16.59 -6.22
C THR E 197 42.71 -17.10 -6.12
N VAL E 198 42.97 -17.95 -5.14
CA VAL E 198 44.31 -18.48 -5.00
C VAL E 198 44.62 -19.37 -6.20
N ARG E 199 43.61 -20.06 -6.72
CA ARG E 199 43.82 -20.85 -7.93
C ARG E 199 44.19 -19.89 -9.07
N GLU E 200 43.27 -18.98 -9.35
CA GLU E 200 43.47 -17.98 -10.40
C GLU E 200 44.89 -17.40 -10.44
N ALA E 201 45.31 -16.89 -9.28
CA ALA E 201 46.64 -16.32 -9.11
C ALA E 201 47.64 -17.26 -9.67
N ALA E 202 47.68 -18.42 -9.05
CA ALA E 202 48.57 -19.47 -9.46
C ALA E 202 48.62 -19.44 -10.97
N LYS E 203 47.46 -19.45 -11.59
CA LYS E 203 47.42 -19.40 -13.04
C LYS E 203 48.07 -18.14 -13.55
N ALA E 204 47.72 -16.98 -12.99
CA ALA E 204 48.35 -15.77 -13.48
C ALA E 204 49.85 -16.01 -13.47
N LEU E 205 50.33 -16.50 -12.34
CA LEU E 205 51.74 -16.76 -12.14
C LEU E 205 52.30 -17.91 -12.96
N GLY E 206 51.41 -18.67 -13.60
CA GLY E 206 51.79 -19.85 -14.38
C GLY E 206 52.14 -21.06 -13.50
N MET E 207 51.96 -20.88 -12.19
CA MET E 207 52.30 -21.90 -11.20
C MET E 207 51.24 -22.98 -11.00
N ASP E 208 51.72 -24.14 -10.60
CA ASP E 208 50.82 -25.22 -10.30
C ASP E 208 50.90 -25.53 -8.83
N LEU E 209 49.78 -25.32 -8.15
CA LEU E 209 49.68 -25.57 -6.73
C LEU E 209 49.86 -27.00 -6.21
N LYS E 210 49.46 -28.01 -6.96
CA LYS E 210 49.61 -29.32 -6.36
C LYS E 210 51.01 -29.44 -5.83
N GLY E 211 51.13 -29.68 -4.52
CA GLY E 211 52.43 -29.91 -3.89
C GLY E 211 53.22 -28.68 -3.46
N LYS E 212 52.68 -27.49 -3.71
CA LYS E 212 53.35 -26.28 -3.31
C LYS E 212 53.04 -26.11 -1.84
N THR E 213 53.57 -25.04 -1.25
CA THR E 213 53.36 -24.82 0.16
C THR E 213 52.58 -23.57 0.53
N ILE E 214 51.85 -23.69 1.64
CA ILE E 214 51.09 -22.58 2.16
C ILE E 214 51.27 -22.52 3.66
N ALA E 215 51.22 -21.29 4.17
CA ALA E 215 51.36 -21.03 5.58
C ALA E 215 50.17 -20.14 5.93
N ILE E 216 49.45 -20.50 6.98
CA ILE E 216 48.32 -19.72 7.42
C ILE E 216 48.58 -19.11 8.80
N GLN E 217 48.55 -17.80 8.86
CA GLN E 217 48.64 -17.12 10.12
C GLN E 217 47.18 -17.03 10.62
N GLY E 218 46.88 -17.70 11.72
CA GLY E 218 45.53 -17.68 12.26
C GLY E 218 44.88 -19.05 11.99
N TYR E 219 44.09 -19.54 12.96
CA TYR E 219 43.38 -20.84 12.89
C TYR E 219 42.01 -20.83 13.51
N GLY E 220 41.13 -20.02 12.91
CA GLY E 220 39.75 -19.99 13.30
C GLY E 220 39.02 -20.69 12.16
N ASN E 221 37.77 -20.30 11.96
CA ASN E 221 37.03 -20.96 10.90
C ASN E 221 37.64 -20.85 9.50
N ALA E 222 37.92 -19.62 9.09
CA ALA E 222 38.51 -19.37 7.78
C ALA E 222 39.87 -20.05 7.72
N GLY E 223 40.71 -19.78 8.71
CA GLY E 223 42.03 -20.38 8.74
C GLY E 223 41.87 -21.88 8.78
N TYR E 224 41.01 -22.37 9.65
CA TYR E 224 40.82 -23.79 9.71
C TYR E 224 40.39 -24.28 8.31
N TYR E 225 39.36 -23.62 7.77
CA TYR E 225 38.82 -23.98 6.45
C TYR E 225 39.77 -23.80 5.29
N MET E 226 40.60 -22.77 5.35
CA MET E 226 41.57 -22.56 4.28
C MET E 226 42.52 -23.77 4.22
N ALA E 227 42.91 -24.24 5.40
CA ALA E 227 43.84 -25.37 5.58
C ALA E 227 43.31 -26.69 5.03
N LYS E 228 42.06 -26.96 5.35
CA LYS E 228 41.44 -28.18 4.88
C LYS E 228 41.33 -28.18 3.32
N ILE E 229 40.79 -27.09 2.80
CA ILE E 229 40.56 -26.93 1.36
C ILE E 229 41.82 -26.94 0.47
N MET E 230 42.76 -26.03 0.70
CA MET E 230 43.92 -25.96 -0.17
C MET E 230 44.64 -27.28 -0.23
N SER E 231 44.66 -27.98 0.89
CA SER E 231 45.41 -29.23 0.95
C SER E 231 44.63 -30.40 0.40
N GLU E 232 43.37 -30.46 0.77
CA GLU E 232 42.50 -31.53 0.34
C GLU E 232 42.07 -31.41 -1.11
N GLU E 233 41.60 -30.23 -1.52
CA GLU E 233 41.13 -30.04 -2.88
C GLU E 233 42.23 -29.66 -3.79
N TYR E 234 43.17 -28.85 -3.31
CA TYR E 234 44.24 -28.45 -4.20
C TYR E 234 45.49 -29.28 -4.15
N GLY E 235 45.69 -29.98 -3.05
CA GLY E 235 46.89 -30.82 -2.99
C GLY E 235 48.10 -30.06 -2.44
N MET E 236 47.85 -29.01 -1.69
CA MET E 236 48.94 -28.26 -1.13
C MET E 236 49.46 -28.85 0.19
N LYS E 237 50.67 -28.46 0.58
CA LYS E 237 51.25 -28.87 1.85
C LYS E 237 51.13 -27.73 2.90
N VAL E 238 50.30 -27.90 3.92
CA VAL E 238 50.15 -26.87 4.92
C VAL E 238 51.29 -27.07 5.89
N VAL E 239 52.32 -26.25 5.77
CA VAL E 239 53.55 -26.42 6.56
C VAL E 239 53.62 -25.66 7.86
N ALA E 240 52.65 -24.79 8.10
CA ALA E 240 52.65 -24.05 9.35
C ALA E 240 51.37 -23.32 9.51
N VAL E 241 50.84 -23.34 10.72
CA VAL E 241 49.63 -22.60 11.05
C VAL E 241 49.93 -22.01 12.38
N SER E 242 49.08 -21.13 12.88
CA SER E 242 49.47 -20.46 14.07
C SER E 242 48.26 -19.79 14.70
N ASP E 243 48.31 -19.51 15.97
CA ASP E 243 47.14 -18.90 16.52
C ASP E 243 47.42 -17.79 17.53
N THR E 244 46.35 -17.36 18.15
CA THR E 244 46.40 -16.31 19.12
C THR E 244 47.74 -16.30 19.96
N LYS E 245 48.32 -17.48 20.21
CA LYS E 245 49.51 -17.61 21.07
C LYS E 245 50.85 -17.83 20.37
N GLY E 246 50.87 -18.71 19.40
CA GLY E 246 52.10 -18.99 18.68
C GLY E 246 51.78 -19.92 17.54
N GLY E 247 52.83 -20.35 16.85
CA GLY E 247 52.66 -21.24 15.72
C GLY E 247 53.30 -22.59 15.94
N ILE E 248 53.42 -23.30 14.82
CA ILE E 248 53.98 -24.62 14.73
C ILE E 248 54.37 -24.74 13.27
N TYR E 249 55.36 -25.58 12.99
CA TYR E 249 55.88 -25.71 11.65
C TYR E 249 56.22 -27.16 11.40
N ASN E 250 56.01 -27.60 10.16
CA ASN E 250 56.34 -28.97 9.79
C ASN E 250 56.31 -29.20 8.28
N PRO E 251 57.52 -29.36 7.74
CA PRO E 251 57.77 -29.51 6.31
C PRO E 251 56.97 -30.52 5.48
N ASP E 252 56.43 -31.51 6.17
CA ASP E 252 55.74 -32.59 5.47
C ASP E 252 54.31 -32.20 5.20
N GLY E 253 53.78 -31.36 6.06
CA GLY E 253 52.43 -30.88 5.92
C GLY E 253 51.76 -31.23 7.22
N LEU E 254 50.83 -30.37 7.59
CA LEU E 254 50.04 -30.58 8.79
C LEU E 254 48.65 -31.15 8.33
N ASN E 255 47.90 -31.78 9.24
CA ASN E 255 46.55 -32.33 8.93
C ASN E 255 45.53 -31.47 9.66
N ALA E 256 44.87 -30.57 8.94
CA ALA E 256 44.04 -29.58 9.62
C ALA E 256 43.06 -30.07 10.72
N ASP E 257 42.57 -31.28 10.54
CA ASP E 257 41.60 -31.79 11.50
C ASP E 257 42.30 -32.12 12.80
N GLU E 258 43.47 -32.76 12.66
CA GLU E 258 44.33 -33.12 13.79
C GLU E 258 44.72 -31.87 14.54
N VAL E 259 45.19 -30.90 13.78
CA VAL E 259 45.49 -29.61 14.35
C VAL E 259 44.28 -28.97 15.05
N LEU E 260 43.11 -29.00 14.42
CA LEU E 260 41.97 -28.34 15.05
C LEU E 260 41.53 -29.04 16.35
N ALA E 261 41.53 -30.36 16.37
CA ALA E 261 41.11 -30.99 17.59
C ALA E 261 42.06 -30.59 18.73
N TRP E 262 43.37 -30.68 18.47
CA TRP E 262 44.42 -30.29 19.42
C TRP E 262 44.21 -28.92 20.02
N LYS E 263 43.82 -27.98 19.17
CA LYS E 263 43.60 -26.61 19.59
C LYS E 263 42.34 -26.64 20.44
N LYS E 264 41.36 -27.37 19.93
CA LYS E 264 40.07 -27.48 20.56
C LYS E 264 40.10 -28.09 21.97
N LYS E 265 40.90 -29.15 22.12
CA LYS E 265 41.04 -29.88 23.38
C LYS E 265 42.07 -29.20 24.26
N THR E 266 43.19 -28.87 23.65
CA THR E 266 44.32 -28.18 24.30
C THR E 266 44.17 -26.68 24.60
N GLY E 267 43.71 -25.90 23.62
CA GLY E 267 43.54 -24.46 23.82
C GLY E 267 44.37 -23.64 22.82
N SER E 268 45.28 -24.31 22.14
CA SER E 268 46.07 -23.64 21.13
C SER E 268 46.79 -24.65 20.26
N VAL E 269 47.31 -24.16 19.14
CA VAL E 269 48.00 -25.01 18.17
C VAL E 269 49.42 -25.23 18.67
N LYS E 270 49.75 -24.48 19.71
CA LYS E 270 51.06 -24.58 20.26
C LYS E 270 51.30 -25.97 20.82
N ASP E 271 52.48 -26.51 20.56
CA ASP E 271 52.84 -27.79 21.16
C ASP E 271 52.32 -29.01 20.41
N PHE E 272 51.56 -28.79 19.35
CA PHE E 272 51.06 -29.92 18.61
C PHE E 272 52.19 -30.97 18.51
N PRO E 273 51.84 -32.22 18.79
CA PRO E 273 52.80 -33.30 18.76
C PRO E 273 53.54 -33.40 17.45
N GLY E 274 54.79 -33.82 17.53
CA GLY E 274 55.61 -34.02 16.34
C GLY E 274 55.97 -32.74 15.56
N ALA E 275 55.34 -31.64 15.94
CA ALA E 275 55.62 -30.39 15.27
C ALA E 275 56.46 -29.42 16.10
N THR E 276 57.30 -28.70 15.38
CA THR E 276 58.12 -27.66 15.96
C THR E 276 57.26 -26.43 16.22
N ASN E 277 57.58 -25.69 17.28
CA ASN E 277 56.89 -24.45 17.61
C ASN E 277 57.69 -23.28 17.00
N ILE E 278 56.97 -22.24 16.59
CA ILE E 278 57.59 -21.04 16.01
C ILE E 278 56.72 -19.88 16.36
N THR E 279 57.23 -18.68 16.14
CA THR E 279 56.42 -17.51 16.47
C THR E 279 55.65 -17.09 15.24
N ASN E 280 54.70 -16.19 15.46
CA ASN E 280 53.93 -15.66 14.34
C ASN E 280 54.84 -14.99 13.31
N GLU E 281 55.60 -14.00 13.75
CA GLU E 281 56.57 -13.35 12.91
C GLU E 281 57.46 -14.30 12.10
N GLU E 282 57.84 -15.41 12.67
CA GLU E 282 58.66 -16.27 11.86
C GLU E 282 57.80 -16.88 10.79
N LEU E 283 56.53 -17.07 11.14
CA LEU E 283 55.61 -17.67 10.21
C LEU E 283 55.60 -16.77 8.99
N LEU E 284 55.22 -15.52 9.18
CA LEU E 284 55.14 -14.52 8.12
C LEU E 284 56.35 -14.51 7.16
N GLU E 285 57.52 -14.62 7.74
CA GLU E 285 58.71 -14.58 6.95
C GLU E 285 59.10 -15.95 6.50
N LEU E 286 58.22 -16.91 6.71
CA LEU E 286 58.50 -18.24 6.21
C LEU E 286 58.62 -18.17 4.68
N GLU E 287 59.29 -19.19 4.17
CA GLU E 287 59.63 -19.36 2.77
C GLU E 287 58.65 -20.28 2.10
N VAL E 288 57.44 -19.79 1.84
CA VAL E 288 56.40 -20.62 1.22
C VAL E 288 55.91 -20.04 -0.07
N ASP E 289 55.26 -20.84 -0.89
CA ASP E 289 54.74 -20.28 -2.11
C ASP E 289 53.60 -19.34 -1.79
N VAL E 290 52.80 -19.69 -0.80
CA VAL E 290 51.66 -18.87 -0.48
C VAL E 290 51.55 -18.59 0.99
N LEU E 291 51.14 -17.37 1.29
CA LEU E 291 50.97 -16.98 2.64
C LEU E 291 49.56 -16.43 2.85
N ALA E 292 48.90 -16.89 3.92
CA ALA E 292 47.54 -16.49 4.27
C ALA E 292 47.21 -16.00 5.66
N PRO E 293 47.60 -14.77 5.84
CA PRO E 293 47.29 -14.06 7.04
C PRO E 293 45.76 -14.04 7.16
N SER E 294 45.19 -14.67 8.17
CA SER E 294 43.76 -14.68 8.25
C SER E 294 43.29 -14.42 9.65
N ALA E 295 43.94 -13.50 10.37
CA ALA E 295 43.56 -13.22 11.76
C ALA E 295 43.47 -11.77 12.21
N ILE E 296 44.60 -11.09 12.19
CA ILE E 296 44.62 -9.69 12.60
C ILE E 296 45.33 -8.77 11.61
N GLU E 297 44.98 -7.49 11.72
CA GLU E 297 45.47 -6.43 10.86
C GLU E 297 46.86 -5.88 11.11
N GLU E 298 47.46 -5.35 10.06
CA GLU E 298 48.76 -4.73 10.18
C GLU E 298 49.68 -5.70 10.84
N VAL E 299 50.03 -6.73 10.10
CA VAL E 299 50.96 -7.72 10.56
C VAL E 299 52.07 -7.70 9.52
N ILE E 300 51.77 -7.14 8.35
CA ILE E 300 52.76 -6.94 7.28
C ILE E 300 53.01 -5.41 7.19
N THR E 301 54.22 -4.97 7.60
CA THR E 301 54.59 -3.54 7.68
C THR E 301 55.86 -3.16 6.94
N LYS E 302 56.20 -1.87 6.97
CA LYS E 302 57.47 -1.43 6.36
C LYS E 302 58.55 -2.24 7.05
N LYS E 303 58.37 -2.45 8.35
CA LYS E 303 59.29 -3.25 9.12
C LYS E 303 59.67 -4.58 8.50
N ASN E 304 58.70 -5.48 8.33
CA ASN E 304 58.97 -6.83 7.79
C ASN E 304 58.65 -7.00 6.32
N ALA E 305 58.05 -5.98 5.72
CA ALA E 305 57.68 -6.11 4.32
C ALA E 305 58.76 -6.79 3.53
N ASP E 306 59.99 -6.46 3.90
CA ASP E 306 61.14 -7.00 3.17
C ASP E 306 61.44 -8.48 3.40
N ASN E 307 60.87 -9.05 4.45
CA ASN E 307 61.16 -10.44 4.76
C ASN E 307 60.06 -11.35 4.29
N ILE E 308 59.03 -10.77 3.72
CA ILE E 308 58.01 -11.64 3.21
C ILE E 308 58.63 -12.41 2.08
N LYS E 309 58.54 -13.74 2.14
CA LYS E 309 59.15 -14.52 1.07
C LYS E 309 58.20 -15.34 0.25
N ALA E 310 56.91 -15.03 0.31
CA ALA E 310 55.96 -15.81 -0.50
C ALA E 310 55.63 -15.25 -1.89
N LYS E 311 55.24 -16.13 -2.80
CA LYS E 311 54.89 -15.67 -4.12
C LYS E 311 53.59 -14.88 -4.13
N ILE E 312 52.63 -15.32 -3.33
CA ILE E 312 51.31 -14.70 -3.25
C ILE E 312 50.87 -14.44 -1.82
N VAL E 313 50.29 -13.28 -1.60
CA VAL E 313 49.73 -13.00 -0.31
C VAL E 313 48.22 -12.96 -0.33
N ALA E 314 47.60 -14.04 0.12
CA ALA E 314 46.14 -14.15 0.23
C ALA E 314 45.52 -13.58 1.51
N GLU E 315 44.96 -12.39 1.37
CA GLU E 315 44.34 -11.73 2.48
C GLU E 315 42.95 -12.23 2.87
N LEU E 316 42.91 -13.18 3.82
CA LEU E 316 41.64 -13.64 4.41
C LEU E 316 41.22 -12.71 5.57
N ALA E 317 42.19 -12.07 6.21
CA ALA E 317 41.87 -11.11 7.25
C ALA E 317 41.67 -9.71 6.63
N ASN E 318 41.04 -8.82 7.36
CA ASN E 318 40.88 -7.48 6.84
C ASN E 318 42.03 -6.60 7.35
N GLY E 319 42.71 -5.92 6.43
CA GLY E 319 43.76 -4.99 6.84
C GLY E 319 45.06 -5.61 7.41
N PRO E 320 45.57 -6.69 6.84
CA PRO E 320 46.84 -7.28 7.27
C PRO E 320 48.09 -6.60 6.70
N THR E 321 47.97 -5.99 5.52
CA THR E 321 49.13 -5.36 4.89
C THR E 321 48.96 -3.84 4.82
N THR E 322 50.04 -3.11 5.04
CA THR E 322 49.95 -1.67 4.98
C THR E 322 50.23 -1.17 3.59
N PRO E 323 49.91 0.09 3.44
CA PRO E 323 50.13 0.82 2.21
C PRO E 323 51.63 0.80 1.94
N GLU E 324 52.39 1.06 3.00
CA GLU E 324 53.85 1.05 2.95
C GLU E 324 54.38 -0.32 2.56
N ALA E 325 53.87 -1.35 3.25
CA ALA E 325 54.29 -2.71 2.95
C ALA E 325 53.77 -3.00 1.55
N ASP E 326 52.69 -2.29 1.20
CA ASP E 326 52.02 -2.36 -0.11
C ASP E 326 52.98 -2.09 -1.31
N GLU E 327 53.80 -1.03 -1.22
CA GLU E 327 54.73 -0.72 -2.32
C GLU E 327 55.97 -1.59 -2.37
N ILE E 328 56.47 -2.00 -1.21
CA ILE E 328 57.65 -2.85 -1.16
C ILE E 328 57.39 -4.19 -1.83
N LEU E 329 56.30 -4.81 -1.39
CA LEU E 329 55.90 -6.13 -1.88
C LEU E 329 55.66 -6.00 -3.37
N TYR E 330 54.92 -4.96 -3.75
CA TYR E 330 54.63 -4.70 -5.16
C TYR E 330 55.91 -4.67 -5.96
N GLU E 331 56.85 -3.82 -5.52
CA GLU E 331 58.18 -3.73 -6.13
C GLU E 331 58.80 -5.11 -6.15
N LYS E 332 58.89 -5.73 -4.98
CA LYS E 332 59.49 -7.05 -4.90
C LYS E 332 58.87 -8.08 -5.86
N GLY E 333 57.68 -7.79 -6.38
CA GLY E 333 57.03 -8.67 -7.35
C GLY E 333 56.14 -9.77 -6.79
N ILE E 334 55.51 -9.49 -5.65
CA ILE E 334 54.65 -10.47 -5.01
C ILE E 334 53.19 -10.21 -5.30
N LEU E 335 52.46 -11.25 -5.67
CA LEU E 335 51.04 -11.12 -5.92
C LEU E 335 50.32 -11.10 -4.59
N ILE E 336 49.64 -9.98 -4.35
CA ILE E 336 48.79 -9.77 -3.20
C ILE E 336 47.33 -9.81 -3.67
N ILE E 337 46.50 -10.60 -3.00
CA ILE E 337 45.08 -10.63 -3.32
C ILE E 337 44.33 -9.88 -2.23
N PRO E 338 43.98 -8.62 -2.50
CA PRO E 338 43.31 -7.80 -1.50
C PRO E 338 42.13 -8.41 -0.68
N ASP E 339 42.01 -7.97 0.57
CA ASP E 339 40.97 -8.49 1.45
C ASP E 339 39.63 -8.44 0.80
N PHE E 340 39.02 -7.27 0.83
CA PHE E 340 37.73 -7.00 0.21
C PHE E 340 37.45 -7.70 -1.11
N LEU E 341 38.46 -8.29 -1.74
CA LEU E 341 38.22 -9.07 -2.92
C LEU E 341 38.38 -10.51 -2.45
N CYS E 342 39.58 -10.84 -1.94
CA CYS E 342 39.87 -12.17 -1.39
C CYS E 342 38.84 -12.69 -0.38
N ASN E 343 38.43 -11.85 0.55
CA ASN E 343 37.45 -12.34 1.52
C ASN E 343 35.93 -12.17 1.19
N ALA E 344 35.63 -11.89 -0.09
CA ALA E 344 34.27 -11.67 -0.61
C ALA E 344 33.31 -12.87 -0.76
N GLY E 345 33.80 -14.11 -0.68
CA GLY E 345 32.97 -15.34 -0.78
C GLY E 345 31.86 -15.38 0.28
N GLY E 346 32.00 -14.55 1.31
CA GLY E 346 30.97 -14.44 2.31
C GLY E 346 29.81 -13.66 1.76
N VAL E 347 29.99 -12.36 1.51
CA VAL E 347 28.91 -11.53 0.93
C VAL E 347 28.28 -12.20 -0.31
N THR E 348 29.12 -12.78 -1.16
CA THR E 348 28.66 -13.47 -2.33
C THR E 348 27.61 -14.50 -1.92
N VAL E 349 28.03 -15.47 -1.12
CA VAL E 349 27.09 -16.47 -0.62
C VAL E 349 25.86 -15.87 0.07
N SER E 350 25.99 -14.64 0.54
CA SER E 350 24.85 -14.00 1.19
C SER E 350 23.83 -13.49 0.18
N TYR E 351 24.29 -13.25 -1.04
CA TYR E 351 23.47 -12.77 -2.15
C TYR E 351 22.78 -13.99 -2.73
N PHE E 352 23.51 -15.09 -2.78
CA PHE E 352 22.95 -16.35 -3.19
C PHE E 352 21.80 -16.71 -2.21
N GLU E 353 21.86 -16.27 -0.98
CA GLU E 353 20.78 -16.69 -0.12
C GLU E 353 19.56 -15.87 -0.43
N TRP E 354 19.82 -14.62 -0.79
CA TRP E 354 18.75 -13.67 -1.06
C TRP E 354 18.06 -14.04 -2.37
N VAL E 355 18.84 -14.55 -3.31
CA VAL E 355 18.27 -14.97 -4.56
C VAL E 355 17.27 -16.08 -4.26
N GLN E 356 17.72 -17.15 -3.60
CA GLN E 356 16.83 -18.24 -3.20
C GLN E 356 15.58 -17.77 -2.40
N ASN E 357 15.77 -16.93 -1.40
CA ASN E 357 14.64 -16.43 -0.66
C ASN E 357 13.59 -15.78 -1.56
N ILE E 358 14.03 -14.93 -2.48
CA ILE E 358 13.09 -14.18 -3.32
C ILE E 358 12.38 -15.00 -4.39
N THR E 359 13.08 -15.99 -4.90
CA THR E 359 12.47 -16.85 -5.90
C THR E 359 11.77 -18.11 -5.35
N GLY E 360 11.93 -18.42 -4.06
CA GLY E 360 11.33 -19.63 -3.49
C GLY E 360 12.02 -20.94 -3.92
N ASP E 361 13.10 -20.81 -4.68
CA ASP E 361 13.81 -21.98 -5.17
C ASP E 361 15.07 -22.19 -4.41
N TYR E 362 15.24 -23.36 -3.77
CA TYR E 362 16.49 -23.60 -3.07
C TYR E 362 17.42 -24.58 -3.75
N TRP E 363 18.66 -24.15 -3.86
CA TRP E 363 19.68 -24.87 -4.63
C TRP E 363 20.49 -25.88 -3.83
N THR E 364 21.26 -26.72 -4.54
CA THR E 364 22.14 -27.70 -3.92
C THR E 364 23.53 -27.09 -3.67
N VAL E 365 24.27 -27.63 -2.71
CA VAL E 365 25.56 -27.04 -2.36
C VAL E 365 26.43 -27.01 -3.58
N GLU E 366 26.47 -28.13 -4.28
CA GLU E 366 27.23 -28.18 -5.50
C GLU E 366 26.80 -27.08 -6.49
N GLU E 367 25.51 -26.73 -6.51
CA GLU E 367 25.04 -25.67 -7.40
C GLU E 367 25.59 -24.36 -6.88
N THR E 368 25.43 -24.17 -5.58
CA THR E 368 25.90 -22.98 -4.92
C THR E 368 27.39 -22.80 -5.14
N ARG E 369 28.12 -23.90 -5.04
CA ARG E 369 29.55 -23.81 -5.25
C ARG E 369 29.88 -23.52 -6.69
N ALA E 370 29.09 -24.05 -7.61
CA ALA E 370 29.29 -23.80 -9.03
C ALA E 370 29.39 -22.28 -9.31
N LYS E 371 28.50 -21.51 -8.69
CA LYS E 371 28.41 -20.07 -8.86
C LYS E 371 29.44 -19.25 -8.14
N LEU E 372 29.63 -19.55 -6.86
CA LEU E 372 30.70 -18.87 -6.11
C LEU E 372 32.00 -18.87 -6.96
N ASP E 373 32.39 -20.06 -7.39
CA ASP E 373 33.58 -20.25 -8.23
C ASP E 373 33.49 -19.21 -9.33
N LYS E 374 32.53 -19.40 -10.21
CA LYS E 374 32.33 -18.44 -11.27
C LYS E 374 32.50 -16.96 -10.84
N LYS E 375 31.75 -16.53 -9.85
CA LYS E 375 31.81 -15.12 -9.46
C LYS E 375 33.18 -14.63 -8.99
N MET E 376 33.89 -15.48 -8.24
CA MET E 376 35.16 -15.07 -7.67
C MET E 376 36.17 -15.09 -8.78
N THR E 377 36.10 -16.16 -9.55
CA THR E 377 36.96 -16.26 -10.71
C THR E 377 36.95 -14.97 -11.54
N LYS E 378 35.75 -14.52 -11.86
CA LYS E 378 35.58 -13.36 -12.70
C LYS E 378 36.13 -12.18 -11.99
N ALA E 379 35.66 -11.99 -10.78
CA ALA E 379 36.10 -10.84 -10.05
C ALA E 379 37.61 -10.78 -9.96
N PHE E 380 38.27 -11.93 -9.85
CA PHE E 380 39.71 -11.91 -9.69
C PHE E 380 40.38 -11.32 -10.89
N TRP E 381 39.97 -11.84 -12.04
CA TRP E 381 40.48 -11.41 -13.33
C TRP E 381 40.15 -9.98 -13.73
N ASP E 382 38.98 -9.49 -13.34
CA ASP E 382 38.64 -8.09 -13.61
C ASP E 382 39.69 -7.20 -12.91
N VAL E 383 40.06 -7.59 -11.69
CA VAL E 383 41.01 -6.84 -10.86
C VAL E 383 42.42 -6.97 -11.34
N TYR E 384 42.79 -8.20 -11.68
CA TYR E 384 44.12 -8.49 -12.15
C TYR E 384 44.40 -7.68 -13.36
N ASN E 385 43.55 -7.90 -14.36
CA ASN E 385 43.68 -7.26 -15.65
C ASN E 385 43.69 -5.74 -15.61
N THR E 386 43.04 -5.13 -14.63
CA THR E 386 43.12 -3.68 -14.45
C THR E 386 44.52 -3.31 -13.88
N HIS E 387 45.09 -4.23 -13.09
CA HIS E 387 46.41 -4.05 -12.46
C HIS E 387 47.50 -3.94 -13.53
N LYS E 388 47.64 -4.96 -14.39
CA LYS E 388 48.61 -4.90 -15.48
C LYS E 388 48.34 -3.65 -16.31
N GLU E 389 47.13 -3.53 -16.85
CA GLU E 389 46.71 -2.36 -17.65
C GLU E 389 47.15 -1.00 -17.12
N LYS E 390 46.59 -0.58 -16.00
CA LYS E 390 46.95 0.70 -15.46
C LYS E 390 48.28 0.62 -14.76
N ASN E 391 48.78 -0.61 -14.63
CA ASN E 391 50.01 -0.85 -13.90
C ASN E 391 49.91 -0.26 -12.51
N ILE E 392 49.20 -0.96 -11.63
CA ILE E 392 49.07 -0.53 -10.24
C ILE E 392 48.97 -1.78 -9.38
N ASN E 393 48.89 -1.62 -8.06
CA ASN E 393 48.82 -2.78 -7.18
C ASN E 393 47.40 -3.26 -6.96
N MET E 394 47.25 -4.56 -6.83
CA MET E 394 45.94 -5.13 -6.69
C MET E 394 45.04 -4.31 -5.79
N ARG E 395 45.54 -3.86 -4.65
CA ARG E 395 44.66 -3.09 -3.79
C ARG E 395 44.18 -1.85 -4.52
N ASP E 396 45.08 -1.20 -5.22
CA ASP E 396 44.67 0.00 -5.93
C ASP E 396 43.67 -0.39 -6.99
N ALA E 397 44.09 -1.34 -7.84
CA ALA E 397 43.22 -1.83 -8.92
C ALA E 397 41.80 -2.26 -8.50
N ALA E 398 41.63 -2.85 -7.33
CA ALA E 398 40.33 -3.30 -6.92
C ALA E 398 39.44 -2.08 -6.70
N TYR E 399 40.03 -1.04 -6.14
CA TYR E 399 39.30 0.17 -5.81
C TYR E 399 38.88 0.95 -7.04
N VAL E 400 39.65 0.79 -8.10
CA VAL E 400 39.34 1.51 -9.29
C VAL E 400 38.09 0.88 -9.89
N VAL E 401 38.17 -0.41 -10.12
CA VAL E 401 37.06 -1.22 -10.59
C VAL E 401 35.80 -1.02 -9.72
N ALA E 402 36.00 -0.94 -8.42
CA ALA E 402 34.86 -0.75 -7.58
C ALA E 402 34.29 0.61 -7.85
N VAL E 403 35.07 1.64 -7.56
CA VAL E 403 34.61 3.01 -7.70
C VAL E 403 34.06 3.38 -9.06
N SER E 404 34.65 2.82 -10.12
CA SER E 404 34.20 3.11 -11.47
C SER E 404 32.76 2.66 -11.68
N ARG E 405 32.50 1.40 -11.33
CA ARG E 405 31.16 0.80 -11.35
C ARG E 405 30.11 1.65 -10.67
N VAL E 406 30.40 2.05 -9.46
CA VAL E 406 29.46 2.94 -8.79
C VAL E 406 29.25 4.25 -9.52
N TYR E 407 30.29 4.68 -10.23
CA TYR E 407 30.31 5.96 -10.91
C TYR E 407 29.37 5.91 -12.14
N GLN E 408 29.59 4.91 -13.00
CA GLN E 408 28.75 4.66 -14.18
C GLN E 408 27.27 4.70 -13.84
N ALA E 409 26.90 3.93 -12.83
CA ALA E 409 25.52 3.84 -12.43
C ALA E 409 24.93 5.16 -12.01
N MET E 410 25.68 5.96 -11.28
CA MET E 410 25.13 7.24 -10.78
C MET E 410 25.02 8.19 -11.94
N LYS E 411 25.80 7.90 -12.98
CA LYS E 411 25.85 8.70 -14.17
C LYS E 411 24.67 8.28 -15.02
N ASP E 412 24.51 6.97 -15.19
CA ASP E 412 23.37 6.39 -15.91
C ASP E 412 21.94 6.69 -15.32
N ARG E 413 21.88 7.08 -14.05
CA ARG E 413 20.64 7.47 -13.40
C ARG E 413 20.47 8.97 -13.41
N GLY E 414 21.56 9.70 -13.66
CA GLY E 414 21.51 11.16 -13.68
C GLY E 414 21.58 11.82 -12.32
N TRP E 415 22.09 11.07 -11.38
CA TRP E 415 22.21 11.58 -10.03
C TRP E 415 23.20 12.71 -10.11
N ILE E 416 24.25 12.52 -10.90
CA ILE E 416 25.23 13.56 -11.17
C ILE E 416 25.26 13.62 -12.69
N LYS E 417 25.63 14.77 -13.24
CA LYS E 417 25.65 14.94 -14.69
C LYS E 417 26.91 14.55 -15.46
N LYS E 418 28.05 14.37 -14.80
CA LYS E 418 29.23 14.03 -15.60
C LYS E 418 30.29 13.35 -14.77
N GLN F 3 -13.70 -31.46 16.80
CA GLN F 3 -14.71 -32.35 16.24
C GLN F 3 -14.08 -33.57 15.64
N ASP F 4 -14.61 -34.71 16.01
CA ASP F 4 -14.07 -35.96 15.56
C ASP F 4 -12.91 -35.88 14.53
N PRO F 5 -13.17 -35.38 13.32
CA PRO F 5 -12.09 -35.37 12.30
C PRO F 5 -10.85 -34.65 12.79
N PHE F 6 -11.04 -33.52 13.46
CA PHE F 6 -9.89 -32.81 13.98
C PHE F 6 -9.31 -33.68 15.09
N GLU F 7 -10.11 -33.90 16.14
CA GLU F 7 -9.73 -34.79 17.27
C GLU F 7 -8.84 -35.99 16.87
N ILE F 8 -9.08 -36.52 15.68
CA ILE F 8 -8.31 -37.65 15.21
C ILE F 8 -6.91 -37.21 14.82
N ALA F 9 -6.86 -36.01 14.25
CA ALA F 9 -5.63 -35.39 13.80
C ALA F 9 -4.68 -35.11 14.94
N VAL F 10 -5.17 -34.38 15.96
CA VAL F 10 -4.34 -34.12 17.13
C VAL F 10 -3.72 -35.40 17.67
N LYS F 11 -4.56 -36.42 17.85
CA LYS F 11 -4.09 -37.69 18.37
C LYS F 11 -2.90 -38.17 17.54
N GLN F 12 -3.09 -38.15 16.24
CA GLN F 12 -2.05 -38.58 15.33
C GLN F 12 -0.77 -37.95 15.79
N LEU F 13 -0.89 -36.66 16.12
CA LEU F 13 0.22 -35.82 16.53
C LEU F 13 0.70 -36.21 17.92
N GLU F 14 -0.22 -36.21 18.88
CA GLU F 14 0.06 -36.53 20.27
C GLU F 14 0.83 -37.85 20.42
N ARG F 15 0.55 -38.79 19.52
CA ARG F 15 1.20 -40.08 19.46
C ARG F 15 2.65 -40.03 18.95
N ALA F 16 2.93 -39.14 18.00
CA ALA F 16 4.26 -39.08 17.42
C ALA F 16 5.30 -38.48 18.36
N ALA F 17 4.85 -37.48 19.13
CA ALA F 17 5.67 -36.80 20.11
C ALA F 17 6.39 -37.82 20.91
N GLN F 18 5.59 -38.72 21.46
CA GLN F 18 6.16 -39.78 22.26
C GLN F 18 7.43 -40.31 21.62
N TYR F 19 7.54 -40.19 20.30
CA TYR F 19 8.76 -40.67 19.64
C TYR F 19 9.85 -39.62 19.55
N MET F 20 9.66 -38.49 20.22
CA MET F 20 10.61 -37.40 20.14
C MET F 20 10.62 -36.39 21.30
N ASP F 21 11.72 -35.66 21.38
CA ASP F 21 11.91 -34.61 22.37
C ASP F 21 11.26 -33.32 21.89
N ILE F 22 10.29 -32.81 22.63
CA ILE F 22 9.60 -31.65 22.15
C ILE F 22 8.84 -31.05 23.30
N SER F 23 9.18 -29.82 23.63
CA SER F 23 8.52 -29.12 24.71
C SER F 23 7.01 -29.38 24.62
N GLU F 24 6.29 -28.88 25.61
CA GLU F 24 4.86 -29.01 25.63
C GLU F 24 4.32 -27.69 25.14
N GLU F 25 5.17 -26.67 25.29
CA GLU F 25 4.84 -25.34 24.83
C GLU F 25 4.52 -25.62 23.39
N ALA F 26 5.42 -26.39 22.75
CA ALA F 26 5.34 -26.74 21.36
C ALA F 26 4.05 -27.48 21.08
N LEU F 27 3.89 -28.63 21.72
CA LEU F 27 2.74 -29.43 21.45
C LEU F 27 1.51 -28.58 21.49
N GLU F 28 1.37 -27.79 22.55
CA GLU F 28 0.20 -26.95 22.74
C GLU F 28 -0.05 -26.04 21.53
N PHE F 29 1.02 -25.49 21.00
CA PHE F 29 0.93 -24.61 19.84
C PHE F 29 0.46 -25.46 18.69
N LEU F 30 1.31 -26.38 18.24
CA LEU F 30 0.99 -27.25 17.14
C LEU F 30 -0.40 -27.95 17.21
N LYS F 31 -1.28 -27.54 18.13
CA LYS F 31 -2.54 -28.26 18.36
C LYS F 31 -3.74 -27.47 18.00
N ARG F 32 -3.48 -26.25 17.57
CA ARG F 32 -4.55 -25.44 17.06
C ARG F 32 -4.00 -24.70 15.87
N PRO F 33 -4.88 -24.41 14.92
CA PRO F 33 -4.51 -23.70 13.72
C PRO F 33 -4.17 -22.27 14.11
N GLN F 34 -3.15 -21.66 13.48
CA GLN F 34 -2.82 -20.23 13.73
C GLN F 34 -3.96 -19.29 13.39
N ARG F 35 -4.52 -19.45 12.20
CA ARG F 35 -5.67 -18.61 11.82
C ARG F 35 -6.85 -19.33 11.20
N ILE F 36 -8.04 -18.93 11.61
CA ILE F 36 -9.22 -19.42 10.92
C ILE F 36 -10.07 -18.26 10.47
N VAL F 37 -10.47 -18.29 9.21
CA VAL F 37 -11.37 -17.26 8.69
C VAL F 37 -12.70 -17.89 8.24
N GLU F 38 -13.83 -17.39 8.73
CA GLU F 38 -15.09 -17.93 8.30
C GLU F 38 -15.99 -16.81 7.78
N VAL F 39 -16.40 -16.96 6.52
CA VAL F 39 -17.18 -15.95 5.79
C VAL F 39 -18.50 -16.39 5.10
N SER F 40 -19.43 -15.45 5.02
CA SER F 40 -20.70 -15.58 4.30
C SER F 40 -20.50 -15.03 2.91
N ILE F 41 -20.76 -15.84 1.90
CA ILE F 41 -20.60 -15.44 0.50
C ILE F 41 -21.97 -15.38 -0.19
N PRO F 42 -22.50 -14.19 -0.37
CA PRO F 42 -23.76 -13.99 -1.07
C PRO F 42 -23.57 -14.23 -2.56
N VAL F 43 -24.30 -15.20 -3.12
CA VAL F 43 -24.20 -15.53 -4.52
C VAL F 43 -25.53 -15.35 -5.24
N GLU F 44 -25.47 -14.73 -6.42
CA GLU F 44 -26.66 -14.47 -7.24
C GLU F 44 -26.89 -15.65 -8.16
N MET F 45 -27.96 -16.38 -7.84
CA MET F 45 -28.31 -17.60 -8.54
C MET F 45 -28.98 -17.22 -9.82
N ASP F 46 -28.86 -18.13 -10.78
CA ASP F 46 -29.36 -17.99 -12.15
C ASP F 46 -30.75 -17.40 -12.23
N ASP F 47 -31.55 -17.71 -11.22
CA ASP F 47 -32.93 -17.24 -11.12
C ASP F 47 -33.04 -15.84 -10.50
N GLY F 48 -31.93 -15.13 -10.42
CA GLY F 48 -31.93 -13.77 -9.88
C GLY F 48 -32.05 -13.72 -8.35
N SER F 49 -32.07 -14.88 -7.73
CA SER F 49 -32.15 -14.93 -6.29
C SER F 49 -30.73 -15.00 -5.77
N VAL F 50 -30.51 -14.28 -4.67
CA VAL F 50 -29.24 -14.24 -3.97
C VAL F 50 -29.20 -15.28 -2.84
N LYS F 51 -28.25 -16.19 -2.94
CA LYS F 51 -28.14 -17.21 -1.91
C LYS F 51 -26.80 -17.13 -1.15
N VAL F 52 -26.84 -17.08 0.17
CA VAL F 52 -25.61 -17.00 0.96
C VAL F 52 -24.97 -18.33 1.30
N PHE F 53 -23.72 -18.51 0.87
CA PHE F 53 -22.97 -19.73 1.23
C PHE F 53 -22.06 -19.43 2.41
N THR F 54 -21.32 -20.46 2.84
CA THR F 54 -20.40 -20.38 3.97
C THR F 54 -19.10 -21.05 3.64
N GLY F 55 -17.99 -20.32 3.67
CA GLY F 55 -16.74 -20.97 3.32
C GLY F 55 -15.77 -20.73 4.42
N PHE F 56 -14.68 -21.45 4.34
CA PHE F 56 -13.62 -21.31 5.32
C PHE F 56 -12.28 -21.31 4.63
N ARG F 57 -11.32 -20.74 5.33
CA ARG F 57 -9.93 -20.85 4.96
C ARG F 57 -9.24 -20.94 6.32
N VAL F 58 -8.34 -21.89 6.41
CA VAL F 58 -7.65 -22.14 7.65
C VAL F 58 -6.19 -22.16 7.32
N GLN F 59 -5.47 -21.37 8.08
CA GLN F 59 -4.04 -21.26 7.90
C GLN F 59 -3.51 -21.81 9.23
N TYR F 60 -3.11 -23.08 9.16
CA TYR F 60 -2.74 -23.86 10.33
C TYR F 60 -1.48 -23.37 11.06
N ASN F 61 -0.36 -23.40 10.32
CA ASN F 61 0.96 -22.97 10.76
C ASN F 61 1.78 -22.42 9.60
N TRP F 62 2.31 -21.20 9.77
CA TRP F 62 3.19 -20.63 8.74
C TRP F 62 4.64 -20.44 9.10
N ALA F 63 5.05 -21.10 10.16
CA ALA F 63 6.40 -21.00 10.63
C ALA F 63 7.47 -21.25 9.55
N ARG F 64 7.25 -22.23 8.68
CA ARG F 64 8.26 -22.58 7.68
C ARG F 64 8.13 -21.85 6.32
N GLY F 65 7.02 -21.16 6.11
CA GLY F 65 6.80 -20.54 4.81
C GLY F 65 5.32 -20.15 4.70
N PRO F 66 4.94 -19.61 3.56
CA PRO F 66 3.56 -19.29 3.35
C PRO F 66 2.77 -20.64 3.22
N THR F 67 1.57 -20.65 3.77
CA THR F 67 0.76 -21.87 3.77
C THR F 67 0.17 -22.28 2.41
N LYS F 68 0.35 -23.56 2.11
CA LYS F 68 -0.17 -24.20 0.91
C LYS F 68 -1.39 -25.06 1.24
N GLY F 69 -2.39 -25.09 0.37
CA GLY F 69 -3.57 -25.92 0.61
C GLY F 69 -4.75 -25.63 -0.29
N GLY F 70 -5.33 -26.72 -0.77
CA GLY F 70 -6.42 -26.72 -1.71
C GLY F 70 -7.73 -26.31 -1.14
N ILE F 71 -8.67 -26.07 -2.06
CA ILE F 71 -10.04 -25.66 -1.75
C ILE F 71 -11.00 -26.79 -2.12
N ARG F 72 -11.93 -27.08 -1.21
CA ARG F 72 -12.95 -28.11 -1.39
C ARG F 72 -14.38 -27.54 -1.50
N TRP F 73 -15.14 -28.08 -2.45
CA TRP F 73 -16.55 -27.73 -2.57
C TRP F 73 -17.37 -29.02 -2.28
N HIS F 74 -18.11 -29.02 -1.19
CA HIS F 74 -18.80 -30.24 -0.77
C HIS F 74 -19.94 -29.95 0.15
N PRO F 75 -21.08 -30.60 -0.12
CA PRO F 75 -22.31 -30.42 0.63
C PRO F 75 -22.19 -30.80 2.08
N GLU F 76 -21.34 -31.78 2.38
CA GLU F 76 -21.16 -32.17 3.77
C GLU F 76 -19.86 -31.63 4.36
N GLU F 77 -19.42 -30.46 3.92
CA GLU F 77 -18.17 -29.91 4.42
C GLU F 77 -18.33 -29.37 5.81
N THR F 78 -17.24 -29.42 6.60
CA THR F 78 -17.18 -28.86 7.96
C THR F 78 -15.80 -28.23 8.28
N LEU F 79 -15.78 -27.30 9.24
CA LEU F 79 -14.53 -26.73 9.79
C LEU F 79 -13.55 -27.79 10.24
N SER F 80 -14.02 -28.64 11.14
CA SER F 80 -13.18 -29.71 11.71
C SER F 80 -12.46 -30.40 10.61
N THR F 81 -13.21 -30.67 9.55
CA THR F 81 -12.66 -31.34 8.39
C THR F 81 -11.57 -30.44 7.86
N VAL F 82 -11.94 -29.18 7.63
CA VAL F 82 -10.98 -28.22 7.15
C VAL F 82 -9.77 -28.11 8.08
N LYS F 83 -9.99 -27.92 9.38
CA LYS F 83 -8.84 -27.84 10.30
C LYS F 83 -7.97 -29.07 10.21
N ALA F 84 -8.61 -30.22 10.30
CA ALA F 84 -7.88 -31.47 10.25
C ALA F 84 -7.00 -31.60 9.02
N LEU F 85 -7.57 -31.27 7.87
CA LEU F 85 -6.89 -31.40 6.57
C LEU F 85 -5.76 -30.36 6.44
N ALA F 86 -5.99 -29.18 7.02
CA ALA F 86 -5.00 -28.10 7.13
C ALA F 86 -3.77 -28.61 7.89
N ALA F 87 -4.02 -29.16 9.09
CA ALA F 87 -2.97 -29.78 9.92
C ALA F 87 -2.13 -30.72 9.07
N TRP F 88 -2.84 -31.64 8.42
CA TRP F 88 -2.21 -32.56 7.54
C TRP F 88 -1.29 -31.98 6.45
N MET F 89 -1.75 -30.95 5.74
CA MET F 89 -0.94 -30.37 4.65
C MET F 89 0.33 -29.99 5.31
N THR F 90 0.16 -29.37 6.47
CA THR F 90 1.30 -28.97 7.28
C THR F 90 2.38 -30.06 7.40
N TRP F 91 2.02 -31.30 7.72
CA TRP F 91 3.10 -32.28 7.82
C TRP F 91 3.58 -32.60 6.42
N LYS F 92 2.69 -32.39 5.46
CA LYS F 92 2.96 -32.72 4.07
C LYS F 92 4.09 -31.91 3.48
N THR F 93 3.92 -30.59 3.54
CA THR F 93 4.90 -29.62 3.04
C THR F 93 6.22 -29.81 3.80
N ALA F 94 6.14 -30.07 5.10
CA ALA F 94 7.33 -30.26 5.96
C ALA F 94 8.18 -31.46 5.60
N VAL F 95 7.50 -32.59 5.44
CA VAL F 95 8.19 -33.84 5.16
C VAL F 95 8.87 -33.67 3.80
N MET F 96 8.20 -32.97 2.89
CA MET F 96 8.75 -32.72 1.55
C MET F 96 9.80 -31.61 1.62
N ASP F 97 9.89 -30.94 2.76
CA ASP F 97 10.89 -29.91 2.97
C ASP F 97 10.74 -28.83 1.96
N LEU F 98 9.54 -28.26 1.87
CA LEU F 98 9.26 -27.15 0.96
C LEU F 98 9.16 -25.94 1.88
N PRO F 99 9.27 -24.75 1.30
CA PRO F 99 9.22 -23.51 2.05
C PRO F 99 7.80 -23.03 2.33
N TYR F 100 6.93 -23.95 2.73
CA TYR F 100 5.58 -23.55 2.99
C TYR F 100 5.07 -24.06 4.32
N GLY F 101 4.06 -23.38 4.86
CA GLY F 101 3.27 -23.85 6.00
C GLY F 101 2.08 -24.65 5.41
N GLY F 102 1.01 -24.88 6.14
CA GLY F 102 -0.09 -25.66 5.56
C GLY F 102 -1.43 -24.98 5.79
N GLY F 103 -2.34 -25.09 4.84
CA GLY F 103 -3.61 -24.38 5.02
C GLY F 103 -4.59 -25.15 4.20
N LYS F 104 -5.83 -24.73 4.23
CA LYS F 104 -6.83 -25.46 3.46
C LYS F 104 -8.11 -24.69 3.49
N GLY F 105 -8.91 -24.76 2.43
CA GLY F 105 -10.23 -24.09 2.44
C GLY F 105 -11.36 -25.03 1.97
N GLY F 106 -12.58 -24.60 2.19
CA GLY F 106 -13.75 -25.31 1.74
C GLY F 106 -15.00 -24.42 1.74
N VAL F 107 -15.94 -24.83 0.91
CA VAL F 107 -17.24 -24.17 0.83
C VAL F 107 -18.27 -25.28 0.97
N ILE F 108 -19.37 -24.98 1.65
CA ILE F 108 -20.45 -25.93 1.81
C ILE F 108 -21.55 -25.58 0.83
N CYS F 109 -21.54 -26.31 -0.29
CA CYS F 109 -22.40 -26.07 -1.44
C CYS F 109 -22.51 -27.39 -2.23
N ASN F 110 -23.37 -27.41 -3.25
CA ASN F 110 -23.47 -28.56 -4.15
C ASN F 110 -23.25 -28.24 -5.63
N PRO F 111 -21.99 -28.16 -6.01
CA PRO F 111 -21.59 -27.85 -7.37
C PRO F 111 -22.40 -28.65 -8.33
N LYS F 112 -22.73 -29.87 -7.92
CA LYS F 112 -23.50 -30.76 -8.76
C LYS F 112 -24.86 -30.14 -9.17
N GLU F 113 -25.39 -29.23 -8.37
CA GLU F 113 -26.61 -28.52 -8.75
C GLU F 113 -26.34 -27.07 -9.22
N MET F 114 -25.15 -26.84 -9.76
CA MET F 114 -24.76 -25.49 -10.12
C MET F 114 -24.43 -25.19 -11.58
N SER F 115 -24.89 -24.03 -12.02
CA SER F 115 -24.59 -23.54 -13.37
C SER F 115 -23.09 -23.21 -13.42
N ASP F 116 -22.50 -23.33 -14.60
CA ASP F 116 -21.12 -22.91 -14.79
C ASP F 116 -21.00 -21.45 -14.29
N ARG F 117 -21.99 -20.66 -14.61
CA ARG F 117 -21.99 -19.28 -14.22
C ARG F 117 -22.21 -19.08 -12.74
N GLU F 118 -22.82 -20.04 -12.07
CA GLU F 118 -23.04 -19.86 -10.64
C GLU F 118 -21.79 -20.36 -9.93
N LYS F 119 -21.01 -21.19 -10.61
CA LYS F 119 -19.78 -21.65 -10.03
C LYS F 119 -18.74 -20.56 -10.17
N GLU F 120 -18.85 -19.78 -11.23
CA GLU F 120 -17.90 -18.70 -11.41
C GLU F 120 -18.13 -17.66 -10.33
N ARG F 121 -19.38 -17.34 -10.06
CA ARG F 121 -19.65 -16.30 -9.07
C ARG F 121 -19.40 -16.68 -7.64
N LEU F 122 -19.27 -17.96 -7.37
CA LEU F 122 -18.96 -18.44 -6.03
C LEU F 122 -17.43 -18.36 -5.90
N ALA F 123 -16.71 -18.80 -6.93
CA ALA F 123 -15.25 -18.68 -6.91
C ALA F 123 -14.86 -17.20 -6.69
N ARG F 124 -15.46 -16.31 -7.47
CA ARG F 124 -15.22 -14.88 -7.27
C ARG F 124 -15.60 -14.40 -5.86
N GLY F 125 -16.75 -14.82 -5.37
CA GLY F 125 -17.22 -14.40 -4.03
C GLY F 125 -16.24 -14.86 -2.93
N TYR F 126 -15.75 -16.10 -3.05
CA TYR F 126 -14.77 -16.64 -2.14
C TYR F 126 -13.62 -15.67 -2.04
N VAL F 127 -12.96 -15.43 -3.16
CA VAL F 127 -11.84 -14.48 -3.18
C VAL F 127 -12.20 -13.08 -2.66
N ARG F 128 -13.33 -12.55 -3.07
CA ARG F 128 -13.70 -11.25 -2.59
C ARG F 128 -13.85 -11.28 -1.07
N ALA F 129 -14.18 -12.45 -0.55
CA ALA F 129 -14.44 -12.55 0.86
C ALA F 129 -13.21 -12.67 1.75
N ILE F 130 -12.26 -13.50 1.31
CA ILE F 130 -11.07 -13.81 2.08
C ILE F 130 -9.86 -13.19 1.43
N TYR F 131 -10.09 -12.11 0.69
CA TYR F 131 -9.01 -11.47 -0.03
C TYR F 131 -7.90 -11.06 0.91
N ASP F 132 -8.29 -10.44 2.02
CA ASP F 132 -7.29 -9.92 2.91
C ASP F 132 -6.28 -10.87 3.53
N VAL F 133 -6.37 -12.17 3.29
CA VAL F 133 -5.40 -13.09 3.90
C VAL F 133 -4.74 -13.94 2.88
N ILE F 134 -4.96 -13.61 1.61
CA ILE F 134 -4.26 -14.35 0.57
C ILE F 134 -3.36 -13.47 -0.27
N SER F 135 -2.28 -14.07 -0.75
CA SER F 135 -1.35 -13.37 -1.61
C SER F 135 -0.38 -14.43 -2.05
N PRO F 136 0.46 -14.08 -3.00
CA PRO F 136 1.39 -15.08 -3.50
C PRO F 136 2.43 -15.39 -2.42
N TYR F 137 2.49 -14.51 -1.41
CA TYR F 137 3.49 -14.58 -0.33
C TYR F 137 2.82 -14.86 1.04
N THR F 138 1.52 -14.97 1.07
CA THR F 138 0.82 -15.19 2.33
C THR F 138 0.13 -16.59 2.43
N ASP F 139 -0.58 -16.97 1.36
CA ASP F 139 -1.40 -18.20 1.33
C ASP F 139 -1.74 -18.50 -0.15
N ILE F 140 -1.37 -19.68 -0.65
CA ILE F 140 -1.58 -20.05 -2.06
C ILE F 140 -2.53 -21.28 -2.25
N PRO F 141 -3.81 -21.08 -2.58
CA PRO F 141 -4.67 -22.24 -2.72
C PRO F 141 -4.43 -23.02 -3.94
N ALA F 142 -5.40 -23.86 -4.20
CA ALA F 142 -5.30 -24.80 -5.27
C ALA F 142 -6.57 -25.63 -5.21
N PRO F 143 -6.64 -26.56 -6.15
CA PRO F 143 -7.83 -27.39 -6.32
C PRO F 143 -7.96 -28.58 -5.39
N ASP F 144 -9.17 -28.81 -4.91
CA ASP F 144 -9.44 -29.99 -4.11
C ASP F 144 -10.74 -30.66 -4.60
N VAL F 145 -11.55 -31.15 -3.67
CA VAL F 145 -12.76 -31.84 -4.07
C VAL F 145 -13.74 -30.93 -4.70
N TYR F 146 -13.98 -31.18 -5.97
CA TYR F 146 -14.91 -30.41 -6.78
C TYR F 146 -14.45 -29.02 -7.17
N THR F 147 -13.16 -28.89 -7.42
CA THR F 147 -12.61 -27.66 -7.96
C THR F 147 -11.57 -28.15 -8.91
N ASN F 148 -11.31 -27.34 -9.92
CA ASN F 148 -10.39 -27.70 -10.98
C ASN F 148 -9.76 -26.41 -11.48
N PRO F 149 -8.90 -26.55 -12.50
CA PRO F 149 -8.21 -25.39 -13.08
C PRO F 149 -9.16 -24.26 -13.46
N GLN F 150 -10.23 -24.58 -14.18
CA GLN F 150 -11.20 -23.54 -14.49
C GLN F 150 -11.54 -22.70 -13.26
N ILE F 151 -11.80 -23.38 -12.16
CA ILE F 151 -12.15 -22.62 -10.97
C ILE F 151 -10.95 -21.83 -10.44
N MET F 152 -9.77 -22.41 -10.53
CA MET F 152 -8.57 -21.70 -10.14
C MET F 152 -8.39 -20.36 -10.89
N ALA F 153 -8.63 -20.38 -12.20
CA ALA F 153 -8.46 -19.23 -13.09
C ALA F 153 -9.45 -18.13 -12.86
N TRP F 154 -10.68 -18.51 -12.59
CA TRP F 154 -11.63 -17.48 -12.29
C TRP F 154 -11.13 -16.82 -11.00
N MET F 155 -10.59 -17.64 -10.08
CA MET F 155 -10.17 -17.14 -8.77
C MET F 155 -8.90 -16.25 -8.85
N MET F 156 -7.92 -16.65 -9.66
CA MET F 156 -6.75 -15.82 -9.95
C MET F 156 -7.25 -14.51 -10.60
N ASP F 157 -8.12 -14.65 -11.57
CA ASP F 157 -8.58 -13.46 -12.19
C ASP F 157 -9.26 -12.48 -11.25
N GLU F 158 -10.06 -12.95 -10.29
CA GLU F 158 -10.68 -11.97 -9.38
C GLU F 158 -9.68 -11.31 -8.45
N TYR F 159 -8.64 -12.06 -8.09
CA TYR F 159 -7.58 -11.51 -7.27
C TYR F 159 -6.85 -10.34 -7.95
N GLU F 160 -6.35 -10.53 -9.18
CA GLU F 160 -5.66 -9.47 -9.94
C GLU F 160 -6.49 -8.21 -10.03
N THR F 161 -7.78 -8.39 -10.04
CA THR F 161 -8.67 -7.27 -10.15
C THR F 161 -8.67 -6.49 -8.86
N ILE F 162 -8.28 -7.15 -7.77
CA ILE F 162 -8.33 -6.50 -6.46
C ILE F 162 -6.93 -5.99 -6.12
N SER F 163 -5.96 -6.79 -6.48
CA SER F 163 -4.59 -6.52 -6.21
C SER F 163 -4.12 -5.48 -7.14
N ARG F 164 -4.81 -5.39 -8.26
CA ARG F 164 -4.43 -4.47 -9.34
C ARG F 164 -3.08 -4.75 -9.94
N ARG F 165 -2.64 -5.99 -9.89
CA ARG F 165 -1.41 -6.34 -10.58
C ARG F 165 -0.08 -5.84 -9.99
N LYS F 166 -0.15 -5.18 -8.84
CA LYS F 166 1.08 -4.77 -8.17
C LYS F 166 1.95 -5.90 -7.65
N ASP F 167 1.53 -7.16 -7.85
CA ASP F 167 2.33 -8.37 -7.45
C ASP F 167 2.36 -9.48 -8.54
N PRO F 168 2.98 -10.63 -8.27
CA PRO F 168 2.97 -11.73 -9.28
C PRO F 168 1.67 -12.49 -9.04
N SER F 169 0.64 -11.95 -9.68
CA SER F 169 -0.74 -12.40 -9.57
C SER F 169 -0.96 -13.87 -9.90
N PHE F 170 -0.24 -14.39 -10.89
CA PHE F 170 -0.34 -15.79 -11.29
C PHE F 170 0.11 -16.75 -10.21
N GLY F 171 0.81 -16.22 -9.22
CA GLY F 171 1.34 -17.07 -8.17
C GLY F 171 0.53 -17.16 -6.89
N VAL F 172 -0.62 -16.51 -6.84
CA VAL F 172 -1.44 -16.55 -5.63
C VAL F 172 -2.18 -17.87 -5.50
N ILE F 173 -2.12 -18.70 -6.54
CA ILE F 173 -2.87 -19.96 -6.62
C ILE F 173 -2.32 -20.91 -7.68
N THR F 174 -2.40 -22.21 -7.41
CA THR F 174 -1.92 -23.16 -8.36
C THR F 174 -3.05 -24.06 -8.92
N GLY F 175 -2.71 -24.98 -9.82
CA GLY F 175 -3.70 -25.85 -10.46
C GLY F 175 -4.34 -25.08 -11.59
N LYS F 176 -3.61 -24.08 -12.07
CA LYS F 176 -4.07 -23.17 -13.11
C LYS F 176 -3.88 -23.83 -14.44
N PRO F 177 -4.72 -23.42 -15.38
CA PRO F 177 -4.67 -23.82 -16.79
C PRO F 177 -3.48 -23.09 -17.38
N PRO F 178 -2.77 -23.76 -18.26
CA PRO F 178 -1.49 -23.30 -18.82
C PRO F 178 -1.54 -21.94 -19.48
N SER F 179 -2.70 -21.63 -20.03
CA SER F 179 -2.88 -20.34 -20.63
C SER F 179 -2.62 -19.23 -19.62
N VAL F 180 -2.49 -19.59 -18.35
CA VAL F 180 -2.29 -18.56 -17.36
C VAL F 180 -1.37 -18.96 -16.25
N GLY F 181 -0.21 -19.45 -16.64
CA GLY F 181 0.82 -19.75 -15.67
C GLY F 181 0.63 -21.09 -15.06
N GLY F 182 -0.15 -21.93 -15.73
CA GLY F 182 -0.37 -23.26 -15.21
C GLY F 182 0.69 -24.15 -15.85
N ILE F 183 0.78 -25.41 -15.43
CA ILE F 183 1.79 -26.24 -16.04
C ILE F 183 1.38 -27.68 -16.24
N VAL F 184 1.88 -28.22 -17.34
CA VAL F 184 1.76 -29.63 -17.68
C VAL F 184 2.61 -30.36 -16.66
N ALA F 185 2.85 -31.64 -16.87
CA ALA F 185 3.73 -32.35 -15.96
C ALA F 185 2.93 -32.54 -14.71
N ARG F 186 1.92 -31.69 -14.55
CA ARG F 186 1.00 -31.77 -13.44
C ARG F 186 -0.04 -32.83 -13.73
N MET F 187 -0.02 -33.40 -14.91
CA MET F 187 -0.99 -34.41 -15.22
C MET F 187 -0.64 -35.72 -14.52
N ASP F 188 0.61 -36.16 -14.67
CA ASP F 188 1.09 -37.38 -14.06
C ASP F 188 1.72 -37.26 -12.68
N ALA F 189 1.83 -36.04 -12.17
CA ALA F 189 2.52 -35.79 -10.91
C ALA F 189 2.42 -36.84 -9.81
N THR F 190 1.23 -37.01 -9.25
CA THR F 190 1.05 -37.96 -8.16
C THR F 190 1.60 -39.36 -8.40
N ALA F 191 1.27 -39.93 -9.55
CA ALA F 191 1.70 -41.26 -9.89
C ALA F 191 3.20 -41.29 -10.18
N ARG F 192 3.64 -40.28 -10.92
CA ARG F 192 5.03 -40.15 -11.31
C ARG F 192 5.87 -40.00 -10.04
N GLY F 193 5.49 -39.04 -9.20
CA GLY F 193 6.11 -38.85 -7.90
C GLY F 193 6.17 -40.20 -7.21
N ALA F 194 5.00 -40.83 -7.08
CA ALA F 194 4.92 -42.19 -6.51
C ALA F 194 5.84 -43.23 -7.17
N SER F 195 6.09 -43.08 -8.47
CA SER F 195 7.00 -43.99 -9.15
C SER F 195 8.42 -43.92 -8.56
N TYR F 196 8.81 -42.73 -8.09
CA TYR F 196 10.14 -42.50 -7.53
C TYR F 196 10.35 -43.12 -6.10
N THR F 197 9.39 -42.97 -5.20
CA THR F 197 9.50 -43.65 -3.89
C THR F 197 9.68 -45.15 -4.09
N VAL F 198 8.77 -45.75 -4.83
CA VAL F 198 8.87 -47.16 -5.14
C VAL F 198 10.27 -47.53 -5.62
N ARG F 199 10.75 -46.89 -6.66
CA ARG F 199 12.08 -47.20 -7.16
C ARG F 199 13.09 -47.26 -5.99
N GLU F 200 12.93 -46.30 -5.08
CA GLU F 200 13.81 -46.16 -3.94
C GLU F 200 13.54 -47.25 -2.97
N ALA F 201 12.26 -47.40 -2.64
CA ALA F 201 11.81 -48.48 -1.79
C ALA F 201 12.45 -49.79 -2.25
N ALA F 202 12.45 -50.05 -3.56
CA ALA F 202 13.05 -51.26 -4.13
C ALA F 202 14.46 -51.40 -3.62
N LYS F 203 15.22 -50.33 -3.86
CA LYS F 203 16.60 -50.23 -3.43
C LYS F 203 16.68 -50.70 -1.99
N ALA F 204 15.98 -50.01 -1.11
CA ALA F 204 15.99 -50.38 0.31
C ALA F 204 15.99 -51.90 0.50
N LEU F 205 15.11 -52.58 -0.22
CA LEU F 205 14.94 -54.03 -0.10
C LEU F 205 15.87 -54.76 -1.02
N GLY F 206 16.82 -54.03 -1.54
CA GLY F 206 17.77 -54.68 -2.41
C GLY F 206 16.96 -55.55 -3.32
N MET F 207 16.10 -54.91 -4.11
CA MET F 207 15.35 -55.62 -5.13
C MET F 207 15.22 -54.85 -6.44
N ASP F 208 15.28 -55.56 -7.54
CA ASP F 208 15.18 -54.95 -8.86
C ASP F 208 13.75 -55.05 -9.36
N LEU F 209 13.22 -53.93 -9.81
CA LEU F 209 11.87 -53.93 -10.32
C LEU F 209 11.62 -54.69 -11.64
N LYS F 210 12.44 -54.43 -12.65
CA LYS F 210 12.20 -55.16 -13.88
C LYS F 210 11.78 -56.58 -13.60
N GLY F 211 10.70 -56.95 -14.26
CA GLY F 211 10.16 -58.29 -14.12
C GLY F 211 9.20 -58.41 -12.94
N LYS F 212 9.42 -57.60 -11.90
CA LYS F 212 8.58 -57.68 -10.72
C LYS F 212 7.08 -57.51 -11.05
N THR F 213 6.20 -57.66 -10.08
CA THR F 213 4.77 -57.49 -10.34
C THR F 213 4.18 -56.39 -9.51
N ILE F 214 3.13 -55.80 -10.07
CA ILE F 214 2.38 -54.76 -9.37
C ILE F 214 0.88 -55.06 -9.55
N ALA F 215 0.08 -54.64 -8.58
CA ALA F 215 -1.38 -54.70 -8.64
C ALA F 215 -1.89 -53.34 -8.14
N ILE F 216 -2.67 -52.68 -8.97
CA ILE F 216 -3.16 -51.37 -8.64
C ILE F 216 -4.66 -51.38 -8.41
N GLN F 217 -5.07 -50.91 -7.23
CA GLN F 217 -6.49 -50.79 -6.96
C GLN F 217 -6.92 -49.42 -7.42
N GLY F 218 -7.87 -49.37 -8.34
CA GLY F 218 -8.35 -48.10 -8.86
C GLY F 218 -7.69 -47.81 -10.18
N TYR F 219 -8.47 -47.37 -11.16
CA TYR F 219 -7.95 -47.06 -12.47
C TYR F 219 -8.33 -45.68 -12.97
N GLY F 220 -8.05 -44.68 -12.16
CA GLY F 220 -8.27 -43.30 -12.57
C GLY F 220 -6.95 -42.71 -13.09
N ASN F 221 -6.75 -41.43 -12.82
CA ASN F 221 -5.54 -40.73 -13.23
C ASN F 221 -4.26 -41.31 -12.64
N ALA F 222 -4.24 -41.38 -11.31
CA ALA F 222 -3.16 -41.98 -10.54
C ALA F 222 -3.02 -43.42 -10.96
N GLY F 223 -4.11 -44.15 -10.85
CA GLY F 223 -4.10 -45.57 -11.17
C GLY F 223 -3.70 -45.75 -12.62
N TYR F 224 -4.25 -44.92 -13.48
CA TYR F 224 -3.93 -45.12 -14.87
C TYR F 224 -2.47 -44.88 -15.18
N TYR F 225 -1.94 -43.80 -14.61
CA TYR F 225 -0.56 -43.34 -14.79
C TYR F 225 0.50 -44.17 -14.08
N MET F 226 0.25 -44.47 -12.81
CA MET F 226 1.07 -45.38 -12.02
C MET F 226 1.30 -46.69 -12.81
N ALA F 227 0.23 -47.13 -13.47
CA ALA F 227 0.25 -48.33 -14.29
C ALA F 227 1.15 -48.18 -15.51
N LYS F 228 0.88 -47.16 -16.32
CA LYS F 228 1.65 -46.88 -17.52
C LYS F 228 3.14 -46.73 -17.23
N ILE F 229 3.42 -45.98 -16.16
CA ILE F 229 4.78 -45.70 -15.80
C ILE F 229 5.54 -46.91 -15.27
N MET F 230 4.95 -47.59 -14.31
CA MET F 230 5.69 -48.69 -13.70
C MET F 230 6.08 -49.70 -14.74
N SER F 231 5.15 -49.97 -15.63
CA SER F 231 5.40 -50.92 -16.71
C SER F 231 6.30 -50.31 -17.78
N GLU F 232 5.98 -49.11 -18.24
CA GLU F 232 6.77 -48.51 -19.31
C GLU F 232 8.22 -48.18 -18.91
N GLU F 233 8.37 -47.38 -17.85
CA GLU F 233 9.68 -46.94 -17.43
C GLU F 233 10.42 -47.92 -16.57
N TYR F 234 9.70 -48.53 -15.65
CA TYR F 234 10.35 -49.48 -14.77
C TYR F 234 10.39 -50.93 -15.25
N GLY F 235 9.61 -51.25 -16.27
CA GLY F 235 9.62 -52.61 -16.78
C GLY F 235 8.99 -53.61 -15.80
N MET F 236 8.03 -53.14 -15.01
CA MET F 236 7.31 -53.99 -14.08
C MET F 236 6.17 -54.67 -14.87
N LYS F 237 5.53 -55.66 -14.27
CA LYS F 237 4.40 -56.33 -14.92
C LYS F 237 3.09 -55.93 -14.24
N VAL F 238 2.18 -55.35 -15.01
CA VAL F 238 0.90 -54.96 -14.45
C VAL F 238 -0.06 -56.10 -14.64
N VAL F 239 -0.24 -56.88 -13.59
CA VAL F 239 -1.07 -58.05 -13.66
C VAL F 239 -2.49 -57.82 -13.23
N ALA F 240 -2.69 -56.81 -12.41
CA ALA F 240 -4.02 -56.49 -11.95
C ALA F 240 -4.30 -55.01 -11.86
N VAL F 241 -5.52 -54.63 -12.25
CA VAL F 241 -5.99 -53.28 -12.16
C VAL F 241 -7.45 -53.42 -11.78
N SER F 242 -8.05 -52.38 -11.23
CA SER F 242 -9.42 -52.51 -10.78
C SER F 242 -10.16 -51.17 -10.71
N ASP F 243 -11.50 -51.21 -10.78
CA ASP F 243 -12.31 -49.99 -10.57
C ASP F 243 -13.47 -50.19 -9.62
N THR F 244 -14.34 -49.20 -9.62
CA THR F 244 -15.54 -49.16 -8.80
C THR F 244 -16.43 -50.38 -8.95
N LYS F 245 -16.24 -51.08 -10.08
CA LYS F 245 -17.08 -52.20 -10.47
C LYS F 245 -16.42 -53.57 -10.55
N GLY F 246 -15.13 -53.64 -10.29
CA GLY F 246 -14.48 -54.93 -10.29
C GLY F 246 -13.09 -54.83 -10.86
N GLY F 247 -12.31 -55.88 -10.65
CA GLY F 247 -10.95 -55.94 -11.12
C GLY F 247 -10.87 -56.96 -12.23
N ILE F 248 -9.73 -56.99 -12.91
CA ILE F 248 -9.46 -57.96 -13.96
C ILE F 248 -8.01 -58.38 -13.74
N TYR F 249 -7.77 -59.68 -13.72
CA TYR F 249 -6.42 -60.15 -13.47
C TYR F 249 -5.73 -60.78 -14.66
N ASN F 250 -4.42 -60.61 -14.76
CA ASN F 250 -3.64 -61.24 -15.81
C ASN F 250 -2.17 -61.41 -15.54
N PRO F 251 -1.82 -62.66 -15.27
CA PRO F 251 -0.47 -63.07 -14.97
C PRO F 251 0.56 -62.56 -15.96
N ASP F 252 0.16 -62.42 -17.21
CA ASP F 252 1.10 -61.98 -18.24
C ASP F 252 1.31 -60.44 -18.31
N GLY F 253 0.51 -59.69 -17.56
CA GLY F 253 0.63 -58.23 -17.50
C GLY F 253 -0.27 -57.47 -18.49
N LEU F 254 -1.01 -56.50 -17.99
CA LEU F 254 -1.93 -55.74 -18.86
C LEU F 254 -1.22 -54.56 -19.52
N ASN F 255 -1.95 -53.87 -20.39
CA ASN F 255 -1.42 -52.70 -21.08
C ASN F 255 -2.38 -51.60 -20.70
N ALA F 256 -1.82 -50.59 -20.01
CA ALA F 256 -2.63 -49.54 -19.43
C ALA F 256 -3.43 -48.77 -20.45
N ASP F 257 -2.83 -48.50 -21.60
CA ASP F 257 -3.50 -47.73 -22.63
C ASP F 257 -4.69 -48.53 -23.16
N GLU F 258 -4.46 -49.82 -23.36
CA GLU F 258 -5.50 -50.73 -23.83
C GLU F 258 -6.63 -50.84 -22.84
N VAL F 259 -6.27 -51.18 -21.61
CA VAL F 259 -7.27 -51.28 -20.55
C VAL F 259 -8.04 -49.96 -20.46
N LEU F 260 -7.30 -48.85 -20.52
CA LEU F 260 -7.87 -47.51 -20.45
C LEU F 260 -8.92 -47.29 -21.53
N ALA F 261 -8.58 -47.68 -22.75
CA ALA F 261 -9.52 -47.56 -23.86
C ALA F 261 -10.80 -48.35 -23.58
N TRP F 262 -10.64 -49.63 -23.25
CA TRP F 262 -11.76 -50.48 -22.91
C TRP F 262 -12.69 -49.81 -21.87
N LYS F 263 -12.10 -49.34 -20.78
CA LYS F 263 -12.86 -48.73 -19.70
C LYS F 263 -13.57 -47.48 -20.17
N LYS F 264 -12.90 -46.75 -21.03
CA LYS F 264 -13.44 -45.52 -21.56
C LYS F 264 -14.62 -45.73 -22.54
N LYS F 265 -14.60 -46.86 -23.24
CA LYS F 265 -15.63 -47.24 -24.21
C LYS F 265 -16.68 -48.13 -23.59
N THR F 266 -16.24 -48.93 -22.62
CA THR F 266 -17.10 -49.87 -21.93
C THR F 266 -17.59 -49.31 -20.61
N GLY F 267 -16.80 -48.35 -20.08
CA GLY F 267 -17.08 -47.67 -18.81
C GLY F 267 -16.35 -48.33 -17.63
N SER F 268 -15.83 -49.53 -17.86
CA SER F 268 -15.16 -50.28 -16.80
C SER F 268 -13.99 -51.01 -17.39
N VAL F 269 -13.08 -51.42 -16.51
CA VAL F 269 -11.94 -52.24 -16.89
C VAL F 269 -12.40 -53.72 -16.94
N LYS F 270 -13.49 -54.00 -16.21
CA LYS F 270 -14.15 -55.30 -16.12
C LYS F 270 -14.45 -55.90 -17.52
N ASP F 271 -14.46 -57.22 -17.64
CA ASP F 271 -14.75 -57.88 -18.91
C ASP F 271 -13.75 -57.56 -20.01
N PHE F 272 -12.56 -57.13 -19.58
CA PHE F 272 -11.54 -56.80 -20.55
C PHE F 272 -11.04 -58.11 -21.14
N PRO F 273 -11.18 -58.22 -22.45
CA PRO F 273 -10.81 -59.42 -23.15
C PRO F 273 -9.39 -59.86 -22.88
N GLY F 274 -9.21 -61.16 -22.78
CA GLY F 274 -7.89 -61.67 -22.57
C GLY F 274 -7.65 -61.71 -21.08
N ALA F 275 -8.49 -61.00 -20.33
CA ALA F 275 -8.31 -60.99 -18.88
C ALA F 275 -9.42 -61.63 -18.03
N THR F 276 -9.00 -62.13 -16.87
CA THR F 276 -9.89 -62.74 -15.88
C THR F 276 -10.44 -61.66 -14.98
N ASN F 277 -11.74 -61.75 -14.72
CA ASN F 277 -12.41 -60.83 -13.81
C ASN F 277 -12.12 -61.29 -12.39
N ILE F 278 -11.96 -60.34 -11.48
CA ILE F 278 -11.65 -60.62 -10.07
C ILE F 278 -12.27 -59.53 -9.26
N THR F 279 -12.29 -59.70 -7.94
CA THR F 279 -12.85 -58.64 -7.08
C THR F 279 -11.75 -57.69 -6.64
N ASN F 280 -12.18 -56.68 -5.90
CA ASN F 280 -11.25 -55.72 -5.38
C ASN F 280 -10.47 -56.33 -4.20
N GLU F 281 -11.20 -56.92 -3.24
CA GLU F 281 -10.58 -57.61 -2.10
C GLU F 281 -9.61 -58.67 -2.60
N GLU F 282 -10.01 -59.30 -3.69
CA GLU F 282 -9.20 -60.26 -4.39
C GLU F 282 -7.89 -59.56 -4.69
N LEU F 283 -8.01 -58.39 -5.32
CA LEU F 283 -6.85 -57.64 -5.70
C LEU F 283 -5.93 -57.38 -4.51
N LEU F 284 -6.45 -56.81 -3.45
CA LEU F 284 -5.58 -56.54 -2.30
C LEU F 284 -4.77 -57.74 -1.82
N GLU F 285 -5.37 -58.91 -1.99
CA GLU F 285 -4.77 -60.14 -1.50
C GLU F 285 -3.92 -60.89 -2.49
N LEU F 286 -3.69 -60.31 -3.64
CA LEU F 286 -2.82 -60.99 -4.61
C LEU F 286 -1.40 -61.18 -4.11
N GLU F 287 -0.67 -62.05 -4.80
CA GLU F 287 0.74 -62.33 -4.55
C GLU F 287 1.57 -61.58 -5.58
N VAL F 288 1.76 -60.29 -5.31
CA VAL F 288 2.50 -59.36 -6.18
C VAL F 288 3.63 -58.70 -5.40
N ASP F 289 4.59 -58.16 -6.13
CA ASP F 289 5.69 -57.49 -5.50
C ASP F 289 5.25 -56.21 -4.78
N VAL F 290 4.69 -55.28 -5.55
CA VAL F 290 4.23 -53.99 -5.03
C VAL F 290 2.69 -53.92 -5.06
N LEU F 291 2.06 -53.32 -4.06
CA LEU F 291 0.60 -53.14 -4.11
C LEU F 291 0.25 -51.64 -3.96
N ALA F 292 -0.36 -51.09 -5.00
CA ALA F 292 -0.70 -49.67 -5.01
C ALA F 292 -2.18 -49.32 -4.89
N PRO F 293 -2.62 -49.16 -3.65
CA PRO F 293 -4.00 -48.78 -3.38
C PRO F 293 -4.20 -47.31 -3.73
N SER F 294 -4.77 -47.04 -4.89
CA SER F 294 -4.95 -45.66 -5.34
C SER F 294 -6.36 -45.19 -5.62
N ALA F 295 -7.28 -45.49 -4.71
CA ALA F 295 -8.68 -45.15 -4.90
C ALA F 295 -9.35 -44.56 -3.67
N ILE F 296 -9.62 -45.47 -2.75
CA ILE F 296 -10.27 -45.11 -1.50
C ILE F 296 -9.44 -45.56 -0.30
N GLU F 297 -9.93 -45.12 0.85
CA GLU F 297 -9.41 -45.40 2.18
C GLU F 297 -9.87 -46.70 2.85
N GLU F 298 -9.30 -46.97 4.02
CA GLU F 298 -9.66 -48.16 4.78
C GLU F 298 -10.04 -49.31 3.89
N VAL F 299 -9.10 -49.78 3.09
CA VAL F 299 -9.36 -50.91 2.24
C VAL F 299 -8.46 -52.02 2.80
N ILE F 300 -7.59 -51.62 3.71
CA ILE F 300 -6.66 -52.54 4.36
C ILE F 300 -6.85 -52.36 5.86
N THR F 301 -7.40 -53.40 6.50
CA THR F 301 -7.79 -53.38 7.91
C THR F 301 -7.36 -54.61 8.70
N LYS F 302 -7.77 -54.68 9.98
CA LYS F 302 -7.36 -55.84 10.80
C LYS F 302 -7.89 -57.09 10.16
N LYS F 303 -9.12 -56.99 9.71
CA LYS F 303 -9.67 -58.09 8.98
C LYS F 303 -8.65 -58.62 7.95
N ASN F 304 -8.42 -57.88 6.87
CA ASN F 304 -7.51 -58.29 5.78
C ASN F 304 -6.00 -58.11 5.93
N ALA F 305 -5.61 -57.16 6.77
CA ALA F 305 -4.19 -56.89 6.95
C ALA F 305 -3.39 -58.19 6.78
N ASP F 306 -3.84 -59.21 7.49
CA ASP F 306 -3.22 -60.51 7.47
C ASP F 306 -3.02 -61.19 6.13
N ASN F 307 -3.75 -60.76 5.12
CA ASN F 307 -3.68 -61.42 3.83
C ASN F 307 -2.80 -60.70 2.83
N ILE F 308 -2.61 -59.40 3.06
CA ILE F 308 -1.76 -58.63 2.15
C ILE F 308 -0.43 -59.34 1.94
N LYS F 309 -0.13 -59.70 0.69
CA LYS F 309 1.13 -60.40 0.41
C LYS F 309 2.16 -59.61 -0.41
N ALA F 310 2.07 -58.28 -0.36
CA ALA F 310 2.98 -57.38 -1.07
C ALA F 310 4.24 -57.11 -0.26
N LYS F 311 5.35 -56.86 -0.95
CA LYS F 311 6.60 -56.52 -0.27
C LYS F 311 6.49 -55.02 0.08
N ILE F 312 6.03 -54.26 -0.91
CA ILE F 312 5.87 -52.82 -0.85
C ILE F 312 4.39 -52.50 -1.03
N VAL F 313 3.87 -51.68 -0.16
CA VAL F 313 2.50 -51.24 -0.29
C VAL F 313 2.53 -49.76 -0.60
N ALA F 314 2.31 -49.38 -1.86
CA ALA F 314 2.36 -47.95 -2.25
C ALA F 314 1.07 -47.17 -2.11
N GLU F 315 0.97 -46.34 -1.05
CA GLU F 315 -0.26 -45.55 -0.78
C GLU F 315 -0.41 -44.27 -1.64
N LEU F 316 -1.08 -44.42 -2.78
CA LEU F 316 -1.36 -43.30 -3.67
C LEU F 316 -2.65 -42.55 -3.25
N ALA F 317 -3.54 -43.25 -2.57
CA ALA F 317 -4.77 -42.61 -2.13
C ALA F 317 -4.57 -42.23 -0.69
N ASN F 318 -5.49 -41.47 -0.16
CA ASN F 318 -5.35 -41.09 1.20
C ASN F 318 -6.08 -42.10 2.09
N GLY F 319 -5.36 -42.61 3.08
CA GLY F 319 -5.89 -43.48 4.12
C GLY F 319 -6.32 -44.90 3.85
N PRO F 320 -5.78 -45.51 2.82
CA PRO F 320 -6.18 -46.86 2.53
C PRO F 320 -5.94 -47.79 3.71
N THR F 321 -4.87 -47.54 4.47
CA THR F 321 -4.45 -48.41 5.59
C THR F 321 -4.86 -47.96 7.00
N THR F 322 -5.00 -48.91 7.92
CA THR F 322 -5.40 -48.55 9.27
C THR F 322 -4.35 -48.90 10.29
N PRO F 323 -4.33 -48.08 11.33
CA PRO F 323 -3.44 -48.20 12.49
C PRO F 323 -3.18 -49.67 12.76
N GLU F 324 -4.27 -50.38 13.02
CA GLU F 324 -4.25 -51.82 13.26
C GLU F 324 -3.50 -52.52 12.14
N ALA F 325 -3.99 -52.27 10.94
CA ALA F 325 -3.40 -52.83 9.75
C ALA F 325 -1.92 -52.39 9.71
N ASP F 326 -1.65 -51.21 10.29
CA ASP F 326 -0.31 -50.63 10.37
C ASP F 326 0.67 -51.56 11.12
N GLU F 327 0.34 -51.88 12.36
CA GLU F 327 1.17 -52.75 13.17
C GLU F 327 1.45 -54.12 12.58
N ILE F 328 0.40 -54.81 12.19
CA ILE F 328 0.56 -56.13 11.56
C ILE F 328 1.53 -56.16 10.35
N LEU F 329 1.34 -55.23 9.40
CA LEU F 329 2.15 -55.19 8.19
C LEU F 329 3.60 -54.87 8.54
N TYR F 330 3.76 -54.15 9.64
CA TYR F 330 5.10 -53.82 10.12
C TYR F 330 5.73 -55.10 10.63
N GLU F 331 5.13 -55.66 11.68
CA GLU F 331 5.58 -56.93 12.23
C GLU F 331 5.75 -57.90 11.11
N LYS F 332 4.76 -57.92 10.23
CA LYS F 332 4.78 -58.85 9.14
C LYS F 332 6.00 -58.60 8.28
N GLY F 333 6.56 -57.40 8.39
CA GLY F 333 7.77 -57.06 7.63
C GLY F 333 7.50 -56.34 6.31
N ILE F 334 6.31 -55.78 6.13
CA ILE F 334 6.06 -55.07 4.88
C ILE F 334 6.36 -53.57 4.90
N LEU F 335 7.12 -53.15 3.89
CA LEU F 335 7.49 -51.75 3.68
C LEU F 335 6.29 -50.99 3.10
N ILE F 336 5.87 -49.95 3.82
CA ILE F 336 4.74 -49.10 3.48
C ILE F 336 5.19 -47.66 3.24
N ILE F 337 4.79 -47.08 2.10
CA ILE F 337 5.11 -45.70 1.83
C ILE F 337 3.92 -44.82 2.19
N PRO F 338 3.85 -44.36 3.45
CA PRO F 338 2.73 -43.55 3.88
C PRO F 338 2.32 -42.68 2.71
N ASP F 339 1.05 -42.37 2.71
CA ASP F 339 0.43 -41.65 1.63
C ASP F 339 1.08 -40.29 1.48
N PHE F 340 1.01 -39.50 2.55
CA PHE F 340 1.49 -38.14 2.58
C PHE F 340 2.93 -37.97 2.20
N LEU F 341 3.59 -39.09 2.04
CA LEU F 341 4.91 -39.00 1.47
C LEU F 341 4.72 -39.59 0.07
N CYS F 342 3.97 -40.70 -0.05
CA CYS F 342 3.79 -41.37 -1.35
C CYS F 342 3.10 -40.54 -2.43
N ASN F 343 2.06 -39.84 -2.05
CA ASN F 343 1.32 -39.06 -3.01
C ASN F 343 1.61 -37.56 -2.90
N ALA F 344 2.85 -37.21 -2.61
CA ALA F 344 3.18 -35.79 -2.46
C ALA F 344 3.77 -35.09 -3.67
N GLY F 345 3.89 -35.81 -4.79
CA GLY F 345 4.39 -35.24 -6.03
C GLY F 345 3.38 -34.19 -6.47
N GLY F 346 2.15 -34.35 -6.03
CA GLY F 346 1.13 -33.39 -6.40
C GLY F 346 1.57 -32.05 -5.87
N VAL F 347 1.64 -31.96 -4.56
CA VAL F 347 2.02 -30.72 -3.93
C VAL F 347 3.39 -30.18 -4.35
N THR F 348 4.29 -31.07 -4.62
CA THR F 348 5.62 -30.69 -5.03
C THR F 348 5.63 -29.93 -6.35
N VAL F 349 4.88 -30.45 -7.31
CA VAL F 349 4.83 -29.85 -8.62
C VAL F 349 4.17 -28.49 -8.50
N SER F 350 3.18 -28.44 -7.62
CA SER F 350 2.46 -27.21 -7.37
C SER F 350 3.44 -26.14 -6.91
N TYR F 351 4.43 -26.58 -6.17
CA TYR F 351 5.38 -25.66 -5.65
C TYR F 351 6.23 -25.27 -6.85
N PHE F 352 6.53 -26.25 -7.71
CA PHE F 352 7.30 -25.96 -8.92
C PHE F 352 6.56 -24.92 -9.79
N GLU F 353 5.24 -24.93 -9.75
CA GLU F 353 4.48 -24.01 -10.58
C GLU F 353 4.58 -22.59 -10.06
N TRP F 354 4.43 -22.45 -8.74
CA TRP F 354 4.53 -21.19 -8.02
C TRP F 354 5.88 -20.48 -8.26
N VAL F 355 6.98 -21.18 -8.04
CA VAL F 355 8.32 -20.70 -8.39
C VAL F 355 8.40 -20.09 -9.83
N GLN F 356 7.88 -20.82 -10.81
CA GLN F 356 7.82 -20.36 -12.18
C GLN F 356 6.95 -19.14 -12.35
N ASN F 357 5.92 -19.05 -11.55
CA ASN F 357 5.03 -17.89 -11.65
C ASN F 357 5.71 -16.68 -11.05
N ILE F 358 6.40 -16.86 -9.92
CA ILE F 358 7.05 -15.73 -9.25
C ILE F 358 8.36 -15.30 -9.86
N THR F 359 9.05 -16.24 -10.50
CA THR F 359 10.28 -15.94 -11.20
C THR F 359 10.04 -15.44 -12.64
N GLY F 360 8.88 -15.77 -13.22
CA GLY F 360 8.50 -15.36 -14.58
C GLY F 360 9.19 -16.26 -15.60
N ASP F 361 9.94 -17.24 -15.08
CA ASP F 361 10.71 -18.16 -15.93
C ASP F 361 10.12 -19.56 -15.95
N TYR F 362 9.85 -20.03 -17.17
CA TYR F 362 9.21 -21.32 -17.40
C TYR F 362 10.11 -22.44 -17.83
N TRP F 363 9.93 -23.59 -17.16
CA TRP F 363 10.78 -24.74 -17.38
C TRP F 363 10.19 -25.81 -18.30
N THR F 364 11.08 -26.65 -18.80
CA THR F 364 10.66 -27.72 -19.65
C THR F 364 10.16 -28.82 -18.74
N VAL F 365 9.49 -29.76 -19.35
CA VAL F 365 8.97 -30.83 -18.57
C VAL F 365 10.16 -31.57 -17.97
N GLU F 366 11.15 -31.86 -18.81
CA GLU F 366 12.30 -32.63 -18.34
C GLU F 366 12.88 -31.99 -17.10
N GLU F 367 13.20 -30.73 -17.21
CA GLU F 367 13.69 -29.98 -16.07
C GLU F 367 12.77 -30.24 -14.89
N THR F 368 11.48 -30.14 -15.15
CA THR F 368 10.53 -30.27 -14.07
C THR F 368 10.45 -31.66 -13.48
N ARG F 369 10.70 -32.68 -14.30
CA ARG F 369 10.65 -34.03 -13.78
C ARG F 369 11.89 -34.31 -13.00
N ALA F 370 13.01 -33.76 -13.46
CA ALA F 370 14.29 -33.98 -12.77
C ALA F 370 14.16 -33.42 -11.38
N LYS F 371 13.64 -32.22 -11.30
CA LYS F 371 13.52 -31.56 -10.02
C LYS F 371 12.55 -32.29 -9.10
N LEU F 372 11.55 -32.95 -9.67
CA LEU F 372 10.59 -33.71 -8.85
C LEU F 372 11.24 -34.97 -8.25
N ASP F 373 12.04 -35.65 -9.05
CA ASP F 373 12.73 -36.85 -8.62
C ASP F 373 13.57 -36.57 -7.40
N LYS F 374 14.49 -35.64 -7.55
CA LYS F 374 15.36 -35.24 -6.45
C LYS F 374 14.56 -35.11 -5.17
N LYS F 375 13.51 -34.29 -5.24
CA LYS F 375 12.70 -33.96 -4.09
C LYS F 375 12.06 -35.13 -3.41
N MET F 376 11.59 -36.06 -4.21
CA MET F 376 10.94 -37.23 -3.68
C MET F 376 12.04 -38.13 -3.15
N THR F 377 13.07 -38.31 -3.97
CA THR F 377 14.21 -39.16 -3.61
C THR F 377 14.75 -38.87 -2.20
N LYS F 378 14.82 -37.61 -1.84
CA LYS F 378 15.32 -37.24 -0.55
C LYS F 378 14.29 -37.48 0.55
N ALA F 379 13.06 -37.07 0.29
CA ALA F 379 12.03 -37.18 1.31
C ALA F 379 11.86 -38.61 1.83
N PHE F 380 12.05 -39.55 0.93
CA PHE F 380 11.95 -40.96 1.23
C PHE F 380 13.03 -41.42 2.19
N TRP F 381 14.26 -41.31 1.75
CA TRP F 381 15.39 -41.71 2.52
C TRP F 381 15.34 -41.05 3.86
N ASP F 382 14.98 -39.77 3.85
CA ASP F 382 14.84 -39.03 5.08
C ASP F 382 13.91 -39.74 6.06
N VAL F 383 12.85 -40.35 5.53
CA VAL F 383 11.86 -41.01 6.36
C VAL F 383 12.32 -42.42 6.73
N TYR F 384 12.84 -43.11 5.74
CA TYR F 384 13.29 -44.47 5.92
C TYR F 384 14.33 -44.53 7.00
N ASN F 385 15.38 -43.74 6.81
CA ASN F 385 16.48 -43.75 7.74
C ASN F 385 16.00 -43.44 9.14
N THR F 386 14.99 -42.59 9.26
CA THR F 386 14.48 -42.26 10.59
C THR F 386 13.74 -43.46 11.16
N HIS F 387 12.94 -44.11 10.32
CA HIS F 387 12.21 -45.27 10.79
C HIS F 387 13.16 -46.35 11.29
N LYS F 388 14.23 -46.59 10.56
CA LYS F 388 15.21 -47.57 10.98
C LYS F 388 15.70 -47.10 12.37
N GLU F 389 16.69 -46.21 12.37
CA GLU F 389 17.23 -45.65 13.62
C GLU F 389 16.32 -45.58 14.85
N LYS F 390 15.08 -45.18 14.69
CA LYS F 390 14.18 -45.08 15.83
C LYS F 390 13.28 -46.30 16.02
N ASN F 391 13.36 -47.22 15.07
CA ASN F 391 12.54 -48.42 15.11
C ASN F 391 11.07 -48.04 15.17
N ILE F 392 10.57 -47.53 14.04
CA ILE F 392 9.18 -47.17 13.92
C ILE F 392 8.79 -47.26 12.46
N ASN F 393 7.52 -47.55 12.19
CA ASN F 393 7.09 -47.69 10.80
C ASN F 393 7.28 -46.40 10.07
N MET F 394 7.23 -46.50 8.77
CA MET F 394 7.39 -45.31 7.97
C MET F 394 6.37 -44.20 8.25
N ARG F 395 5.15 -44.56 8.55
CA ARG F 395 4.17 -43.54 8.85
C ARG F 395 4.57 -42.78 10.14
N ASP F 396 5.03 -43.49 11.18
CA ASP F 396 5.46 -42.83 12.44
C ASP F 396 6.76 -42.00 12.20
N ALA F 397 7.71 -42.62 11.50
CA ALA F 397 8.93 -41.98 11.07
C ALA F 397 8.53 -40.68 10.39
N ALA F 398 7.70 -40.79 9.36
CA ALA F 398 7.24 -39.62 8.63
C ALA F 398 6.74 -38.43 9.45
N TYR F 399 5.98 -38.68 10.51
CA TYR F 399 5.45 -37.59 11.31
C TYR F 399 6.53 -37.02 12.21
N VAL F 400 7.59 -37.78 12.38
CA VAL F 400 8.64 -37.35 13.28
C VAL F 400 9.49 -36.39 12.43
N VAL F 401 9.75 -36.77 11.18
CA VAL F 401 10.50 -35.91 10.25
C VAL F 401 9.73 -34.62 10.13
N ALA F 402 8.47 -34.73 9.74
CA ALA F 402 7.64 -33.55 9.61
C ALA F 402 7.72 -32.70 10.85
N VAL F 403 7.09 -33.14 11.91
CA VAL F 403 6.98 -32.34 13.11
C VAL F 403 8.18 -31.59 13.65
N SER F 404 9.33 -32.21 13.61
CA SER F 404 10.55 -31.59 14.13
C SER F 404 10.89 -30.34 13.36
N ARG F 405 10.76 -30.43 12.03
CA ARG F 405 10.99 -29.31 11.13
C ARG F 405 10.13 -28.13 11.50
N VAL F 406 8.89 -28.38 11.89
CA VAL F 406 8.06 -27.25 12.28
C VAL F 406 8.45 -26.80 13.63
N TYR F 407 8.88 -27.73 14.47
CA TYR F 407 9.26 -27.39 15.83
C TYR F 407 10.49 -26.45 15.76
N GLN F 408 11.53 -26.87 15.08
CA GLN F 408 12.71 -26.05 14.93
C GLN F 408 12.38 -24.62 14.52
N ALA F 409 11.81 -24.46 13.33
CA ALA F 409 11.45 -23.13 12.81
C ALA F 409 10.72 -22.27 13.84
N MET F 410 9.81 -22.88 14.58
CA MET F 410 9.00 -22.16 15.54
C MET F 410 9.86 -21.61 16.63
N LYS F 411 10.93 -22.36 16.89
CA LYS F 411 11.93 -22.05 17.92
C LYS F 411 12.78 -20.90 17.39
N ASP F 412 13.56 -21.14 16.34
CA ASP F 412 14.30 -20.08 15.66
C ASP F 412 13.59 -18.72 15.53
N ARG F 413 12.28 -18.71 15.28
CA ARG F 413 11.55 -17.45 15.20
C ARG F 413 11.30 -16.92 16.56
N GLY F 414 11.29 -17.83 17.53
CA GLY F 414 11.01 -17.49 18.93
C GLY F 414 9.53 -17.42 19.26
N TRP F 415 8.76 -18.26 18.57
CA TRP F 415 7.30 -18.37 18.79
C TRP F 415 7.06 -19.03 20.13
N ILE F 416 7.93 -20.01 20.41
CA ILE F 416 7.95 -20.70 21.69
C ILE F 416 9.40 -20.68 22.04
N LYS F 417 9.68 -20.67 23.33
CA LYS F 417 11.05 -20.54 23.79
C LYS F 417 11.79 -21.85 23.87
N LYS F 418 11.04 -22.94 23.87
CA LYS F 418 11.64 -24.25 24.05
C LYS F 418 10.72 -25.27 23.47
#